data_8VOI
#
_entry.id   8VOI
#
loop_
_entity.id
_entity.type
_entity.pdbx_description
1 polymer 'Integrin alpha-M'
2 polymer Pleiotrophin
3 non-polymer 'MAGNESIUM ION'
#
loop_
_entity_poly.entity_id
_entity_poly.type
_entity_poly.pdbx_seq_one_letter_code
_entity_poly.pdbx_strand_id
1 'polypeptide(L)'
;DSDIAFLIDGSGSIIPHDFRRMKEFVSTVMEQLKKSKTLFSLMQYSEEFRIHFTFKEFQNNPNPRSLVKPITQLLGRTHT
ATGIRKVVRELFNITNGARKNAFKILVVITDGEKFGDPLGYEDVIPEADREGVIRYVIGVGDAFRSEKSRQELNTIASKP
PRDHVFQVNNFEALKTIQNQLREK
;
A
2 'polypeptide(L)' NWKKQFGAECKYQFQAWGECDLNTALKTRTGSLKRALHNAECQKTVTISKPCGKLTK B
#
loop_
_chem_comp.id
_chem_comp.type
_chem_comp.name
_chem_comp.formula
MG non-polymer 'MAGNESIUM ION' 'Mg 2'
#
# COMPACT_ATOMS: atom_id res chain seq x y z
N ASP A 1 18.50 17.74 -2.48
CA ASP A 1 17.96 18.74 -1.55
C ASP A 1 16.70 18.21 -0.87
N SER A 2 16.11 17.20 -1.47
CA SER A 2 14.89 16.61 -0.96
C SER A 2 14.97 15.10 -0.84
N ASP A 3 14.38 14.58 0.22
CA ASP A 3 14.33 13.15 0.49
C ASP A 3 12.88 12.68 0.32
N ILE A 4 12.62 11.94 -0.76
CA ILE A 4 11.27 11.45 -1.02
C ILE A 4 11.14 9.96 -0.75
N ALA A 5 10.13 9.58 0.02
CA ALA A 5 9.88 8.19 0.34
C ALA A 5 8.47 7.80 -0.10
N PHE A 6 8.33 6.60 -0.63
CA PHE A 6 7.05 6.12 -1.11
C PHE A 6 6.48 5.06 -0.18
N LEU A 7 5.21 5.21 0.15
CA LEU A 7 4.51 4.27 1.00
C LEU A 7 3.27 3.79 0.25
N ILE A 8 3.28 2.53 -0.17
CA ILE A 8 2.16 1.97 -0.93
C ILE A 8 1.42 0.90 -0.15
N ASP A 9 0.10 0.98 -0.18
CA ASP A 9 -0.76 0.01 0.51
C ASP A 9 -0.93 -1.20 -0.38
N GLY A 10 -0.59 -2.35 0.15
CA GLY A 10 -0.72 -3.55 -0.60
C GLY A 10 -1.57 -4.55 0.12
N SER A 11 -2.61 -4.09 0.79
CA SER A 11 -3.49 -4.97 1.53
C SER A 11 -4.33 -5.85 0.60
N GLY A 12 -5.22 -6.62 1.20
CA GLY A 12 -6.07 -7.52 0.45
C GLY A 12 -7.14 -6.78 -0.31
N SER A 13 -7.44 -5.57 0.14
CA SER A 13 -8.44 -4.74 -0.51
C SER A 13 -7.84 -4.07 -1.74
N ILE A 14 -6.55 -4.31 -1.97
CA ILE A 14 -5.87 -3.74 -3.10
C ILE A 14 -5.95 -4.68 -4.30
N ILE A 15 -6.74 -4.28 -5.28
CA ILE A 15 -6.91 -5.05 -6.49
C ILE A 15 -5.60 -5.05 -7.28
N PRO A 16 -5.11 -6.23 -7.69
CA PRO A 16 -3.85 -6.37 -8.45
C PRO A 16 -3.70 -5.31 -9.54
N HIS A 17 -4.81 -4.96 -10.18
CA HIS A 17 -4.83 -3.96 -11.24
C HIS A 17 -4.30 -2.61 -10.73
N ASP A 18 -4.84 -2.16 -9.62
CA ASP A 18 -4.46 -0.86 -9.06
C ASP A 18 -3.10 -0.94 -8.40
N PHE A 19 -2.74 -2.11 -7.86
CA PHE A 19 -1.42 -2.27 -7.24
C PHE A 19 -0.37 -2.08 -8.33
N ARG A 20 -0.71 -2.58 -9.52
CA ARG A 20 0.15 -2.46 -10.67
C ARG A 20 0.30 -0.99 -11.05
N ARG A 21 -0.82 -0.27 -11.00
CA ARG A 21 -0.84 1.15 -11.32
C ARG A 21 0.04 1.92 -10.35
N MET A 22 0.05 1.50 -9.09
CA MET A 22 0.89 2.13 -8.07
C MET A 22 2.34 2.03 -8.47
N LYS A 23 2.75 0.83 -8.83
CA LYS A 23 4.12 0.56 -9.25
C LYS A 23 4.48 1.38 -10.48
N GLU A 24 3.58 1.40 -11.46
CA GLU A 24 3.80 2.16 -12.68
C GLU A 24 3.94 3.65 -12.35
N PHE A 25 3.06 4.13 -11.48
CA PHE A 25 3.08 5.52 -11.05
C PHE A 25 4.42 5.87 -10.41
N VAL A 26 4.84 5.05 -9.45
CA VAL A 26 6.11 5.26 -8.76
C VAL A 26 7.28 5.30 -9.74
N SER A 27 7.30 4.35 -10.67
CA SER A 27 8.38 4.29 -11.66
C SER A 27 8.39 5.56 -12.52
N THR A 28 7.20 5.98 -12.95
CA THR A 28 7.08 7.18 -13.76
C THR A 28 7.55 8.41 -12.99
N VAL A 29 7.29 8.42 -11.69
CA VAL A 29 7.70 9.53 -10.83
C VAL A 29 9.22 9.56 -10.72
N MET A 30 9.82 8.39 -10.60
CA MET A 30 11.27 8.28 -10.47
C MET A 30 11.96 8.51 -11.81
N GLU A 31 11.21 8.37 -12.90
CA GLU A 31 11.75 8.59 -14.23
C GLU A 31 11.52 10.03 -14.67
N GLN A 32 10.52 10.67 -14.08
CA GLN A 32 10.19 12.06 -14.39
C GLN A 32 10.95 13.02 -13.49
N LEU A 33 11.04 12.70 -12.21
CA LEU A 33 11.73 13.55 -11.25
C LEU A 33 13.15 13.06 -11.03
N LYS A 34 13.76 12.55 -12.08
CA LYS A 34 15.11 12.04 -12.02
C LYS A 34 16.12 13.19 -12.00
N LYS A 35 16.47 13.63 -10.80
CA LYS A 35 17.42 14.72 -10.63
C LYS A 35 18.74 14.20 -10.10
N SER A 36 19.83 14.88 -10.45
CA SER A 36 21.17 14.49 -10.02
C SER A 36 21.31 14.52 -8.50
N LYS A 37 20.47 15.29 -7.83
CA LYS A 37 20.51 15.38 -6.38
C LYS A 37 19.17 14.98 -5.79
N THR A 38 18.70 13.81 -6.16
CA THR A 38 17.43 13.30 -5.67
C THR A 38 17.45 11.78 -5.55
N LEU A 39 17.24 11.29 -4.35
CA LEU A 39 17.23 9.86 -4.10
C LEU A 39 15.79 9.43 -3.79
N PHE A 40 15.53 8.13 -3.87
CA PHE A 40 14.19 7.63 -3.62
C PHE A 40 14.22 6.41 -2.71
N SER A 41 13.10 6.17 -2.05
CA SER A 41 12.95 5.04 -1.15
C SER A 41 11.51 4.54 -1.24
N LEU A 42 11.30 3.24 -1.11
CA LEU A 42 9.96 2.70 -1.21
C LEU A 42 9.75 1.57 -0.21
N MET A 43 8.65 1.66 0.52
CA MET A 43 8.27 0.66 1.49
C MET A 43 6.81 0.29 1.30
N GLN A 44 6.52 -0.99 1.13
CA GLN A 44 5.15 -1.44 0.98
C GLN A 44 4.65 -1.90 2.33
N TYR A 45 3.35 -1.83 2.56
CA TYR A 45 2.82 -2.22 3.84
C TYR A 45 1.43 -2.87 3.74
N SER A 46 1.13 -3.60 4.79
CA SER A 46 -0.14 -4.28 4.99
C SER A 46 -0.27 -4.40 6.50
N GLU A 47 -0.04 -5.58 7.03
CA GLU A 47 0.00 -5.76 8.47
C GLU A 47 1.47 -5.74 8.85
N GLU A 48 2.29 -6.04 7.84
CA GLU A 48 3.73 -6.05 7.96
C GLU A 48 4.28 -4.86 7.17
N PHE A 49 5.60 -4.77 7.07
CA PHE A 49 6.26 -3.67 6.37
C PHE A 49 7.51 -4.16 5.65
N ARG A 50 7.55 -3.98 4.34
CA ARG A 50 8.68 -4.43 3.56
C ARG A 50 9.34 -3.30 2.77
N ILE A 51 10.59 -3.03 3.11
CA ILE A 51 11.37 -2.04 2.41
C ILE A 51 11.99 -2.70 1.20
N HIS A 52 11.78 -2.14 0.01
CA HIS A 52 12.31 -2.74 -1.20
C HIS A 52 13.65 -2.14 -1.58
N PHE A 53 13.84 -0.87 -1.28
CA PHE A 53 15.10 -0.20 -1.55
C PHE A 53 15.18 1.10 -0.77
N THR A 54 16.31 1.29 -0.12
CA THR A 54 16.55 2.48 0.66
C THR A 54 17.20 3.57 -0.20
N PHE A 55 17.47 4.73 0.41
CA PHE A 55 18.09 5.83 -0.30
C PHE A 55 19.49 5.43 -0.76
N LYS A 56 20.11 4.56 0.02
CA LYS A 56 21.45 4.08 -0.28
C LYS A 56 21.45 3.15 -1.49
N GLU A 57 20.52 2.20 -1.50
CA GLU A 57 20.43 1.24 -2.60
C GLU A 57 20.12 1.95 -3.91
N PHE A 58 19.24 2.93 -3.85
CA PHE A 58 18.88 3.69 -5.05
C PHE A 58 20.09 4.48 -5.54
N GLN A 59 20.98 4.81 -4.62
CA GLN A 59 22.18 5.54 -4.95
C GLN A 59 23.20 4.61 -5.61
N ASN A 60 23.00 3.31 -5.42
CA ASN A 60 23.90 2.31 -6.00
C ASN A 60 23.34 1.83 -7.34
N ASN A 61 22.03 1.70 -7.40
CA ASN A 61 21.35 1.27 -8.61
C ASN A 61 20.18 2.20 -8.90
N PRO A 62 20.43 3.28 -9.66
CA PRO A 62 19.40 4.27 -10.00
C PRO A 62 18.50 3.84 -11.15
N ASN A 63 18.03 2.61 -11.09
CA ASN A 63 17.15 2.06 -12.12
C ASN A 63 15.77 1.79 -11.53
N PRO A 64 14.85 2.75 -11.66
CA PRO A 64 13.48 2.65 -11.11
C PRO A 64 12.74 1.40 -11.59
N ARG A 65 12.82 1.15 -12.89
CA ARG A 65 12.14 0.02 -13.50
C ARG A 65 12.64 -1.32 -12.95
N SER A 66 13.91 -1.36 -12.57
CA SER A 66 14.51 -2.59 -12.05
C SER A 66 14.22 -2.79 -10.56
N LEU A 67 13.86 -1.72 -9.87
CA LEU A 67 13.59 -1.81 -8.44
C LEU A 67 12.10 -2.00 -8.16
N VAL A 68 11.27 -1.59 -9.11
CA VAL A 68 9.83 -1.69 -8.96
C VAL A 68 9.28 -2.97 -9.61
N LYS A 69 10.04 -3.55 -10.52
CA LYS A 69 9.61 -4.76 -11.21
C LYS A 69 9.44 -5.96 -10.27
N PRO A 70 10.42 -6.28 -9.40
CA PRO A 70 10.33 -7.45 -8.49
C PRO A 70 9.41 -7.22 -7.29
N ILE A 71 8.86 -6.02 -7.17
CA ILE A 71 7.96 -5.70 -6.06
C ILE A 71 6.66 -6.49 -6.16
N THR A 72 6.44 -7.36 -5.19
CA THR A 72 5.24 -8.19 -5.14
C THR A 72 4.25 -7.66 -4.10
N GLN A 73 2.98 -8.03 -4.23
CA GLN A 73 1.95 -7.57 -3.31
C GLN A 73 1.96 -8.41 -2.03
N LEU A 74 1.96 -7.73 -0.89
CA LEU A 74 2.01 -8.40 0.41
C LEU A 74 0.67 -9.02 0.79
N LEU A 75 -0.42 -8.25 0.60
CA LEU A 75 -1.79 -8.68 0.94
C LEU A 75 -1.99 -8.66 2.46
N GLY A 76 -3.24 -8.71 2.90
CA GLY A 76 -3.51 -8.69 4.32
C GLY A 76 -4.35 -7.49 4.74
N ARG A 77 -4.07 -6.95 5.92
CA ARG A 77 -4.83 -5.82 6.44
C ARG A 77 -4.12 -4.49 6.14
N THR A 78 -4.54 -3.41 6.79
CA THR A 78 -3.95 -2.09 6.57
C THR A 78 -3.40 -1.50 7.86
N HIS A 79 -2.20 -0.95 7.76
CA HIS A 79 -1.53 -0.33 8.90
C HIS A 79 -0.93 1.00 8.48
N THR A 80 -1.77 1.91 8.01
CA THR A 80 -1.33 3.21 7.53
C THR A 80 -0.70 4.05 8.64
N ALA A 81 -1.32 4.03 9.82
CA ALA A 81 -0.80 4.80 10.94
C ALA A 81 0.52 4.22 11.42
N THR A 82 0.54 2.91 11.66
CA THR A 82 1.75 2.24 12.09
C THR A 82 2.85 2.41 11.03
N GLY A 83 2.44 2.47 9.77
CA GLY A 83 3.36 2.63 8.68
C GLY A 83 4.00 4.01 8.67
N ILE A 84 3.17 5.04 8.80
CA ILE A 84 3.66 6.42 8.79
C ILE A 84 4.71 6.61 9.90
N ARG A 85 4.41 6.07 11.07
CA ARG A 85 5.33 6.18 12.20
C ARG A 85 6.66 5.50 11.90
N LYS A 86 6.60 4.38 11.19
CA LYS A 86 7.80 3.64 10.84
C LYS A 86 8.59 4.36 9.76
N VAL A 87 7.88 4.97 8.82
CA VAL A 87 8.52 5.70 7.74
C VAL A 87 9.36 6.88 8.25
N VAL A 88 8.81 7.61 9.21
CA VAL A 88 9.51 8.77 9.76
C VAL A 88 10.62 8.38 10.73
N ARG A 89 10.71 7.10 11.08
CA ARG A 89 11.73 6.65 12.02
C ARG A 89 12.79 5.77 11.36
N GLU A 90 12.38 4.95 10.40
CA GLU A 90 13.32 4.05 9.72
C GLU A 90 13.70 4.55 8.33
N LEU A 91 12.70 4.85 7.51
CA LEU A 91 12.93 5.30 6.14
C LEU A 91 13.72 6.60 6.11
N PHE A 92 13.35 7.54 6.96
CA PHE A 92 14.03 8.83 7.03
C PHE A 92 15.17 8.81 8.05
N ASN A 93 15.85 7.68 8.17
CA ASN A 93 16.96 7.57 9.12
C ASN A 93 18.27 7.74 8.37
N ILE A 94 19.20 8.47 8.98
CA ILE A 94 20.52 8.74 8.38
C ILE A 94 21.26 7.45 8.04
N THR A 95 21.05 6.42 8.84
CA THR A 95 21.70 5.13 8.64
C THR A 95 21.26 4.46 7.34
N ASN A 96 19.99 4.65 6.99
CA ASN A 96 19.42 4.06 5.77
C ASN A 96 19.80 4.86 4.54
N GLY A 97 20.07 6.15 4.73
CA GLY A 97 20.46 6.99 3.60
C GLY A 97 19.81 8.35 3.60
N ALA A 98 19.09 8.70 4.66
CA ALA A 98 18.45 10.01 4.72
C ALA A 98 19.49 11.08 4.99
N ARG A 99 19.34 12.22 4.34
CA ARG A 99 20.31 13.29 4.49
C ARG A 99 19.80 14.37 5.43
N LYS A 100 20.74 15.10 6.04
CA LYS A 100 20.38 16.17 6.96
C LYS A 100 20.15 17.48 6.21
N ASN A 101 19.26 18.32 6.74
CA ASN A 101 18.90 19.62 6.16
C ASN A 101 17.96 19.46 4.96
N ALA A 102 18.02 18.31 4.31
CA ALA A 102 17.18 18.03 3.16
C ALA A 102 15.72 17.91 3.58
N PHE A 103 14.82 18.34 2.69
CA PHE A 103 13.39 18.31 2.97
C PHE A 103 12.85 16.88 2.97
N LYS A 104 11.88 16.62 3.84
CA LYS A 104 11.27 15.31 3.95
C LYS A 104 9.91 15.29 3.26
N ILE A 105 9.76 14.41 2.28
CA ILE A 105 8.50 14.30 1.56
C ILE A 105 8.03 12.84 1.55
N LEU A 106 6.83 12.63 2.04
CA LEU A 106 6.24 11.30 2.10
C LEU A 106 4.99 11.20 1.24
N VAL A 107 5.02 10.29 0.27
CA VAL A 107 3.88 10.07 -0.61
C VAL A 107 3.16 8.80 -0.15
N VAL A 108 1.94 8.96 0.34
CA VAL A 108 1.15 7.83 0.83
C VAL A 108 0.05 7.45 -0.15
N ILE A 109 0.12 6.21 -0.63
CA ILE A 109 -0.88 5.70 -1.55
C ILE A 109 -1.61 4.52 -0.89
N THR A 110 -2.68 4.81 -0.16
CA THR A 110 -3.43 3.78 0.53
C THR A 110 -4.78 3.51 -0.13
N ASP A 111 -5.43 2.43 0.30
CA ASP A 111 -6.72 2.04 -0.24
C ASP A 111 -7.81 3.00 0.23
N GLY A 112 -7.57 3.69 1.35
CA GLY A 112 -8.53 4.64 1.87
C GLY A 112 -9.08 4.23 3.21
N GLU A 113 -9.01 2.95 3.49
CA GLU A 113 -9.52 2.42 4.74
C GLU A 113 -8.41 1.79 5.57
N LYS A 114 -8.09 2.43 6.69
CA LYS A 114 -7.08 1.94 7.61
C LYS A 114 -7.74 0.98 8.61
N PHE A 115 -8.13 -0.21 8.14
CA PHE A 115 -8.79 -1.18 9.01
C PHE A 115 -7.79 -2.19 9.56
N GLY A 116 -7.87 -2.41 10.88
CA GLY A 116 -6.99 -3.36 11.53
C GLY A 116 -5.76 -2.73 12.17
N ASP A 117 -5.62 -1.43 12.00
CA ASP A 117 -4.48 -0.71 12.57
C ASP A 117 -4.77 -0.30 14.01
N PRO A 118 -3.95 -0.78 14.96
CA PRO A 118 -4.12 -0.48 16.39
C PRO A 118 -3.78 0.97 16.72
N LEU A 119 -3.05 1.63 15.84
CA LEU A 119 -2.67 3.02 16.06
C LEU A 119 -3.53 3.95 15.24
N GLY A 120 -3.78 5.13 15.77
CA GLY A 120 -4.57 6.11 15.06
C GLY A 120 -3.70 7.12 14.33
N TYR A 121 -4.32 8.05 13.63
CA TYR A 121 -3.56 9.05 12.92
C TYR A 121 -3.07 10.11 13.88
N GLU A 122 -3.81 10.27 14.97
CA GLU A 122 -3.48 11.24 16.00
C GLU A 122 -2.21 10.82 16.74
N ASP A 123 -1.84 9.55 16.60
CA ASP A 123 -0.66 9.01 17.24
C ASP A 123 0.57 9.13 16.35
N VAL A 124 0.37 9.44 15.07
CA VAL A 124 1.49 9.51 14.15
C VAL A 124 1.61 10.85 13.42
N ILE A 125 0.50 11.54 13.21
CA ILE A 125 0.54 12.82 12.51
C ILE A 125 1.36 13.86 13.30
N PRO A 126 1.13 14.04 14.63
CA PRO A 126 1.92 14.99 15.43
C PRO A 126 3.42 14.68 15.42
N GLU A 127 3.75 13.43 15.08
CA GLU A 127 5.15 13.01 15.02
C GLU A 127 5.75 13.42 13.67
N ALA A 128 5.03 13.09 12.61
CA ALA A 128 5.49 13.40 11.26
C ALA A 128 5.58 14.91 11.02
N ASP A 129 4.74 15.67 11.71
CA ASP A 129 4.75 17.12 11.55
C ASP A 129 5.93 17.75 12.28
N ARG A 130 6.39 17.09 13.35
CA ARG A 130 7.51 17.61 14.13
C ARG A 130 8.83 17.37 13.39
N GLU A 131 8.99 16.18 12.81
CA GLU A 131 10.22 15.85 12.10
C GLU A 131 10.29 16.59 10.76
N GLY A 132 9.23 17.35 10.46
CA GLY A 132 9.18 18.13 9.23
C GLY A 132 8.99 17.28 8.00
N VAL A 133 8.03 16.37 8.07
CA VAL A 133 7.75 15.48 6.96
C VAL A 133 6.49 15.90 6.20
N ILE A 134 6.67 16.43 4.99
CA ILE A 134 5.56 16.84 4.15
C ILE A 134 4.80 15.61 3.66
N ARG A 135 3.48 15.64 3.71
CA ARG A 135 2.69 14.49 3.30
C ARG A 135 1.84 14.76 2.06
N TYR A 136 1.90 13.81 1.14
CA TYR A 136 1.11 13.86 -0.09
C TYR A 136 0.32 12.57 -0.18
N VAL A 137 -0.99 12.68 -0.37
CA VAL A 137 -1.83 11.49 -0.44
C VAL A 137 -2.40 11.28 -1.83
N ILE A 138 -2.29 10.05 -2.30
CA ILE A 138 -2.81 9.66 -3.60
C ILE A 138 -3.90 8.62 -3.38
N GLY A 139 -5.14 8.97 -3.67
CA GLY A 139 -6.24 8.06 -3.46
C GLY A 139 -6.50 7.12 -4.62
N VAL A 140 -6.77 5.87 -4.29
CA VAL A 140 -7.06 4.83 -5.28
C VAL A 140 -8.42 4.21 -5.01
N GLY A 141 -8.90 3.41 -5.96
CA GLY A 141 -10.17 2.72 -5.81
C GLY A 141 -11.35 3.65 -5.50
N ASP A 142 -12.06 3.33 -4.42
CA ASP A 142 -13.24 4.10 -4.01
C ASP A 142 -12.91 5.09 -2.90
N ALA A 143 -11.63 5.39 -2.71
CA ALA A 143 -11.18 6.32 -1.67
C ALA A 143 -11.84 7.70 -1.76
N PHE A 144 -12.31 8.08 -2.94
CA PHE A 144 -12.94 9.38 -3.12
C PHE A 144 -14.46 9.27 -3.20
N ARG A 145 -14.97 8.06 -3.09
CA ARG A 145 -16.41 7.85 -3.17
C ARG A 145 -17.03 7.74 -1.78
N SER A 146 -16.24 7.28 -0.82
CA SER A 146 -16.71 7.15 0.55
C SER A 146 -16.27 8.35 1.38
N GLU A 147 -17.10 8.72 2.37
CA GLU A 147 -16.80 9.85 3.24
C GLU A 147 -15.66 9.50 4.19
N LYS A 148 -15.73 8.30 4.75
CA LYS A 148 -14.73 7.85 5.71
C LYS A 148 -13.34 7.79 5.09
N SER A 149 -13.28 7.41 3.82
CA SER A 149 -12.01 7.32 3.14
C SER A 149 -11.51 8.71 2.73
N ARG A 150 -12.43 9.58 2.34
CA ARG A 150 -12.08 10.95 1.93
C ARG A 150 -11.42 11.70 3.09
N GLN A 151 -12.09 11.71 4.24
CA GLN A 151 -11.60 12.40 5.42
C GLN A 151 -10.26 11.82 5.88
N GLU A 152 -10.12 10.51 5.76
CA GLU A 152 -8.88 9.84 6.15
C GLU A 152 -7.71 10.41 5.37
N LEU A 153 -7.92 10.58 4.07
CA LEU A 153 -6.90 11.13 3.18
C LEU A 153 -6.55 12.56 3.59
N ASN A 154 -7.56 13.31 4.00
CA ASN A 154 -7.38 14.70 4.41
C ASN A 154 -6.70 14.79 5.78
N THR A 155 -6.65 13.67 6.49
CA THR A 155 -6.03 13.64 7.80
C THR A 155 -4.54 13.30 7.68
N ILE A 156 -4.17 12.69 6.56
CA ILE A 156 -2.78 12.33 6.32
C ILE A 156 -2.06 13.44 5.59
N ALA A 157 -2.75 14.06 4.64
CA ALA A 157 -2.18 15.14 3.86
C ALA A 157 -1.98 16.41 4.68
N SER A 158 -0.85 17.06 4.47
CA SER A 158 -0.54 18.30 5.18
C SER A 158 -1.53 19.39 4.77
N LYS A 159 -1.86 20.25 5.71
CA LYS A 159 -2.81 21.33 5.44
C LYS A 159 -2.18 22.39 4.55
N PRO A 160 -2.93 22.91 3.55
CA PRO A 160 -4.31 22.49 3.31
C PRO A 160 -4.39 21.15 2.59
N PRO A 161 -5.25 20.24 3.09
CA PRO A 161 -5.40 18.89 2.53
C PRO A 161 -5.84 18.90 1.06
N ARG A 162 -6.64 19.88 0.67
CA ARG A 162 -7.15 19.98 -0.70
C ARG A 162 -6.00 20.08 -1.71
N ASP A 163 -4.95 20.78 -1.31
CA ASP A 163 -3.80 21.00 -2.19
C ASP A 163 -2.74 19.94 -1.96
N HIS A 164 -3.12 18.85 -1.29
CA HIS A 164 -2.17 17.78 -1.00
C HIS A 164 -2.80 16.39 -1.18
N VAL A 165 -4.01 16.37 -1.74
CA VAL A 165 -4.71 15.10 -1.98
C VAL A 165 -5.04 14.99 -3.46
N PHE A 166 -4.44 14.02 -4.13
CA PHE A 166 -4.66 13.84 -5.55
C PHE A 166 -5.17 12.44 -5.85
N GLN A 167 -5.70 12.28 -7.05
CA GLN A 167 -6.24 11.00 -7.50
C GLN A 167 -5.18 10.22 -8.26
N VAL A 168 -5.15 8.91 -8.06
CA VAL A 168 -4.17 8.05 -8.73
C VAL A 168 -4.40 8.02 -10.24
N ASN A 169 -5.60 8.39 -10.66
CA ASN A 169 -5.92 8.41 -12.09
C ASN A 169 -5.71 9.81 -12.65
N ASN A 170 -5.22 10.72 -11.81
CA ASN A 170 -4.96 12.08 -12.24
C ASN A 170 -3.51 12.22 -12.67
N PHE A 171 -3.29 12.17 -13.97
CA PHE A 171 -1.96 12.26 -14.52
C PHE A 171 -1.38 13.66 -14.35
N GLU A 172 -2.23 14.67 -14.40
CA GLU A 172 -1.80 16.06 -14.25
C GLU A 172 -1.31 16.35 -12.83
N ALA A 173 -1.66 15.47 -11.90
CA ALA A 173 -1.27 15.64 -10.50
C ALA A 173 0.24 15.67 -10.33
N LEU A 174 0.95 14.90 -11.16
CA LEU A 174 2.41 14.85 -11.07
C LEU A 174 3.01 16.22 -11.37
N LYS A 175 2.49 16.88 -12.39
CA LYS A 175 2.98 18.21 -12.77
C LYS A 175 2.60 19.22 -11.68
N THR A 176 1.48 18.96 -11.02
CA THR A 176 1.01 19.83 -9.95
C THR A 176 1.90 19.72 -8.71
N ILE A 177 2.19 18.49 -8.31
CA ILE A 177 3.05 18.26 -7.15
C ILE A 177 4.45 18.81 -7.41
N GLN A 178 4.96 18.53 -8.62
CA GLN A 178 6.29 19.02 -9.02
C GLN A 178 6.32 20.55 -9.01
N ASN A 179 5.16 21.15 -9.18
CA ASN A 179 5.04 22.60 -9.18
C ASN A 179 5.15 23.13 -7.76
N GLN A 180 4.38 22.54 -6.85
CA GLN A 180 4.39 22.94 -5.44
C GLN A 180 5.75 22.63 -4.80
N LEU A 181 6.45 21.65 -5.36
CA LEU A 181 7.76 21.24 -4.85
C LEU A 181 8.79 22.34 -5.05
N ARG A 182 8.41 23.38 -5.78
CA ARG A 182 9.31 24.50 -6.02
C ARG A 182 9.16 25.55 -4.94
N GLU A 183 7.98 25.59 -4.33
CA GLU A 183 7.69 26.55 -3.27
C GLU A 183 7.78 25.83 -1.92
N LYS A 184 8.62 24.81 -1.86
CA LYS A 184 8.82 24.02 -0.64
C LYS A 184 9.05 24.93 0.57
N ASN B 1 -17.57 -28.76 20.03
CA ASN B 1 -16.95 -27.58 19.44
C ASN B 1 -17.64 -26.32 19.93
N TRP B 2 -16.85 -25.32 20.31
CA TRP B 2 -17.40 -24.07 20.79
C TRP B 2 -16.97 -22.91 19.89
N LYS B 3 -16.53 -23.25 18.69
CA LYS B 3 -16.11 -22.23 17.74
C LYS B 3 -17.34 -21.71 16.99
N LYS B 4 -17.44 -20.39 16.88
CA LYS B 4 -18.57 -19.78 16.21
C LYS B 4 -18.41 -19.75 14.70
N GLN B 5 -18.13 -18.58 14.14
CA GLN B 5 -17.97 -18.43 12.71
C GLN B 5 -17.05 -17.27 12.37
N PHE B 6 -16.86 -17.04 11.09
CA PHE B 6 -16.01 -15.96 10.61
C PHE B 6 -16.86 -14.78 10.17
N GLY B 7 -16.25 -13.82 9.49
CA GLY B 7 -16.96 -12.65 9.02
C GLY B 7 -17.82 -12.96 7.81
N ALA B 8 -19.14 -12.82 7.96
CA ALA B 8 -20.07 -13.10 6.89
C ALA B 8 -20.29 -11.87 6.00
N GLU B 9 -19.57 -10.80 6.31
CA GLU B 9 -19.68 -9.55 5.57
C GLU B 9 -18.91 -9.61 4.25
N CYS B 10 -18.40 -10.78 3.92
CA CYS B 10 -17.64 -10.96 2.70
C CYS B 10 -18.35 -11.94 1.76
N LYS B 11 -18.34 -11.62 0.47
CA LYS B 11 -19.01 -12.45 -0.53
C LYS B 11 -18.18 -13.70 -0.84
N TYR B 12 -18.57 -14.81 -0.25
CA TYR B 12 -17.87 -16.08 -0.45
C TYR B 12 -18.67 -17.02 -1.34
N GLN B 13 -18.00 -18.09 -1.77
CA GLN B 13 -18.62 -19.12 -2.58
C GLN B 13 -18.28 -20.48 -2.01
N PHE B 14 -19.27 -21.14 -1.45
CA PHE B 14 -19.09 -22.45 -0.85
C PHE B 14 -19.18 -23.55 -1.90
N GLN B 15 -18.05 -24.20 -2.13
CA GLN B 15 -18.00 -25.27 -3.12
C GLN B 15 -17.39 -26.54 -2.52
N ALA B 16 -17.67 -27.67 -3.16
CA ALA B 16 -17.15 -28.98 -2.74
C ALA B 16 -17.54 -29.35 -1.29
N TRP B 17 -18.50 -30.25 -1.15
CA TRP B 17 -18.93 -30.70 0.16
C TRP B 17 -17.98 -31.76 0.70
N GLY B 18 -17.20 -32.34 -0.20
CA GLY B 18 -16.21 -33.34 0.16
C GLY B 18 -16.81 -34.66 0.63
N GLU B 19 -15.96 -35.67 0.71
CA GLU B 19 -16.35 -36.99 1.19
C GLU B 19 -16.58 -36.93 2.69
N CYS B 20 -17.58 -37.66 3.16
CA CYS B 20 -17.87 -37.68 4.58
C CYS B 20 -16.83 -38.51 5.32
N ASP B 21 -16.14 -37.88 6.26
CA ASP B 21 -15.13 -38.58 7.03
C ASP B 21 -15.81 -39.56 7.97
N LEU B 22 -15.55 -40.84 7.76
CA LEU B 22 -16.15 -41.90 8.56
C LEU B 22 -15.43 -42.05 9.90
N ASN B 23 -14.55 -41.12 10.21
CA ASN B 23 -13.81 -41.13 11.46
C ASN B 23 -14.48 -40.20 12.47
N THR B 24 -14.61 -38.92 12.09
CA THR B 24 -15.24 -37.94 12.96
C THR B 24 -16.74 -37.85 12.69
N ALA B 25 -17.19 -38.49 11.59
CA ALA B 25 -18.59 -38.50 11.20
C ALA B 25 -19.06 -37.09 10.80
N LEU B 26 -18.14 -36.31 10.26
CA LEU B 26 -18.44 -34.96 9.83
C LEU B 26 -18.02 -34.77 8.38
N LYS B 27 -18.42 -33.64 7.80
CA LYS B 27 -18.06 -33.32 6.43
C LYS B 27 -17.63 -31.86 6.36
N THR B 28 -16.61 -31.58 5.55
CA THR B 28 -16.08 -30.24 5.44
C THR B 28 -16.25 -29.65 4.05
N ARG B 29 -16.76 -28.41 4.01
CA ARG B 29 -16.97 -27.69 2.76
C ARG B 29 -16.00 -26.52 2.70
N THR B 30 -15.61 -26.13 1.50
CA THR B 30 -14.67 -25.03 1.33
C THR B 30 -15.33 -23.80 0.71
N GLY B 31 -15.05 -22.63 1.28
CA GLY B 31 -15.60 -21.39 0.78
C GLY B 31 -14.51 -20.51 0.20
N SER B 32 -14.65 -20.13 -1.05
CA SER B 32 -13.64 -19.30 -1.70
C SER B 32 -14.11 -17.86 -1.90
N LEU B 33 -13.21 -16.92 -1.62
CA LEU B 33 -13.48 -15.50 -1.77
C LEU B 33 -13.45 -15.13 -3.24
N LYS B 34 -14.44 -14.38 -3.69
CA LYS B 34 -14.52 -13.98 -5.09
C LYS B 34 -14.43 -12.45 -5.23
N ARG B 35 -14.71 -11.73 -4.15
CA ARG B 35 -14.65 -10.27 -4.18
C ARG B 35 -14.70 -9.71 -2.76
N ALA B 36 -13.78 -8.79 -2.47
CA ALA B 36 -13.72 -8.15 -1.16
C ALA B 36 -14.04 -6.67 -1.28
N LEU B 37 -13.86 -5.93 -0.19
CA LEU B 37 -14.14 -4.49 -0.17
C LEU B 37 -12.99 -3.73 0.48
N HIS B 38 -13.07 -2.40 0.45
CA HIS B 38 -12.03 -1.56 1.05
C HIS B 38 -12.06 -1.70 2.58
N ASN B 39 -13.23 -1.47 3.17
CA ASN B 39 -13.40 -1.57 4.61
C ASN B 39 -13.67 -3.02 5.00
N ALA B 40 -13.03 -3.96 4.29
CA ALA B 40 -13.20 -5.38 4.56
C ALA B 40 -12.11 -6.22 3.89
N GLU B 41 -10.99 -6.36 4.58
CA GLU B 41 -9.87 -7.16 4.08
C GLU B 41 -10.08 -8.62 4.53
N CYS B 42 -10.85 -9.39 3.74
CA CYS B 42 -11.17 -10.78 4.07
C CYS B 42 -10.14 -11.78 3.52
N GLN B 43 -10.23 -13.02 4.00
CA GLN B 43 -9.33 -14.09 3.56
C GLN B 43 -9.77 -14.64 2.20
N LYS B 44 -8.86 -15.33 1.53
CA LYS B 44 -9.13 -15.87 0.20
C LYS B 44 -9.92 -17.19 0.25
N THR B 45 -9.80 -17.94 1.35
CA THR B 45 -10.49 -19.20 1.47
C THR B 45 -10.85 -19.51 2.92
N VAL B 46 -11.98 -20.16 3.12
CA VAL B 46 -12.44 -20.55 4.44
C VAL B 46 -12.86 -22.01 4.44
N THR B 47 -12.89 -22.61 5.62
CA THR B 47 -13.28 -23.99 5.74
C THR B 47 -14.34 -24.15 6.83
N ILE B 48 -15.35 -24.97 6.56
CA ILE B 48 -16.42 -25.18 7.53
C ILE B 48 -16.83 -26.65 7.54
N SER B 49 -16.86 -27.24 8.73
CA SER B 49 -17.23 -28.64 8.89
C SER B 49 -18.55 -28.77 9.63
N LYS B 50 -19.39 -29.68 9.16
CA LYS B 50 -20.68 -29.93 9.76
C LYS B 50 -20.93 -31.43 9.90
N PRO B 51 -21.82 -31.83 10.83
CA PRO B 51 -22.15 -33.25 11.04
C PRO B 51 -22.65 -33.92 9.77
N CYS B 52 -22.24 -35.17 9.56
CA CYS B 52 -22.65 -35.92 8.37
C CYS B 52 -24.16 -36.13 8.33
N GLY B 53 -24.80 -36.00 9.49
CA GLY B 53 -26.24 -36.16 9.57
C GLY B 53 -26.99 -34.99 8.95
N LYS B 54 -26.23 -33.97 8.55
CA LYS B 54 -26.79 -32.77 7.93
C LYS B 54 -27.74 -32.03 8.87
N LEU B 55 -27.22 -31.60 10.00
CA LEU B 55 -28.02 -30.86 10.97
C LEU B 55 -27.76 -29.37 10.80
N THR B 56 -28.83 -28.58 10.85
CA THR B 56 -28.71 -27.15 10.70
C THR B 56 -29.51 -26.43 11.78
N LYS B 57 -28.82 -25.68 12.62
CA LYS B 57 -29.47 -24.95 13.70
C LYS B 57 -29.03 -23.48 13.68
MG MG C . -6.35 -1.86 2.90
N ASP A 1 18.29 18.24 -2.12
CA ASP A 1 17.80 19.22 -1.15
C ASP A 1 16.56 18.68 -0.45
N SER A 2 15.97 17.64 -1.04
CA SER A 2 14.77 17.04 -0.48
C SER A 2 14.91 15.53 -0.37
N ASP A 3 14.25 14.98 0.64
CA ASP A 3 14.22 13.56 0.92
C ASP A 3 12.80 13.05 0.70
N ILE A 4 12.57 12.35 -0.40
CA ILE A 4 11.23 11.84 -0.70
C ILE A 4 11.16 10.33 -0.45
N ALA A 5 10.06 9.89 0.15
CA ALA A 5 9.86 8.48 0.44
C ALA A 5 8.52 8.02 -0.11
N PHE A 6 8.46 6.77 -0.55
CA PHE A 6 7.22 6.23 -1.12
C PHE A 6 6.68 5.08 -0.27
N LEU A 7 5.40 5.18 0.07
CA LEU A 7 4.73 4.15 0.86
C LEU A 7 3.46 3.71 0.13
N ILE A 8 3.49 2.49 -0.39
CA ILE A 8 2.36 1.97 -1.13
C ILE A 8 1.59 0.90 -0.37
N ASP A 9 0.29 1.07 -0.35
CA ASP A 9 -0.61 0.14 0.31
C ASP A 9 -0.88 -1.03 -0.63
N GLY A 10 -0.55 -2.24 -0.18
CA GLY A 10 -0.78 -3.41 -0.98
C GLY A 10 -1.67 -4.41 -0.27
N SER A 11 -2.57 -3.92 0.58
CA SER A 11 -3.46 -4.80 1.34
C SER A 11 -4.43 -5.57 0.44
N GLY A 12 -5.28 -6.38 1.06
CA GLY A 12 -6.22 -7.19 0.31
C GLY A 12 -7.30 -6.39 -0.38
N SER A 13 -7.43 -5.13 -0.01
CA SER A 13 -8.43 -4.27 -0.61
C SER A 13 -7.90 -3.68 -1.91
N ILE A 14 -6.61 -3.83 -2.14
CA ILE A 14 -5.98 -3.31 -3.33
C ILE A 14 -6.15 -4.29 -4.50
N ILE A 15 -6.94 -3.87 -5.47
CA ILE A 15 -7.19 -4.68 -6.65
C ILE A 15 -5.90 -4.80 -7.46
N PRO A 16 -5.52 -6.03 -7.87
CA PRO A 16 -4.29 -6.28 -8.66
C PRO A 16 -4.08 -5.25 -9.77
N HIS A 17 -5.17 -4.79 -10.36
CA HIS A 17 -5.13 -3.79 -11.42
C HIS A 17 -4.52 -2.48 -10.94
N ASP A 18 -5.02 -2.01 -9.80
CA ASP A 18 -4.57 -0.74 -9.24
C ASP A 18 -3.19 -0.89 -8.62
N PHE A 19 -2.89 -2.08 -8.10
CA PHE A 19 -1.57 -2.33 -7.53
C PHE A 19 -0.54 -2.25 -8.65
N ARG A 20 -0.94 -2.76 -9.81
CA ARG A 20 -0.11 -2.74 -11.00
C ARG A 20 0.14 -1.29 -11.41
N ARG A 21 -0.90 -0.47 -11.32
CA ARG A 21 -0.82 0.93 -11.67
C ARG A 21 0.19 1.64 -10.79
N MET A 22 0.22 1.26 -9.52
CA MET A 22 1.16 1.85 -8.57
C MET A 22 2.59 1.59 -9.03
N LYS A 23 2.85 0.34 -9.37
CA LYS A 23 4.17 -0.07 -9.83
C LYS A 23 4.55 0.66 -11.10
N GLU A 24 3.61 0.73 -12.05
CA GLU A 24 3.84 1.43 -13.30
C GLU A 24 4.16 2.89 -13.05
N PHE A 25 3.39 3.50 -12.16
CA PHE A 25 3.57 4.90 -11.80
C PHE A 25 4.98 5.11 -11.24
N VAL A 26 5.36 4.29 -10.27
CA VAL A 26 6.68 4.39 -9.65
C VAL A 26 7.80 4.26 -10.68
N SER A 27 7.67 3.28 -11.58
CA SER A 27 8.68 3.07 -12.62
C SER A 27 8.78 4.30 -13.51
N THR A 28 7.63 4.83 -13.92
CA THR A 28 7.60 6.01 -14.78
C THR A 28 8.26 7.19 -14.08
N VAL A 29 8.04 7.28 -12.76
CA VAL A 29 8.62 8.37 -11.97
C VAL A 29 10.14 8.24 -11.91
N MET A 30 10.62 7.00 -11.80
CA MET A 30 12.05 6.73 -11.74
C MET A 30 12.69 6.84 -13.11
N GLU A 31 11.88 6.74 -14.15
CA GLU A 31 12.37 6.85 -15.52
C GLU A 31 12.28 8.29 -16.02
N GLN A 32 11.38 9.06 -15.41
CA GLN A 32 11.18 10.46 -15.77
C GLN A 32 12.09 11.38 -14.95
N LEU A 33 12.20 11.09 -13.67
CA LEU A 33 13.01 11.89 -12.76
C LEU A 33 14.39 11.26 -12.58
N LYS A 34 14.87 10.65 -13.64
CA LYS A 34 16.17 9.99 -13.64
C LYS A 34 17.30 11.02 -13.72
N LYS A 35 17.75 11.49 -12.56
CA LYS A 35 18.82 12.48 -12.51
C LYS A 35 20.11 11.82 -12.06
N SER A 36 21.23 12.39 -12.46
CA SER A 36 22.55 11.87 -12.10
C SER A 36 22.76 11.89 -10.59
N LYS A 37 22.07 12.79 -9.91
CA LYS A 37 22.18 12.89 -8.46
C LYS A 37 20.80 12.71 -7.84
N THR A 38 20.23 11.53 -8.03
CA THR A 38 18.92 11.20 -7.48
C THR A 38 18.75 9.70 -7.33
N LEU A 39 18.71 9.24 -6.08
CA LEU A 39 18.53 7.82 -5.79
C LEU A 39 17.07 7.57 -5.41
N PHE A 40 16.66 6.32 -5.39
CA PHE A 40 15.29 5.98 -5.05
C PHE A 40 15.22 4.86 -4.03
N SER A 41 14.03 4.69 -3.45
CA SER A 41 13.79 3.66 -2.45
C SER A 41 12.29 3.34 -2.44
N LEU A 42 11.94 2.08 -2.23
CA LEU A 42 10.54 1.69 -2.22
C LEU A 42 10.25 0.66 -1.13
N MET A 43 9.17 0.91 -0.39
CA MET A 43 8.74 0.02 0.67
C MET A 43 7.23 -0.19 0.58
N GLN A 44 6.81 -1.43 0.42
CA GLN A 44 5.39 -1.74 0.36
C GLN A 44 4.91 -2.04 1.76
N TYR A 45 3.67 -1.70 2.07
CA TYR A 45 3.17 -1.95 3.41
C TYR A 45 1.75 -2.50 3.41
N SER A 46 1.48 -3.22 4.47
CA SER A 46 0.19 -3.83 4.76
C SER A 46 0.14 -3.93 6.28
N GLU A 47 0.12 -5.14 6.81
CA GLU A 47 0.19 -5.29 8.24
C GLU A 47 1.67 -5.41 8.59
N GLU A 48 2.43 -5.72 7.55
CA GLU A 48 3.88 -5.84 7.64
C GLU A 48 4.53 -4.73 6.80
N PHE A 49 5.85 -4.81 6.61
CA PHE A 49 6.59 -3.81 5.85
C PHE A 49 7.74 -4.46 5.10
N ARG A 50 7.72 -4.35 3.77
CA ARG A 50 8.77 -4.96 2.97
C ARG A 50 9.51 -3.95 2.09
N ILE A 51 10.80 -3.83 2.34
CA ILE A 51 11.65 -2.96 1.54
C ILE A 51 12.13 -3.75 0.33
N HIS A 52 11.93 -3.20 -0.86
CA HIS A 52 12.32 -3.91 -2.08
C HIS A 52 13.71 -3.48 -2.54
N PHE A 53 14.06 -2.24 -2.27
CA PHE A 53 15.36 -1.71 -2.64
C PHE A 53 15.60 -0.37 -1.95
N THR A 54 16.75 -0.24 -1.34
CA THR A 54 17.11 0.98 -0.65
C THR A 54 17.85 1.93 -1.58
N PHE A 55 18.24 3.08 -1.05
CA PHE A 55 18.96 4.08 -1.84
C PHE A 55 20.31 3.54 -2.31
N LYS A 56 20.85 2.59 -1.55
CA LYS A 56 22.14 1.98 -1.88
C LYS A 56 22.00 1.00 -3.03
N GLU A 57 20.97 0.16 -2.97
CA GLU A 57 20.73 -0.84 -4.01
C GLU A 57 20.46 -0.17 -5.33
N PHE A 58 19.67 0.91 -5.31
CA PHE A 58 19.36 1.66 -6.52
C PHE A 58 20.62 2.31 -7.08
N GLN A 59 21.57 2.58 -6.21
CA GLN A 59 22.84 3.19 -6.61
C GLN A 59 23.73 2.14 -7.27
N ASN A 60 23.42 0.87 -7.01
CA ASN A 60 24.18 -0.24 -7.57
C ASN A 60 23.51 -0.72 -8.86
N ASN A 61 22.19 -0.70 -8.86
CA ASN A 61 21.41 -1.13 -10.01
C ASN A 61 20.33 -0.09 -10.30
N PRO A 62 20.63 0.92 -11.11
CA PRO A 62 19.70 2.00 -11.45
C PRO A 62 18.70 1.60 -12.54
N ASN A 63 18.12 0.42 -12.39
CA ASN A 63 17.16 -0.09 -13.35
C ASN A 63 15.77 -0.19 -12.70
N PRO A 64 14.95 0.85 -12.84
CA PRO A 64 13.61 0.90 -12.23
C PRO A 64 12.73 -0.28 -12.63
N ARG A 65 12.73 -0.60 -13.92
CA ARG A 65 11.92 -1.69 -14.45
C ARG A 65 12.30 -3.03 -13.86
N SER A 66 13.58 -3.19 -13.52
CA SER A 66 14.08 -4.44 -12.96
C SER A 66 13.84 -4.55 -11.46
N LEU A 67 13.60 -3.42 -10.81
CA LEU A 67 13.39 -3.42 -9.37
C LEU A 67 11.91 -3.45 -9.03
N VAL A 68 11.08 -2.99 -9.95
CA VAL A 68 9.65 -2.95 -9.74
C VAL A 68 8.95 -4.20 -10.30
N LYS A 69 9.62 -4.89 -11.21
CA LYS A 69 9.04 -6.09 -11.83
C LYS A 69 8.80 -7.22 -10.82
N PRO A 70 9.80 -7.60 -9.97
CA PRO A 70 9.65 -8.69 -9.00
C PRO A 70 8.82 -8.32 -7.78
N ILE A 71 8.38 -7.07 -7.70
CA ILE A 71 7.58 -6.61 -6.57
C ILE A 71 6.21 -7.27 -6.57
N THR A 72 5.95 -8.08 -5.56
CA THR A 72 4.68 -8.78 -5.43
C THR A 72 3.76 -8.08 -4.43
N GLN A 73 2.49 -8.46 -4.42
CA GLN A 73 1.52 -7.84 -3.51
C GLN A 73 1.50 -8.59 -2.17
N LEU A 74 1.59 -7.85 -1.08
CA LEU A 74 1.59 -8.44 0.25
C LEU A 74 0.19 -8.86 0.71
N LEU A 75 -0.83 -8.12 0.29
CA LEU A 75 -2.21 -8.37 0.68
C LEU A 75 -2.37 -8.14 2.18
N GLY A 76 -3.37 -8.77 2.79
CA GLY A 76 -3.57 -8.60 4.22
C GLY A 76 -4.31 -7.32 4.57
N ARG A 77 -4.04 -6.78 5.75
CA ARG A 77 -4.70 -5.58 6.22
C ARG A 77 -3.85 -4.33 5.97
N THR A 78 -4.24 -3.21 6.59
CA THR A 78 -3.53 -1.95 6.42
C THR A 78 -2.97 -1.42 7.74
N HIS A 79 -1.81 -0.79 7.68
CA HIS A 79 -1.16 -0.20 8.85
C HIS A 79 -0.64 1.18 8.47
N THR A 80 -1.53 2.06 8.06
CA THR A 80 -1.16 3.41 7.67
C THR A 80 -0.54 4.21 8.81
N ALA A 81 -1.17 4.15 9.98
CA ALA A 81 -0.67 4.89 11.14
C ALA A 81 0.65 4.30 11.60
N THR A 82 0.67 2.98 11.77
CA THR A 82 1.88 2.29 12.19
C THR A 82 3.00 2.52 11.16
N GLY A 83 2.61 2.60 9.89
CA GLY A 83 3.56 2.81 8.83
C GLY A 83 4.16 4.20 8.85
N ILE A 84 3.31 5.22 8.98
CA ILE A 84 3.76 6.61 9.01
C ILE A 84 4.79 6.81 10.13
N ARG A 85 4.49 6.27 11.30
CA ARG A 85 5.39 6.38 12.45
C ARG A 85 6.73 5.70 12.16
N LYS A 86 6.69 4.59 11.43
CA LYS A 86 7.89 3.87 11.08
C LYS A 86 8.69 4.61 10.02
N VAL A 87 7.99 5.22 9.08
CA VAL A 87 8.62 5.96 8.01
C VAL A 87 9.41 7.15 8.54
N VAL A 88 8.84 7.88 9.49
CA VAL A 88 9.51 9.06 10.05
C VAL A 88 10.61 8.69 11.04
N ARG A 89 10.72 7.41 11.39
CA ARG A 89 11.74 6.98 12.34
C ARG A 89 12.83 6.12 11.70
N GLU A 90 12.44 5.27 10.75
CA GLU A 90 13.40 4.38 10.09
C GLU A 90 13.79 4.88 8.69
N LEU A 91 12.79 5.19 7.87
CA LEU A 91 13.03 5.65 6.50
C LEU A 91 13.80 6.97 6.48
N PHE A 92 13.39 7.91 7.33
CA PHE A 92 14.05 9.21 7.38
C PHE A 92 15.18 9.23 8.42
N ASN A 93 15.87 8.10 8.56
CA ASN A 93 16.98 8.02 9.51
C ASN A 93 18.30 8.20 8.78
N ILE A 94 19.22 8.93 9.40
CA ILE A 94 20.53 9.20 8.82
C ILE A 94 21.30 7.92 8.50
N THR A 95 21.04 6.87 9.27
CA THR A 95 21.71 5.60 9.08
C THR A 95 21.21 4.85 7.84
N ASN A 96 20.07 5.27 7.32
CA ASN A 96 19.48 4.63 6.16
C ASN A 96 19.80 5.40 4.88
N GLY A 97 20.23 6.66 5.03
CA GLY A 97 20.57 7.46 3.89
C GLY A 97 19.93 8.83 3.90
N ALA A 98 19.13 9.11 4.93
CA ALA A 98 18.47 10.40 5.05
C ALA A 98 19.50 11.49 5.34
N ARG A 99 19.33 12.64 4.70
CA ARG A 99 20.27 13.73 4.88
C ARG A 99 19.73 14.79 5.84
N LYS A 100 20.63 15.58 6.41
CA LYS A 100 20.26 16.63 7.34
C LYS A 100 20.01 17.94 6.57
N ASN A 101 19.11 18.77 7.12
CA ASN A 101 18.73 20.06 6.55
C ASN A 101 17.80 19.89 5.35
N ALA A 102 17.87 18.74 4.70
CA ALA A 102 17.03 18.46 3.55
C ALA A 102 15.57 18.31 3.97
N PHE A 103 14.66 18.69 3.08
CA PHE A 103 13.22 18.64 3.35
C PHE A 103 12.70 17.20 3.36
N LYS A 104 11.73 16.93 4.20
CA LYS A 104 11.14 15.61 4.30
C LYS A 104 9.78 15.57 3.61
N ILE A 105 9.65 14.72 2.60
CA ILE A 105 8.38 14.59 1.88
C ILE A 105 7.94 13.13 1.84
N LEU A 106 6.72 12.89 2.31
CA LEU A 106 6.18 11.55 2.34
C LEU A 106 4.92 11.43 1.49
N VAL A 107 4.97 10.55 0.49
CA VAL A 107 3.84 10.31 -0.38
C VAL A 107 3.13 9.04 0.08
N VAL A 108 1.91 9.20 0.59
CA VAL A 108 1.15 8.07 1.10
C VAL A 108 0.07 7.64 0.10
N ILE A 109 0.21 6.42 -0.40
CA ILE A 109 -0.75 5.86 -1.33
C ILE A 109 -1.48 4.71 -0.67
N THR A 110 -2.56 5.02 0.03
CA THR A 110 -3.34 4.01 0.72
C THR A 110 -4.68 3.79 0.06
N ASP A 111 -5.33 2.69 0.43
CA ASP A 111 -6.62 2.34 -0.13
C ASP A 111 -7.71 3.29 0.37
N GLY A 112 -7.52 3.83 1.58
CA GLY A 112 -8.48 4.75 2.13
C GLY A 112 -8.98 4.32 3.49
N GLU A 113 -9.06 3.03 3.68
CA GLU A 113 -9.53 2.46 4.93
C GLU A 113 -8.39 1.81 5.71
N LYS A 114 -8.02 2.44 6.82
CA LYS A 114 -6.97 1.92 7.68
C LYS A 114 -7.57 0.89 8.66
N PHE A 115 -7.81 -0.32 8.17
CA PHE A 115 -8.38 -1.36 9.02
C PHE A 115 -7.31 -2.30 9.56
N GLY A 116 -7.41 -2.61 10.85
CA GLY A 116 -6.47 -3.51 11.48
C GLY A 116 -5.29 -2.81 12.12
N ASP A 117 -5.23 -1.49 11.98
CA ASP A 117 -4.13 -0.72 12.58
C ASP A 117 -4.46 -0.36 14.02
N PRO A 118 -3.60 -0.77 14.96
CA PRO A 118 -3.81 -0.49 16.39
C PRO A 118 -3.53 0.96 16.76
N LEU A 119 -2.84 1.68 15.89
CA LEU A 119 -2.52 3.08 16.14
C LEU A 119 -3.44 3.99 15.35
N GLY A 120 -3.72 5.16 15.90
CA GLY A 120 -4.55 6.11 15.22
C GLY A 120 -3.71 7.13 14.49
N TYR A 121 -4.35 8.09 13.86
CA TYR A 121 -3.62 9.12 13.14
C TYR A 121 -3.17 10.19 14.12
N GLU A 122 -3.91 10.30 15.21
CA GLU A 122 -3.61 11.27 16.25
C GLU A 122 -2.33 10.89 16.98
N ASP A 123 -1.93 9.64 16.85
CA ASP A 123 -0.72 9.15 17.49
C ASP A 123 0.51 9.30 16.58
N VAL A 124 0.29 9.58 15.31
CA VAL A 124 1.42 9.68 14.38
C VAL A 124 1.51 11.02 13.67
N ILE A 125 0.38 11.69 13.45
CA ILE A 125 0.38 12.99 12.77
C ILE A 125 1.18 14.03 13.56
N PRO A 126 0.93 14.20 14.89
CA PRO A 126 1.69 15.18 15.71
C PRO A 126 3.20 14.89 15.71
N GLU A 127 3.57 13.67 15.34
CA GLU A 127 4.97 13.29 15.29
C GLU A 127 5.57 13.69 13.95
N ALA A 128 4.89 13.34 12.87
CA ALA A 128 5.35 13.66 11.52
C ALA A 128 5.39 15.17 11.29
N ASP A 129 4.53 15.91 11.98
CA ASP A 129 4.50 17.36 11.82
C ASP A 129 5.67 18.01 12.55
N ARG A 130 6.12 17.40 13.63
CA ARG A 130 7.23 17.94 14.41
C ARG A 130 8.56 17.73 13.68
N GLU A 131 8.75 16.54 13.14
CA GLU A 131 10.00 16.22 12.42
C GLU A 131 10.06 16.96 11.08
N GLY A 132 8.99 17.68 10.76
CA GLY A 132 8.93 18.45 9.52
C GLY A 132 8.76 17.57 8.30
N VAL A 133 7.80 16.67 8.35
CA VAL A 133 7.56 15.77 7.25
C VAL A 133 6.29 16.17 6.48
N ILE A 134 6.49 16.68 5.26
CA ILE A 134 5.38 17.08 4.40
C ILE A 134 4.64 15.84 3.92
N ARG A 135 3.32 15.85 3.98
CA ARG A 135 2.54 14.70 3.57
C ARG A 135 1.71 14.95 2.31
N TYR A 136 1.78 13.99 1.40
CA TYR A 136 1.02 14.03 0.16
C TYR A 136 0.24 12.73 0.05
N VAL A 137 -1.08 12.83 -0.11
CA VAL A 137 -1.89 11.63 -0.18
C VAL A 137 -2.46 11.40 -1.58
N ILE A 138 -2.32 10.17 -2.05
CA ILE A 138 -2.84 9.78 -3.34
C ILE A 138 -3.92 8.72 -3.14
N GLY A 139 -5.16 9.08 -3.42
CA GLY A 139 -6.26 8.17 -3.23
C GLY A 139 -6.48 7.21 -4.38
N VAL A 140 -6.74 5.96 -4.04
CA VAL A 140 -6.98 4.92 -5.03
C VAL A 140 -8.33 4.26 -4.78
N GLY A 141 -8.74 3.38 -5.70
CA GLY A 141 -10.00 2.67 -5.57
C GLY A 141 -11.21 3.54 -5.25
N ASP A 142 -11.74 3.39 -4.05
CA ASP A 142 -12.92 4.12 -3.61
C ASP A 142 -12.59 5.14 -2.53
N ALA A 143 -11.33 5.54 -2.45
CA ALA A 143 -10.89 6.49 -1.43
C ALA A 143 -11.58 7.86 -1.58
N PHE A 144 -12.23 8.10 -2.71
CA PHE A 144 -12.91 9.36 -2.94
C PHE A 144 -14.42 9.16 -3.07
N ARG A 145 -14.86 7.91 -2.98
CA ARG A 145 -16.28 7.62 -3.13
C ARG A 145 -16.98 7.44 -1.78
N SER A 146 -16.20 7.40 -0.71
CA SER A 146 -16.74 7.25 0.62
C SER A 146 -16.30 8.41 1.51
N GLU A 147 -17.18 8.83 2.41
CA GLU A 147 -16.90 9.93 3.31
C GLU A 147 -15.78 9.56 4.28
N LYS A 148 -15.78 8.31 4.72
CA LYS A 148 -14.79 7.83 5.67
C LYS A 148 -13.39 7.83 5.07
N SER A 149 -13.27 7.48 3.80
CA SER A 149 -11.97 7.44 3.17
C SER A 149 -11.55 8.85 2.75
N ARG A 150 -12.50 9.67 2.33
CA ARG A 150 -12.20 11.04 1.91
C ARG A 150 -11.58 11.83 3.05
N GLN A 151 -12.28 11.88 4.19
CA GLN A 151 -11.80 12.60 5.35
C GLN A 151 -10.51 11.98 5.87
N GLU A 152 -10.38 10.68 5.69
CA GLU A 152 -9.18 9.97 6.13
C GLU A 152 -7.96 10.55 5.41
N LEU A 153 -8.10 10.76 4.11
CA LEU A 153 -7.02 11.32 3.30
C LEU A 153 -6.71 12.75 3.74
N ASN A 154 -7.75 13.49 4.09
CA ASN A 154 -7.60 14.87 4.53
C ASN A 154 -6.94 14.97 5.89
N THR A 155 -6.90 13.87 6.62
CA THR A 155 -6.29 13.83 7.94
C THR A 155 -4.79 13.53 7.83
N ILE A 156 -4.40 12.87 6.75
CA ILE A 156 -3.01 12.52 6.53
C ILE A 156 -2.28 13.62 5.78
N ALA A 157 -2.96 14.24 4.82
CA ALA A 157 -2.37 15.29 4.01
C ALA A 157 -2.21 16.58 4.82
N SER A 158 -1.08 17.25 4.62
CA SER A 158 -0.81 18.50 5.31
C SER A 158 -1.79 19.58 4.87
N LYS A 159 -2.15 20.47 5.78
CA LYS A 159 -3.09 21.53 5.47
C LYS A 159 -2.45 22.56 4.55
N PRO A 160 -3.18 23.07 3.54
CA PRO A 160 -4.56 22.65 3.28
C PRO A 160 -4.61 21.28 2.59
N PRO A 161 -5.48 20.38 3.08
CA PRO A 161 -5.62 19.02 2.55
C PRO A 161 -6.02 19.00 1.07
N ARG A 162 -6.82 19.97 0.65
CA ARG A 162 -7.28 20.04 -0.73
C ARG A 162 -6.11 20.14 -1.72
N ASP A 163 -5.07 20.86 -1.31
CA ASP A 163 -3.91 21.05 -2.16
C ASP A 163 -2.84 20.01 -1.86
N HIS A 164 -3.24 18.92 -1.21
CA HIS A 164 -2.30 17.86 -0.85
C HIS A 164 -2.92 16.48 -1.03
N VAL A 165 -4.11 16.43 -1.62
CA VAL A 165 -4.80 15.17 -1.86
C VAL A 165 -5.10 15.04 -3.35
N PHE A 166 -4.48 14.06 -4.00
CA PHE A 166 -4.68 13.86 -5.42
C PHE A 166 -5.17 12.44 -5.71
N GLN A 167 -5.66 12.25 -6.93
CA GLN A 167 -6.17 10.96 -7.36
C GLN A 167 -5.09 10.17 -8.08
N VAL A 168 -5.05 8.86 -7.87
CA VAL A 168 -4.06 8.00 -8.51
C VAL A 168 -4.24 7.96 -10.02
N ASN A 169 -5.45 8.27 -10.48
CA ASN A 169 -5.75 8.27 -11.90
C ASN A 169 -5.55 9.66 -12.48
N ASN A 170 -5.07 10.58 -11.65
CA ASN A 170 -4.81 11.95 -12.09
C ASN A 170 -3.35 12.08 -12.50
N PHE A 171 -3.10 12.00 -13.79
CA PHE A 171 -1.75 12.10 -14.32
C PHE A 171 -1.18 13.52 -14.15
N GLU A 172 -2.05 14.51 -14.23
CA GLU A 172 -1.63 15.91 -14.09
C GLU A 172 -1.18 16.22 -12.67
N ALA A 173 -1.55 15.36 -11.72
CA ALA A 173 -1.19 15.55 -10.32
C ALA A 173 0.32 15.60 -10.12
N LEU A 174 1.05 14.82 -10.91
CA LEU A 174 2.50 14.77 -10.80
C LEU A 174 3.12 16.13 -11.12
N LYS A 175 2.60 16.79 -12.16
CA LYS A 175 3.10 18.10 -12.53
C LYS A 175 2.70 19.13 -11.48
N THR A 176 1.55 18.89 -10.84
CA THR A 176 1.05 19.77 -9.80
C THR A 176 1.92 19.69 -8.55
N ILE A 177 2.23 18.48 -8.10
CA ILE A 177 3.06 18.28 -6.92
C ILE A 177 4.46 18.83 -7.16
N GLN A 178 5.00 18.54 -8.35
CA GLN A 178 6.33 19.02 -8.73
C GLN A 178 6.35 20.55 -8.77
N ASN A 179 5.17 21.14 -8.96
CA ASN A 179 5.05 22.59 -9.00
C ASN A 179 5.12 23.16 -7.59
N GLN A 180 4.32 22.58 -6.68
CA GLN A 180 4.30 23.02 -5.29
C GLN A 180 5.65 22.74 -4.61
N LEU A 181 6.36 21.73 -5.11
CA LEU A 181 7.67 21.36 -4.57
C LEU A 181 8.68 22.48 -4.75
N ARG A 182 8.34 23.46 -5.57
CA ARG A 182 9.24 24.57 -5.81
C ARG A 182 9.05 25.65 -4.74
N GLU A 183 7.86 25.69 -4.16
CA GLU A 183 7.53 26.66 -3.11
C GLU A 183 7.58 25.98 -1.74
N LYS A 184 8.42 24.94 -1.65
CA LYS A 184 8.59 24.18 -0.40
C LYS A 184 8.79 25.10 0.80
N ASN B 1 -15.41 -27.01 22.12
CA ASN B 1 -14.89 -25.88 21.38
C ASN B 1 -15.62 -24.61 21.79
N TRP B 2 -14.87 -23.55 22.04
CA TRP B 2 -15.45 -22.27 22.44
C TRP B 2 -15.13 -21.19 21.42
N LYS B 3 -14.73 -21.61 20.23
CA LYS B 3 -14.41 -20.68 19.17
C LYS B 3 -15.68 -20.28 18.44
N LYS B 4 -15.87 -18.99 18.23
CA LYS B 4 -17.06 -18.48 17.57
C LYS B 4 -16.96 -18.59 16.04
N GLN B 5 -16.77 -17.46 15.37
CA GLN B 5 -16.69 -17.44 13.92
C GLN B 5 -15.84 -16.28 13.44
N PHE B 6 -15.72 -16.16 12.13
CA PHE B 6 -14.94 -15.10 11.50
C PHE B 6 -15.87 -13.99 11.01
N GLY B 7 -15.33 -13.07 10.22
CA GLY B 7 -16.12 -11.98 9.69
C GLY B 7 -17.01 -12.44 8.55
N ALA B 8 -18.32 -12.35 8.73
CA ALA B 8 -19.27 -12.77 7.72
C ALA B 8 -19.57 -11.64 6.73
N GLU B 9 -18.90 -10.51 6.93
CA GLU B 9 -19.10 -9.34 6.08
C GLU B 9 -18.37 -9.49 4.75
N CYS B 10 -17.81 -10.66 4.51
CA CYS B 10 -17.08 -10.93 3.27
C CYS B 10 -17.79 -12.01 2.46
N LYS B 11 -17.92 -11.78 1.16
CA LYS B 11 -18.59 -12.73 0.28
C LYS B 11 -17.72 -13.96 0.01
N TYR B 12 -18.00 -15.03 0.76
CA TYR B 12 -17.27 -16.28 0.62
C TYR B 12 -18.07 -17.32 -0.13
N GLN B 13 -17.39 -18.42 -0.48
CA GLN B 13 -18.01 -19.53 -1.17
C GLN B 13 -17.59 -20.83 -0.51
N PHE B 14 -18.52 -21.47 0.16
CA PHE B 14 -18.25 -22.72 0.86
C PHE B 14 -18.33 -23.91 -0.09
N GLN B 15 -17.20 -24.55 -0.32
CA GLN B 15 -17.13 -25.70 -1.21
C GLN B 15 -16.44 -26.87 -0.53
N ALA B 16 -16.69 -28.07 -1.04
CA ALA B 16 -16.09 -29.32 -0.53
C ALA B 16 -16.39 -29.56 0.95
N TRP B 17 -17.29 -30.50 1.22
CA TRP B 17 -17.64 -30.84 2.59
C TRP B 17 -16.61 -31.80 3.17
N GLY B 18 -15.84 -32.43 2.28
CA GLY B 18 -14.79 -33.35 2.69
C GLY B 18 -15.30 -34.64 3.32
N GLU B 19 -14.39 -35.61 3.43
CA GLU B 19 -14.71 -36.88 4.04
C GLU B 19 -14.86 -36.70 5.54
N CYS B 20 -15.79 -37.43 6.12
CA CYS B 20 -16.02 -37.34 7.56
C CYS B 20 -14.91 -38.05 8.31
N ASP B 21 -14.20 -37.31 9.14
CA ASP B 21 -13.12 -37.89 9.93
C ASP B 21 -13.71 -38.80 10.99
N LEU B 22 -13.39 -40.09 10.88
CA LEU B 22 -13.91 -41.08 11.81
C LEU B 22 -13.12 -41.09 13.12
N ASN B 23 -12.27 -40.08 13.30
CA ASN B 23 -11.48 -39.96 14.51
C ASN B 23 -12.15 -38.96 15.46
N THR B 24 -12.35 -37.74 14.97
CA THR B 24 -12.98 -36.70 15.78
C THR B 24 -14.50 -36.70 15.59
N ALA B 25 -14.96 -37.45 14.57
CA ALA B 25 -16.38 -37.56 14.25
C ALA B 25 -16.93 -36.23 13.75
N LEU B 26 -16.08 -35.46 13.10
CA LEU B 26 -16.48 -34.17 12.56
C LEU B 26 -16.13 -34.08 11.08
N LYS B 27 -16.61 -33.04 10.42
CA LYS B 27 -16.34 -32.82 9.01
C LYS B 27 -15.97 -31.36 8.79
N THR B 28 -15.02 -31.12 7.92
CA THR B 28 -14.55 -29.76 7.66
C THR B 28 -14.82 -29.30 6.23
N ARG B 29 -15.39 -28.11 6.11
CA ARG B 29 -15.70 -27.52 4.81
C ARG B 29 -14.79 -26.31 4.59
N THR B 30 -14.47 -26.01 3.33
CA THR B 30 -13.60 -24.90 3.02
C THR B 30 -14.35 -23.75 2.34
N GLY B 31 -14.09 -22.53 2.78
CA GLY B 31 -14.73 -21.36 2.20
C GLY B 31 -13.71 -20.49 1.50
N SER B 32 -13.92 -20.23 0.22
CA SER B 32 -12.99 -19.44 -0.56
C SER B 32 -13.54 -18.04 -0.85
N LEU B 33 -12.68 -17.04 -0.70
CA LEU B 33 -13.04 -15.66 -0.96
C LEU B 33 -13.08 -15.42 -2.47
N LYS B 34 -14.15 -14.81 -2.94
CA LYS B 34 -14.30 -14.56 -4.37
C LYS B 34 -14.28 -13.06 -4.68
N ARG B 35 -14.59 -12.24 -3.69
CA ARG B 35 -14.60 -10.80 -3.88
C ARG B 35 -14.54 -10.07 -2.54
N ALA B 36 -13.65 -9.11 -2.43
CA ALA B 36 -13.50 -8.32 -1.22
C ALA B 36 -13.90 -6.88 -1.48
N LEU B 37 -13.74 -6.01 -0.48
CA LEU B 37 -14.08 -4.61 -0.61
C LEU B 37 -13.03 -3.75 0.07
N HIS B 38 -13.10 -2.44 -0.14
CA HIS B 38 -12.14 -1.51 0.46
C HIS B 38 -12.24 -1.55 1.98
N ASN B 39 -13.46 -1.48 2.49
CA ASN B 39 -13.69 -1.53 3.93
C ASN B 39 -13.82 -2.98 4.40
N ALA B 40 -13.16 -3.90 3.69
CA ALA B 40 -13.23 -5.32 4.05
C ALA B 40 -12.00 -6.07 3.54
N GLU B 41 -10.93 -6.04 4.31
CA GLU B 41 -9.70 -6.76 3.96
C GLU B 41 -9.69 -8.12 4.65
N CYS B 42 -10.44 -9.06 4.08
CA CYS B 42 -10.55 -10.40 4.62
C CYS B 42 -9.52 -11.34 4.01
N GLN B 43 -9.50 -12.58 4.50
CA GLN B 43 -8.57 -13.59 4.01
C GLN B 43 -9.06 -14.18 2.69
N LYS B 44 -8.22 -14.97 2.06
CA LYS B 44 -8.55 -15.59 0.78
C LYS B 44 -9.27 -16.93 0.96
N THR B 45 -9.10 -17.54 2.12
CA THR B 45 -9.72 -18.83 2.38
C THR B 45 -9.97 -19.03 3.88
N VAL B 46 -11.06 -19.72 4.20
CA VAL B 46 -11.41 -20.01 5.58
C VAL B 46 -11.78 -21.48 5.72
N THR B 47 -11.77 -21.97 6.95
CA THR B 47 -12.09 -23.36 7.22
C THR B 47 -13.08 -23.46 8.38
N ILE B 48 -14.04 -24.36 8.25
CA ILE B 48 -15.04 -24.54 9.29
C ILE B 48 -15.38 -26.03 9.45
N SER B 49 -15.34 -26.50 10.69
CA SER B 49 -15.62 -27.89 10.98
C SER B 49 -16.90 -28.02 11.79
N LYS B 50 -17.70 -29.02 11.47
CA LYS B 50 -18.96 -29.26 12.16
C LYS B 50 -19.13 -30.76 12.45
N PRO B 51 -19.95 -31.11 13.45
CA PRO B 51 -20.20 -32.51 13.81
C PRO B 51 -20.72 -33.32 12.63
N CYS B 52 -20.27 -34.57 12.51
CA CYS B 52 -20.69 -35.44 11.43
C CYS B 52 -22.20 -35.71 11.48
N GLY B 53 -22.78 -35.51 12.66
CA GLY B 53 -24.21 -35.74 12.83
C GLY B 53 -25.04 -34.66 12.15
N LYS B 54 -24.36 -33.64 11.62
CA LYS B 54 -25.00 -32.54 10.91
C LYS B 54 -25.94 -31.76 11.83
N LEU B 55 -25.38 -31.19 12.89
CA LEU B 55 -26.18 -30.41 13.83
C LEU B 55 -26.00 -28.93 13.52
N THR B 56 -27.09 -28.19 13.55
CA THR B 56 -27.06 -26.77 13.27
C THR B 56 -27.85 -25.99 14.31
N LYS B 57 -27.15 -25.14 15.05
CA LYS B 57 -27.79 -24.34 16.09
C LYS B 57 -27.44 -22.87 15.93
MG MG C . -6.15 -1.45 2.88
N ASP A 1 19.47 13.99 -8.58
CA ASP A 1 18.70 15.20 -8.32
C ASP A 1 17.25 14.88 -8.01
N SER A 2 16.83 13.65 -8.29
CA SER A 2 15.45 13.25 -8.05
C SER A 2 15.33 11.87 -7.41
N ASP A 3 15.28 11.85 -6.08
CA ASP A 3 15.10 10.61 -5.33
C ASP A 3 13.62 10.30 -5.26
N ILE A 4 13.16 9.29 -6.02
CA ILE A 4 11.75 8.93 -6.01
C ILE A 4 11.53 7.57 -5.37
N ALA A 5 10.57 7.50 -4.46
CA ALA A 5 10.25 6.25 -3.78
C ALA A 5 8.76 5.96 -3.90
N PHE A 6 8.42 4.69 -4.02
CA PHE A 6 7.03 4.27 -4.15
C PHE A 6 6.53 3.51 -2.92
N LEU A 7 5.36 3.90 -2.45
CA LEU A 7 4.72 3.26 -1.31
C LEU A 7 3.32 2.86 -1.71
N ILE A 8 3.17 1.63 -2.17
CA ILE A 8 1.87 1.13 -2.63
C ILE A 8 1.19 0.24 -1.60
N ASP A 9 -0.12 0.42 -1.45
CA ASP A 9 -0.95 -0.37 -0.53
C ASP A 9 -1.24 -1.71 -1.18
N GLY A 10 -0.99 -2.78 -0.46
CA GLY A 10 -1.24 -4.08 -1.01
C GLY A 10 -2.05 -4.95 -0.07
N SER A 11 -2.97 -4.33 0.66
CA SER A 11 -3.79 -5.07 1.59
C SER A 11 -4.93 -5.80 0.88
N GLY A 12 -5.75 -6.45 1.66
CA GLY A 12 -6.86 -7.24 1.14
C GLY A 12 -7.93 -6.41 0.47
N SER A 13 -7.85 -5.10 0.61
CA SER A 13 -8.84 -4.24 0.00
C SER A 13 -8.43 -3.90 -1.42
N ILE A 14 -7.21 -4.27 -1.77
CA ILE A 14 -6.70 -4.01 -3.10
C ILE A 14 -7.00 -5.19 -4.01
N ILE A 15 -7.88 -4.98 -4.97
CA ILE A 15 -8.27 -6.02 -5.91
C ILE A 15 -7.10 -6.30 -6.85
N PRO A 16 -6.80 -7.60 -7.10
CA PRO A 16 -5.71 -8.02 -7.99
C PRO A 16 -5.61 -7.18 -9.27
N HIS A 17 -6.77 -6.80 -9.81
CA HIS A 17 -6.86 -5.99 -11.02
C HIS A 17 -6.20 -4.63 -10.82
N ASP A 18 -6.45 -4.02 -9.68
CA ASP A 18 -5.91 -2.70 -9.37
C ASP A 18 -4.46 -2.80 -8.96
N PHE A 19 -4.13 -3.86 -8.23
CA PHE A 19 -2.75 -4.09 -7.81
C PHE A 19 -1.87 -4.21 -9.04
N ARG A 20 -2.40 -4.85 -10.07
CA ARG A 20 -1.69 -5.02 -11.33
C ARG A 20 -1.46 -3.66 -11.97
N ARG A 21 -2.51 -2.82 -11.94
CA ARG A 21 -2.43 -1.49 -12.51
C ARG A 21 -1.41 -0.64 -11.77
N MET A 22 -1.30 -0.87 -10.46
CA MET A 22 -0.33 -0.16 -9.64
C MET A 22 1.07 -0.43 -10.15
N LYS A 23 1.37 -1.72 -10.34
CA LYS A 23 2.67 -2.15 -10.82
C LYS A 23 2.94 -1.58 -12.20
N GLU A 24 1.94 -1.64 -13.07
CA GLU A 24 2.06 -1.12 -14.43
C GLU A 24 2.33 0.38 -14.38
N PHE A 25 1.59 1.08 -13.52
CA PHE A 25 1.75 2.51 -13.36
C PHE A 25 3.16 2.85 -12.89
N VAL A 26 3.62 2.13 -11.87
CA VAL A 26 4.96 2.33 -11.33
C VAL A 26 6.03 2.12 -12.40
N SER A 27 5.91 1.05 -13.17
CA SER A 27 6.86 0.75 -14.23
C SER A 27 6.87 1.85 -15.27
N THR A 28 5.67 2.29 -15.66
CA THR A 28 5.54 3.35 -16.66
C THR A 28 6.17 4.65 -16.16
N VAL A 29 6.03 4.91 -14.86
CA VAL A 29 6.61 6.10 -14.26
C VAL A 29 8.13 6.03 -14.31
N MET A 30 8.67 4.84 -14.04
CA MET A 30 10.11 4.63 -14.05
C MET A 30 10.66 4.61 -15.48
N GLU A 31 9.79 4.30 -16.44
CA GLU A 31 10.19 4.25 -17.84
C GLU A 31 10.05 5.63 -18.49
N GLN A 32 9.16 6.45 -17.92
CA GLN A 32 8.92 7.79 -18.44
C GLN A 32 9.85 8.82 -17.79
N LEU A 33 10.02 8.71 -16.48
CA LEU A 33 10.88 9.65 -15.75
C LEU A 33 12.28 9.08 -15.60
N LYS A 34 12.72 8.35 -16.60
CA LYS A 34 14.03 7.74 -16.59
C LYS A 34 15.12 8.78 -16.86
N LYS A 35 15.57 9.44 -15.81
CA LYS A 35 16.63 10.45 -15.92
C LYS A 35 17.96 9.86 -15.49
N SER A 36 19.05 10.47 -15.95
CA SER A 36 20.39 10.00 -15.63
C SER A 36 20.78 10.26 -14.17
N LYS A 37 19.94 10.98 -13.45
CA LYS A 37 20.24 11.30 -12.06
C LYS A 37 19.01 11.06 -11.18
N THR A 38 18.15 10.15 -11.60
CA THR A 38 16.95 9.85 -10.85
C THR A 38 16.91 8.37 -10.44
N LEU A 39 17.00 8.12 -9.14
CA LEU A 39 16.95 6.76 -8.63
C LEU A 39 15.54 6.45 -8.13
N PHE A 40 15.22 5.18 -8.01
CA PHE A 40 13.90 4.77 -7.56
C PHE A 40 13.97 3.72 -6.46
N SER A 41 12.88 3.57 -5.74
CA SER A 41 12.77 2.59 -4.67
C SER A 41 11.30 2.26 -4.49
N LEU A 42 11.00 1.06 -4.06
CA LEU A 42 9.61 0.67 -3.87
C LEU A 42 9.43 -0.22 -2.66
N MET A 43 8.43 0.12 -1.87
CA MET A 43 8.08 -0.64 -0.68
C MET A 43 6.57 -0.85 -0.65
N GLN A 44 6.15 -2.10 -0.58
CA GLN A 44 4.73 -2.42 -0.52
C GLN A 44 4.37 -2.63 0.94
N TYR A 45 3.17 -2.25 1.33
CA TYR A 45 2.78 -2.40 2.71
C TYR A 45 1.36 -2.93 2.88
N SER A 46 1.16 -3.50 4.05
CA SER A 46 -0.11 -4.05 4.50
C SER A 46 -0.05 -3.94 6.01
N GLU A 47 0.03 -5.06 6.70
CA GLU A 47 0.23 -5.03 8.13
C GLU A 47 1.74 -5.05 8.34
N GLU A 48 2.44 -5.51 7.29
CA GLU A 48 3.89 -5.59 7.30
C GLU A 48 4.45 -4.59 6.28
N PHE A 49 5.75 -4.64 6.04
CA PHE A 49 6.41 -3.74 5.12
C PHE A 49 7.48 -4.49 4.35
N ARG A 50 7.33 -4.56 3.03
CA ARG A 50 8.29 -5.28 2.22
C ARG A 50 8.95 -4.38 1.19
N ILE A 51 10.25 -4.20 1.33
CA ILE A 51 11.02 -3.41 0.39
C ILE A 51 11.44 -4.32 -0.75
N HIS A 52 11.11 -3.95 -1.97
CA HIS A 52 11.44 -4.77 -3.12
C HIS A 52 12.77 -4.38 -3.72
N PHE A 53 13.10 -3.10 -3.62
CA PHE A 53 14.36 -2.60 -4.12
C PHE A 53 14.62 -1.20 -3.60
N THR A 54 15.84 -1.00 -3.11
CA THR A 54 16.25 0.28 -2.59
C THR A 54 16.91 1.12 -3.69
N PHE A 55 17.32 2.34 -3.34
CA PHE A 55 17.96 3.23 -4.31
C PHE A 55 19.26 2.62 -4.81
N LYS A 56 19.89 1.80 -3.97
CA LYS A 56 21.15 1.16 -4.32
C LYS A 56 20.93 0.06 -5.36
N GLU A 57 19.94 -0.79 -5.10
CA GLU A 57 19.64 -1.90 -6.00
C GLU A 57 19.24 -1.38 -7.38
N PHE A 58 18.45 -0.30 -7.39
CA PHE A 58 18.02 0.30 -8.64
C PHE A 58 19.22 0.89 -9.39
N GLN A 59 20.24 1.29 -8.62
CA GLN A 59 21.44 1.84 -9.19
C GLN A 59 22.30 0.73 -9.80
N ASN A 60 22.05 -0.49 -9.36
CA ASN A 60 22.79 -1.64 -9.84
C ASN A 60 22.05 -2.29 -11.02
N ASN A 61 20.72 -2.29 -10.93
CA ASN A 61 19.88 -2.85 -11.98
C ASN A 61 18.75 -1.87 -12.29
N PRO A 62 18.99 -0.95 -13.24
CA PRO A 62 18.01 0.08 -13.62
C PRO A 62 16.95 -0.44 -14.59
N ASN A 63 16.40 -1.60 -14.28
CA ASN A 63 15.37 -2.22 -15.10
C ASN A 63 14.05 -2.27 -14.34
N PRO A 64 13.19 -1.25 -14.54
CA PRO A 64 11.90 -1.14 -13.84
C PRO A 64 11.02 -2.38 -14.02
N ARG A 65 10.91 -2.84 -15.25
CA ARG A 65 10.07 -3.99 -15.58
C ARG A 65 10.56 -5.26 -14.89
N SER A 66 11.85 -5.35 -14.64
CA SER A 66 12.42 -6.54 -14.00
C SER A 66 12.29 -6.48 -12.48
N LEU A 67 12.10 -5.28 -11.93
CA LEU A 67 11.99 -5.11 -10.48
C LEU A 67 10.53 -5.14 -10.03
N VAL A 68 9.64 -4.79 -10.94
CA VAL A 68 8.22 -4.75 -10.62
C VAL A 68 7.50 -6.06 -11.00
N LYS A 69 8.10 -6.83 -11.89
CA LYS A 69 7.51 -8.09 -12.33
C LYS A 69 7.35 -9.12 -11.19
N PRO A 70 8.41 -9.38 -10.37
CA PRO A 70 8.33 -10.38 -9.28
C PRO A 70 7.57 -9.89 -8.05
N ILE A 71 7.13 -8.63 -8.07
CA ILE A 71 6.40 -8.06 -6.95
C ILE A 71 5.04 -8.73 -6.77
N THR A 72 4.87 -9.40 -5.65
CA THR A 72 3.62 -10.10 -5.34
C THR A 72 2.79 -9.29 -4.33
N GLN A 73 1.50 -9.56 -4.26
CA GLN A 73 0.62 -8.83 -3.34
C GLN A 73 0.68 -9.45 -1.95
N LEU A 74 0.86 -8.61 -0.94
CA LEU A 74 0.96 -9.07 0.44
C LEU A 74 -0.40 -9.44 1.03
N LEU A 75 -1.43 -8.66 0.71
CA LEU A 75 -2.78 -8.87 1.21
C LEU A 75 -2.81 -8.63 2.72
N GLY A 76 -3.88 -9.06 3.37
CA GLY A 76 -3.98 -8.87 4.79
C GLY A 76 -4.72 -7.60 5.17
N ARG A 77 -4.20 -6.92 6.17
CA ARG A 77 -4.81 -5.70 6.68
C ARG A 77 -3.99 -4.47 6.31
N THR A 78 -4.32 -3.33 6.90
CA THR A 78 -3.64 -2.07 6.60
C THR A 78 -2.97 -1.49 7.85
N HIS A 79 -1.79 -0.90 7.68
CA HIS A 79 -1.05 -0.30 8.78
C HIS A 79 -0.51 1.06 8.35
N THR A 80 -1.41 1.93 7.92
CA THR A 80 -1.04 3.26 7.46
C THR A 80 -0.49 4.12 8.59
N ALA A 81 -1.10 4.03 9.77
CA ALA A 81 -0.67 4.83 10.90
C ALA A 81 0.65 4.30 11.44
N THR A 82 0.70 2.99 11.64
CA THR A 82 1.91 2.34 12.12
C THR A 82 3.05 2.60 11.12
N GLY A 83 2.69 2.60 9.83
CA GLY A 83 3.67 2.83 8.78
C GLY A 83 4.24 4.23 8.83
N ILE A 84 3.37 5.23 8.93
CA ILE A 84 3.82 6.63 8.99
C ILE A 84 4.82 6.84 10.11
N ARG A 85 4.52 6.29 11.28
CA ARG A 85 5.39 6.42 12.44
C ARG A 85 6.73 5.75 12.17
N LYS A 86 6.70 4.62 11.49
CA LYS A 86 7.92 3.89 11.16
C LYS A 86 8.74 4.66 10.12
N VAL A 87 8.06 5.26 9.17
CA VAL A 87 8.71 6.02 8.11
C VAL A 87 9.49 7.21 8.67
N VAL A 88 8.88 7.96 9.57
CA VAL A 88 9.52 9.14 10.14
C VAL A 88 10.62 8.78 11.15
N ARG A 89 10.71 7.51 11.54
CA ARG A 89 11.73 7.10 12.51
C ARG A 89 12.83 6.25 11.86
N GLU A 90 12.47 5.39 10.93
CA GLU A 90 13.45 4.52 10.28
C GLU A 90 13.87 5.03 8.90
N LEU A 91 12.89 5.31 8.05
CA LEU A 91 13.18 5.77 6.69
C LEU A 91 13.93 7.09 6.69
N PHE A 92 13.50 8.03 7.53
CA PHE A 92 14.16 9.33 7.62
C PHE A 92 15.25 9.35 8.68
N ASN A 93 15.93 8.23 8.85
CA ASN A 93 17.00 8.15 9.84
C ASN A 93 18.34 8.33 9.15
N ILE A 94 19.23 9.11 9.75
CA ILE A 94 20.55 9.38 9.18
C ILE A 94 21.33 8.09 8.89
N THR A 95 21.09 7.05 9.69
CA THR A 95 21.78 5.79 9.51
C THR A 95 21.30 5.04 8.27
N ASN A 96 20.18 5.47 7.69
CA ASN A 96 19.63 4.82 6.50
C ASN A 96 19.93 5.64 5.25
N GLY A 97 20.53 6.81 5.45
CA GLY A 97 20.86 7.66 4.31
C GLY A 97 20.17 9.00 4.33
N ALA A 98 19.37 9.26 5.36
CA ALA A 98 18.67 10.54 5.45
C ALA A 98 19.65 11.65 5.74
N ARG A 99 19.55 12.73 4.98
CA ARG A 99 20.46 13.84 5.13
C ARG A 99 19.87 14.94 6.02
N LYS A 100 20.76 15.64 6.74
CA LYS A 100 20.34 16.71 7.62
C LYS A 100 20.11 17.99 6.80
N ASN A 101 19.21 18.84 7.30
CA ASN A 101 18.84 20.12 6.67
C ASN A 101 17.93 19.90 5.46
N ALA A 102 18.13 18.80 4.74
CA ALA A 102 17.32 18.47 3.58
C ALA A 102 15.87 18.27 3.98
N PHE A 103 14.96 18.70 3.12
CA PHE A 103 13.53 18.61 3.39
C PHE A 103 13.05 17.16 3.51
N LYS A 104 11.90 16.99 4.13
CA LYS A 104 11.30 15.67 4.33
C LYS A 104 9.94 15.62 3.63
N ILE A 105 9.83 14.77 2.62
CA ILE A 105 8.58 14.62 1.88
C ILE A 105 8.15 13.17 1.89
N LEU A 106 6.89 12.93 2.24
CA LEU A 106 6.36 11.58 2.30
C LEU A 106 5.11 11.43 1.43
N VAL A 107 5.17 10.50 0.49
CA VAL A 107 4.04 10.21 -0.39
C VAL A 107 3.32 8.98 0.13
N VAL A 108 2.07 9.15 0.53
CA VAL A 108 1.29 8.05 1.08
C VAL A 108 0.20 7.58 0.12
N ILE A 109 0.33 6.35 -0.35
CA ILE A 109 -0.66 5.76 -1.23
C ILE A 109 -1.39 4.63 -0.50
N THR A 110 -2.56 4.93 0.03
CA THR A 110 -3.32 3.96 0.78
C THR A 110 -4.63 3.63 0.08
N ASP A 111 -5.26 2.55 0.49
CA ASP A 111 -6.53 2.11 -0.08
C ASP A 111 -7.66 3.07 0.32
N GLY A 112 -7.48 3.75 1.44
CA GLY A 112 -8.46 4.70 1.91
C GLY A 112 -9.04 4.33 3.26
N GLU A 113 -9.24 3.04 3.48
CA GLU A 113 -9.79 2.54 4.72
C GLU A 113 -8.74 1.79 5.53
N LYS A 114 -8.22 2.44 6.57
CA LYS A 114 -7.21 1.85 7.42
C LYS A 114 -7.83 0.86 8.42
N PHE A 115 -7.77 -0.44 8.11
CA PHE A 115 -8.33 -1.44 9.00
C PHE A 115 -7.24 -2.38 9.51
N GLY A 116 -7.31 -2.73 10.79
CA GLY A 116 -6.34 -3.63 11.38
C GLY A 116 -5.18 -2.92 12.03
N ASP A 117 -5.13 -1.61 11.88
CA ASP A 117 -4.06 -0.80 12.47
C ASP A 117 -4.39 -0.44 13.91
N PRO A 118 -3.54 -0.83 14.86
CA PRO A 118 -3.75 -0.54 16.28
C PRO A 118 -3.49 0.92 16.64
N LEU A 119 -2.80 1.63 15.75
CA LEU A 119 -2.48 3.03 15.99
C LEU A 119 -3.40 3.93 15.17
N GLY A 120 -3.71 5.10 15.71
CA GLY A 120 -4.55 6.04 15.02
C GLY A 120 -3.73 7.08 14.30
N TYR A 121 -4.38 8.07 13.72
CA TYR A 121 -3.66 9.11 13.02
C TYR A 121 -3.23 10.19 14.01
N GLU A 122 -3.99 10.32 15.08
CA GLU A 122 -3.70 11.29 16.13
C GLU A 122 -2.42 10.92 16.87
N ASP A 123 -2.02 9.66 16.76
CA ASP A 123 -0.82 9.18 17.42
C ASP A 123 0.43 9.32 16.53
N VAL A 124 0.23 9.58 15.25
CA VAL A 124 1.37 9.67 14.33
C VAL A 124 1.47 11.00 13.60
N ILE A 125 0.34 11.67 13.36
CA ILE A 125 0.35 12.94 12.66
C ILE A 125 1.12 14.01 13.46
N PRO A 126 0.85 14.20 14.78
CA PRO A 126 1.59 15.17 15.60
C PRO A 126 3.09 14.90 15.62
N GLU A 127 3.47 13.66 15.32
CA GLU A 127 4.87 13.27 15.29
C GLU A 127 5.49 13.67 13.96
N ALA A 128 4.83 13.30 12.87
CA ALA A 128 5.31 13.61 11.53
C ALA A 128 5.37 15.11 11.27
N ASP A 129 4.47 15.86 11.91
CA ASP A 129 4.45 17.31 11.74
C ASP A 129 5.60 17.97 12.49
N ARG A 130 6.03 17.36 13.59
CA ARG A 130 7.12 17.92 14.38
C ARG A 130 8.46 17.72 13.69
N GLU A 131 8.67 16.52 13.13
CA GLU A 131 9.92 16.21 12.46
C GLU A 131 10.02 16.94 11.11
N GLY A 132 8.96 17.67 10.78
CA GLY A 132 8.92 18.44 9.56
C GLY A 132 8.77 17.58 8.32
N VAL A 133 7.87 16.61 8.38
CA VAL A 133 7.65 15.70 7.27
C VAL A 133 6.40 16.10 6.48
N ILE A 134 6.61 16.62 5.26
CA ILE A 134 5.50 17.00 4.39
C ILE A 134 4.79 15.75 3.90
N ARG A 135 3.47 15.75 3.86
CA ARG A 135 2.72 14.58 3.43
C ARG A 135 1.87 14.84 2.20
N TYR A 136 1.98 13.91 1.24
CA TYR A 136 1.21 13.93 0.01
C TYR A 136 0.43 12.63 -0.07
N VAL A 137 -0.85 12.70 -0.35
CA VAL A 137 -1.65 11.48 -0.41
C VAL A 137 -2.22 11.23 -1.79
N ILE A 138 -2.10 9.99 -2.23
CA ILE A 138 -2.61 9.56 -3.52
C ILE A 138 -3.70 8.52 -3.28
N GLY A 139 -4.92 8.86 -3.65
CA GLY A 139 -6.04 7.96 -3.42
C GLY A 139 -6.30 7.02 -4.57
N VAL A 140 -6.64 5.78 -4.22
CA VAL A 140 -6.93 4.75 -5.21
C VAL A 140 -8.28 4.10 -4.89
N GLY A 141 -8.74 3.25 -5.80
CA GLY A 141 -10.01 2.55 -5.60
C GLY A 141 -11.19 3.47 -5.33
N ASP A 142 -11.80 3.31 -4.17
CA ASP A 142 -12.97 4.10 -3.79
C ASP A 142 -12.62 5.12 -2.72
N ALA A 143 -11.33 5.42 -2.57
CA ALA A 143 -10.86 6.37 -1.56
C ALA A 143 -11.49 7.76 -1.72
N PHE A 144 -12.01 8.06 -2.90
CA PHE A 144 -12.64 9.35 -3.16
C PHE A 144 -14.16 9.24 -3.17
N ARG A 145 -14.67 8.03 -2.99
CA ARG A 145 -16.11 7.82 -2.99
C ARG A 145 -16.62 7.59 -1.57
N SER A 146 -15.83 6.90 -0.76
CA SER A 146 -16.20 6.63 0.62
C SER A 146 -15.90 7.88 1.46
N GLU A 147 -16.81 8.21 2.36
CA GLU A 147 -16.63 9.37 3.22
C GLU A 147 -15.49 9.16 4.21
N LYS A 148 -15.38 7.94 4.73
CA LYS A 148 -14.35 7.62 5.69
C LYS A 148 -12.98 7.66 5.04
N SER A 149 -12.91 7.28 3.78
CA SER A 149 -11.65 7.28 3.06
C SER A 149 -11.25 8.69 2.65
N ARG A 150 -12.24 9.51 2.28
CA ARG A 150 -11.97 10.88 1.88
C ARG A 150 -11.30 11.64 3.02
N GLN A 151 -11.95 11.63 4.18
CA GLN A 151 -11.43 12.32 5.34
C GLN A 151 -10.11 11.69 5.79
N GLU A 152 -9.96 10.38 5.58
CA GLU A 152 -8.74 9.68 5.96
C GLU A 152 -7.55 10.30 5.23
N LEU A 153 -7.72 10.51 3.92
CA LEU A 153 -6.68 11.09 3.09
C LEU A 153 -6.38 12.53 3.54
N ASN A 154 -7.43 13.26 3.90
CA ASN A 154 -7.28 14.65 4.34
C ASN A 154 -6.61 14.75 5.71
N THR A 155 -6.62 13.66 6.45
CA THR A 155 -6.00 13.64 7.78
C THR A 155 -4.51 13.31 7.67
N ILE A 156 -4.13 12.66 6.58
CA ILE A 156 -2.73 12.31 6.36
C ILE A 156 -2.00 13.44 5.64
N ALA A 157 -2.67 14.01 4.64
CA ALA A 157 -2.08 15.08 3.86
C ALA A 157 -1.91 16.37 4.67
N SER A 158 -0.78 17.03 4.46
CA SER A 158 -0.49 18.28 5.14
C SER A 158 -1.50 19.34 4.73
N LYS A 159 -1.84 20.23 5.66
CA LYS A 159 -2.80 21.28 5.36
C LYS A 159 -2.19 22.36 4.47
N PRO A 160 -2.95 22.87 3.49
CA PRO A 160 -4.33 22.44 3.24
C PRO A 160 -4.37 21.09 2.53
N PRO A 161 -5.23 20.17 3.02
CA PRO A 161 -5.35 18.82 2.45
C PRO A 161 -5.79 18.80 0.99
N ARG A 162 -6.61 19.78 0.60
CA ARG A 162 -7.10 19.87 -0.78
C ARG A 162 -5.96 19.98 -1.78
N ASP A 163 -4.91 20.69 -1.39
CA ASP A 163 -3.77 20.91 -2.26
C ASP A 163 -2.69 19.87 -2.01
N HIS A 164 -3.05 18.78 -1.34
CA HIS A 164 -2.08 17.73 -1.03
C HIS A 164 -2.68 16.33 -1.23
N VAL A 165 -3.89 16.28 -1.79
CA VAL A 165 -4.55 15.01 -2.04
C VAL A 165 -4.86 14.90 -3.54
N PHE A 166 -4.23 13.93 -4.19
CA PHE A 166 -4.43 13.76 -5.61
C PHE A 166 -4.90 12.35 -5.95
N GLN A 167 -5.56 12.23 -7.08
CA GLN A 167 -6.08 10.96 -7.55
C GLN A 167 -5.00 10.20 -8.31
N VAL A 168 -4.96 8.88 -8.12
CA VAL A 168 -3.96 8.04 -8.80
C VAL A 168 -4.20 8.04 -10.30
N ASN A 169 -5.42 8.33 -10.72
CA ASN A 169 -5.75 8.37 -12.13
C ASN A 169 -5.54 9.76 -12.70
N ASN A 170 -5.03 10.67 -11.85
CA ASN A 170 -4.78 12.03 -12.28
C ASN A 170 -3.33 12.18 -12.71
N PHE A 171 -3.10 12.12 -14.00
CA PHE A 171 -1.75 12.22 -14.55
C PHE A 171 -1.21 13.64 -14.39
N GLU A 172 -2.10 14.63 -14.44
CA GLU A 172 -1.71 16.03 -14.31
C GLU A 172 -1.23 16.34 -12.88
N ALA A 173 -1.57 15.47 -11.94
CA ALA A 173 -1.19 15.67 -10.55
C ALA A 173 0.32 15.71 -10.39
N LEU A 174 1.04 14.95 -11.20
CA LEU A 174 2.49 14.92 -11.13
C LEU A 174 3.09 16.29 -11.42
N LYS A 175 2.56 16.96 -12.44
CA LYS A 175 3.05 18.28 -12.80
C LYS A 175 2.65 19.29 -11.73
N THR A 176 1.55 19.00 -11.05
CA THR A 176 1.06 19.86 -9.98
C THR A 176 1.96 19.76 -8.75
N ILE A 177 2.27 18.53 -8.34
CA ILE A 177 3.13 18.32 -7.18
C ILE A 177 4.53 18.88 -7.46
N GLN A 178 5.03 18.61 -8.67
CA GLN A 178 6.33 19.09 -9.10
C GLN A 178 6.37 20.62 -9.11
N ASN A 179 5.19 21.22 -9.18
CA ASN A 179 5.06 22.67 -9.18
C ASN A 179 5.17 23.19 -7.75
N GLN A 180 4.40 22.60 -6.85
CA GLN A 180 4.40 22.99 -5.43
C GLN A 180 5.75 22.72 -4.79
N LEU A 181 6.48 21.74 -5.32
CA LEU A 181 7.80 21.37 -4.80
C LEU A 181 8.80 22.50 -4.97
N ARG A 182 8.44 23.49 -5.77
CA ARG A 182 9.32 24.62 -6.01
C ARG A 182 9.13 25.67 -4.91
N GLU A 183 7.93 25.72 -4.36
CA GLU A 183 7.60 26.67 -3.31
C GLU A 183 7.63 25.98 -1.95
N LYS A 184 8.45 24.93 -1.87
CA LYS A 184 8.61 24.17 -0.63
C LYS A 184 8.84 25.10 0.56
N ASN B 1 -18.84 -25.16 23.14
CA ASN B 1 -18.16 -24.13 22.38
C ASN B 1 -18.70 -22.75 22.75
N TRP B 2 -17.80 -21.80 22.96
CA TRP B 2 -18.20 -20.45 23.32
C TRP B 2 -17.75 -19.44 22.27
N LYS B 3 -17.41 -19.96 21.08
CA LYS B 3 -16.97 -19.10 19.99
C LYS B 3 -18.19 -18.57 19.26
N LYS B 4 -18.19 -17.26 18.99
CA LYS B 4 -19.31 -16.62 18.34
C LYS B 4 -19.25 -16.79 16.82
N GLN B 5 -18.90 -15.72 16.11
CA GLN B 5 -18.84 -15.76 14.66
C GLN B 5 -17.84 -14.74 14.14
N PHE B 6 -17.71 -14.68 12.83
CA PHE B 6 -16.80 -13.76 12.17
C PHE B 6 -17.56 -12.54 11.65
N GLY B 7 -16.90 -11.73 10.83
CA GLY B 7 -17.54 -10.54 10.28
C GLY B 7 -18.49 -10.90 9.15
N ALA B 8 -19.77 -10.62 9.36
CA ALA B 8 -20.80 -10.92 8.35
C ALA B 8 -20.94 -9.78 7.36
N GLU B 9 -20.08 -8.78 7.49
CA GLU B 9 -20.10 -7.60 6.63
C GLU B 9 -19.41 -7.88 5.29
N CYS B 10 -19.14 -9.15 5.02
CA CYS B 10 -18.49 -9.54 3.80
C CYS B 10 -19.34 -10.55 3.03
N LYS B 11 -19.43 -10.38 1.73
CA LYS B 11 -20.22 -11.25 0.87
C LYS B 11 -19.53 -12.60 0.66
N TYR B 12 -19.99 -13.61 1.40
CA TYR B 12 -19.42 -14.94 1.31
C TYR B 12 -20.36 -15.90 0.60
N GLN B 13 -19.82 -17.07 0.27
CA GLN B 13 -20.58 -18.12 -0.38
C GLN B 13 -20.31 -19.43 0.34
N PHE B 14 -21.33 -19.93 1.03
CA PHE B 14 -21.21 -21.17 1.78
C PHE B 14 -21.46 -22.37 0.88
N GLN B 15 -20.43 -23.16 0.65
CA GLN B 15 -20.51 -24.33 -0.21
C GLN B 15 -19.99 -25.56 0.51
N ALA B 16 -20.40 -26.74 0.04
CA ALA B 16 -19.98 -28.03 0.58
C ALA B 16 -20.30 -28.19 2.07
N TRP B 17 -21.31 -28.98 2.37
CA TRP B 17 -21.69 -29.22 3.76
C TRP B 17 -20.80 -30.31 4.36
N GLY B 18 -20.14 -31.06 3.49
CA GLY B 18 -19.22 -32.11 3.91
C GLY B 18 -19.89 -33.29 4.58
N GLU B 19 -19.13 -34.36 4.73
CA GLU B 19 -19.61 -35.57 5.38
C GLU B 19 -19.74 -35.32 6.88
N CYS B 20 -20.75 -35.89 7.48
CA CYS B 20 -20.96 -35.73 8.91
C CYS B 20 -19.94 -36.56 9.68
N ASP B 21 -19.14 -35.90 10.50
CA ASP B 21 -18.14 -36.60 11.29
C ASP B 21 -18.83 -37.40 12.38
N LEU B 22 -18.71 -38.71 12.30
CA LEU B 22 -19.33 -39.60 13.26
C LEU B 22 -18.53 -39.67 14.57
N ASN B 23 -17.57 -38.78 14.72
CA ASN B 23 -16.76 -38.73 15.93
C ASN B 23 -17.27 -37.62 16.85
N THR B 24 -17.32 -36.40 16.33
CA THR B 24 -17.80 -35.26 17.09
C THR B 24 -19.31 -35.06 16.90
N ALA B 25 -19.87 -35.78 15.92
CA ALA B 25 -21.30 -35.71 15.61
C ALA B 25 -21.67 -34.32 15.07
N LEU B 26 -20.72 -33.69 14.40
CA LEU B 26 -20.93 -32.38 13.82
C LEU B 26 -20.59 -32.39 12.34
N LYS B 27 -20.92 -31.32 11.66
CA LYS B 27 -20.64 -31.19 10.23
C LYS B 27 -20.07 -29.80 9.97
N THR B 28 -19.10 -29.71 9.07
CA THR B 28 -18.47 -28.44 8.77
C THR B 28 -18.69 -27.99 7.33
N ARG B 29 -19.08 -26.73 7.18
CA ARG B 29 -19.31 -26.15 5.87
C ARG B 29 -18.25 -25.08 5.61
N THR B 30 -17.90 -24.87 4.35
CA THR B 30 -16.88 -23.89 3.99
C THR B 30 -17.48 -22.69 3.27
N GLY B 31 -17.05 -21.50 3.67
CA GLY B 31 -17.53 -20.28 3.05
C GLY B 31 -16.41 -19.59 2.31
N SER B 32 -16.60 -19.29 1.04
CA SER B 32 -15.58 -18.65 0.24
C SER B 32 -15.93 -17.21 -0.13
N LEU B 33 -14.94 -16.34 -0.03
CA LEU B 33 -15.10 -14.93 -0.36
C LEU B 33 -15.10 -14.77 -1.87
N LYS B 34 -16.09 -14.07 -2.40
CA LYS B 34 -16.19 -13.85 -3.84
C LYS B 34 -15.97 -12.38 -4.19
N ARG B 35 -16.30 -11.50 -3.26
CA ARG B 35 -16.13 -10.06 -3.47
C ARG B 35 -16.20 -9.32 -2.14
N ALA B 36 -15.25 -8.42 -1.91
CA ALA B 36 -15.20 -7.65 -0.68
C ALA B 36 -15.69 -6.22 -0.91
N LEU B 37 -15.91 -5.48 0.17
CA LEU B 37 -16.38 -4.12 0.09
C LEU B 37 -15.35 -3.17 0.68
N HIS B 38 -15.62 -1.86 0.58
CA HIS B 38 -14.72 -0.85 1.11
C HIS B 38 -15.15 -0.46 2.53
N ASN B 39 -14.46 -1.03 3.51
CA ASN B 39 -14.73 -0.77 4.92
C ASN B 39 -13.74 -1.53 5.77
N ALA B 40 -13.50 -2.79 5.40
CA ALA B 40 -12.57 -3.65 6.11
C ALA B 40 -12.09 -4.77 5.19
N GLU B 41 -11.01 -5.42 5.58
CA GLU B 41 -10.45 -6.52 4.80
C GLU B 41 -11.02 -7.86 5.30
N CYS B 42 -11.51 -8.68 4.35
CA CYS B 42 -12.11 -9.97 4.69
C CYS B 42 -11.22 -11.15 4.27
N GLN B 43 -11.39 -12.29 4.95
CA GLN B 43 -10.62 -13.49 4.64
C GLN B 43 -11.17 -14.15 3.38
N LYS B 44 -10.32 -14.89 2.68
CA LYS B 44 -10.71 -15.55 1.44
C LYS B 44 -11.59 -16.78 1.68
N THR B 45 -11.47 -17.38 2.85
CA THR B 45 -12.25 -18.56 3.17
C THR B 45 -12.53 -18.65 4.67
N VAL B 46 -13.70 -19.17 5.01
CA VAL B 46 -14.11 -19.33 6.40
C VAL B 46 -14.65 -20.74 6.61
N THR B 47 -14.63 -21.20 7.84
CA THR B 47 -15.12 -22.52 8.17
C THR B 47 -16.11 -22.45 9.32
N ILE B 48 -17.20 -23.17 9.21
CA ILE B 48 -18.22 -23.17 10.25
C ILE B 48 -18.76 -24.59 10.47
N SER B 49 -18.77 -25.02 11.73
CA SER B 49 -19.23 -26.35 12.07
C SER B 49 -20.52 -26.27 12.89
N LYS B 50 -21.46 -27.16 12.58
CA LYS B 50 -22.73 -27.21 13.28
C LYS B 50 -23.10 -28.65 13.61
N PRO B 51 -23.95 -28.86 14.64
CA PRO B 51 -24.38 -30.20 15.04
C PRO B 51 -25.03 -30.97 13.89
N CYS B 52 -24.74 -32.26 13.81
CA CYS B 52 -25.28 -33.10 12.73
C CYS B 52 -26.81 -33.17 12.81
N GLY B 53 -27.36 -32.85 13.98
CA GLY B 53 -28.80 -32.87 14.15
C GLY B 53 -29.48 -31.70 13.45
N LYS B 54 -28.67 -30.82 12.89
CA LYS B 54 -29.16 -29.65 12.15
C LYS B 54 -29.98 -28.72 13.05
N LEU B 55 -29.34 -28.20 14.09
CA LEU B 55 -30.02 -27.30 15.00
C LEU B 55 -29.64 -25.86 14.65
N THR B 56 -30.62 -24.99 14.65
CA THR B 56 -30.39 -23.59 14.33
C THR B 56 -31.06 -22.68 15.36
N LYS B 57 -30.24 -21.91 16.06
CA LYS B 57 -30.75 -21.00 17.09
C LYS B 57 -30.20 -19.59 16.87
MG MG C . -6.40 -1.65 3.15
N ASP A 1 18.65 17.57 -2.39
CA ASP A 1 18.06 18.61 -1.55
C ASP A 1 16.79 18.10 -0.87
N SER A 2 16.22 17.06 -1.43
CA SER A 2 15.00 16.49 -0.90
C SER A 2 15.07 14.96 -0.78
N ASP A 3 14.44 14.45 0.26
CA ASP A 3 14.37 13.02 0.52
C ASP A 3 12.93 12.56 0.34
N ILE A 4 12.64 11.85 -0.74
CA ILE A 4 11.28 11.39 -1.00
C ILE A 4 11.13 9.89 -0.74
N ALA A 5 10.15 9.55 0.08
CA ALA A 5 9.87 8.17 0.41
C ALA A 5 8.44 7.81 0.00
N PHE A 6 8.27 6.63 -0.58
CA PHE A 6 6.97 6.17 -1.03
C PHE A 6 6.42 5.09 -0.11
N LEU A 7 5.15 5.22 0.23
CA LEU A 7 4.48 4.25 1.08
C LEU A 7 3.27 3.71 0.34
N ILE A 8 3.44 2.57 -0.32
CA ILE A 8 2.36 1.96 -1.09
C ILE A 8 1.59 0.92 -0.27
N ASP A 9 0.28 1.00 -0.36
CA ASP A 9 -0.59 0.07 0.35
C ASP A 9 -0.83 -1.16 -0.52
N GLY A 10 -0.52 -2.31 0.04
CA GLY A 10 -0.72 -3.53 -0.69
C GLY A 10 -1.58 -4.50 0.07
N SER A 11 -2.59 -3.99 0.73
CA SER A 11 -3.48 -4.85 1.51
C SER A 11 -4.38 -5.70 0.62
N GLY A 12 -5.20 -6.51 1.26
CA GLY A 12 -6.11 -7.39 0.54
C GLY A 12 -7.23 -6.63 -0.12
N SER A 13 -7.44 -5.40 0.30
CA SER A 13 -8.48 -4.59 -0.27
C SER A 13 -7.93 -3.83 -1.47
N ILE A 14 -6.70 -4.18 -1.85
CA ILE A 14 -6.06 -3.54 -2.98
C ILE A 14 -6.16 -4.44 -4.21
N ILE A 15 -6.94 -4.00 -5.18
CA ILE A 15 -7.11 -4.74 -6.41
C ILE A 15 -5.81 -4.74 -7.19
N PRO A 16 -5.32 -5.94 -7.60
CA PRO A 16 -4.07 -6.10 -8.36
C PRO A 16 -3.88 -5.04 -9.45
N HIS A 17 -4.98 -4.68 -10.10
CA HIS A 17 -4.95 -3.68 -11.16
C HIS A 17 -4.44 -2.34 -10.66
N ASP A 18 -4.99 -1.89 -9.54
CA ASP A 18 -4.62 -0.60 -8.97
C ASP A 18 -3.27 -0.68 -8.27
N PHE A 19 -2.92 -1.86 -7.77
CA PHE A 19 -1.61 -2.04 -7.15
C PHE A 19 -0.56 -1.81 -8.21
N ARG A 20 -0.86 -2.28 -9.42
CA ARG A 20 0.02 -2.12 -10.57
C ARG A 20 0.14 -0.64 -10.89
N ARG A 21 -1.00 0.07 -10.84
CA ARG A 21 -1.04 1.49 -11.11
C ARG A 21 -0.11 2.24 -10.16
N MET A 22 -0.06 1.78 -8.90
CA MET A 22 0.81 2.39 -7.90
C MET A 22 2.25 2.30 -8.36
N LYS A 23 2.63 1.10 -8.75
CA LYS A 23 3.98 0.83 -9.23
C LYS A 23 4.29 1.69 -10.44
N GLU A 24 3.35 1.75 -11.37
CA GLU A 24 3.51 2.55 -12.56
C GLU A 24 3.71 4.01 -12.20
N PHE A 25 2.87 4.48 -11.28
CA PHE A 25 2.92 5.86 -10.80
C PHE A 25 4.29 6.16 -10.19
N VAL A 26 4.70 5.33 -9.25
CA VAL A 26 5.98 5.51 -8.57
C VAL A 26 7.15 5.55 -9.55
N SER A 27 7.16 4.64 -10.51
CA SER A 27 8.23 4.59 -11.51
C SER A 27 8.24 5.89 -12.33
N THR A 28 7.06 6.33 -12.75
CA THR A 28 6.95 7.55 -13.54
C THR A 28 7.42 8.76 -12.72
N VAL A 29 7.18 8.72 -11.41
CA VAL A 29 7.59 9.79 -10.53
C VAL A 29 9.12 9.84 -10.44
N MET A 30 9.73 8.66 -10.34
CA MET A 30 11.18 8.56 -10.24
C MET A 30 11.85 8.82 -11.58
N GLU A 31 11.08 8.70 -12.66
CA GLU A 31 11.61 8.94 -14.00
C GLU A 31 11.42 10.40 -14.39
N GLN A 32 10.40 11.03 -13.80
CA GLN A 32 10.09 12.42 -14.07
C GLN A 32 10.87 13.35 -13.16
N LEU A 33 10.95 13.00 -11.89
CA LEU A 33 11.67 13.81 -10.90
C LEU A 33 13.09 13.32 -10.72
N LYS A 34 13.67 12.81 -11.79
CA LYS A 34 15.03 12.30 -11.76
C LYS A 34 16.05 13.45 -11.73
N LYS A 35 16.38 13.89 -10.53
CA LYS A 35 17.34 14.97 -10.34
C LYS A 35 18.66 14.42 -9.83
N SER A 36 19.75 15.10 -10.16
CA SER A 36 21.09 14.70 -9.74
C SER A 36 21.23 14.68 -8.22
N LYS A 37 20.40 15.45 -7.53
CA LYS A 37 20.45 15.52 -6.08
C LYS A 37 19.11 15.12 -5.50
N THR A 38 18.60 13.96 -5.90
CA THR A 38 17.34 13.47 -5.41
C THR A 38 17.36 11.94 -5.29
N LEU A 39 17.09 11.45 -4.09
CA LEU A 39 17.07 10.02 -3.84
C LEU A 39 15.64 9.59 -3.52
N PHE A 40 15.37 8.31 -3.65
CA PHE A 40 14.03 7.79 -3.39
C PHE A 40 14.08 6.56 -2.50
N SER A 41 12.95 6.28 -1.86
CA SER A 41 12.82 5.13 -0.99
C SER A 41 11.40 4.61 -1.11
N LEU A 42 11.20 3.32 -0.93
CA LEU A 42 9.85 2.76 -1.03
C LEU A 42 9.64 1.60 -0.09
N MET A 43 8.52 1.66 0.62
CA MET A 43 8.14 0.62 1.55
C MET A 43 6.68 0.26 1.32
N GLN A 44 6.39 -1.02 1.20
CA GLN A 44 5.03 -1.47 1.02
C GLN A 44 4.53 -1.99 2.36
N TYR A 45 3.23 -1.96 2.58
CA TYR A 45 2.70 -2.41 3.84
C TYR A 45 1.32 -3.04 3.74
N SER A 46 0.99 -3.75 4.79
CA SER A 46 -0.28 -4.41 5.00
C SER A 46 -0.41 -4.53 6.52
N GLU A 47 -0.20 -5.74 7.03
CA GLU A 47 -0.16 -5.92 8.46
C GLU A 47 1.31 -5.91 8.85
N GLU A 48 2.14 -6.17 7.83
CA GLU A 48 3.57 -6.17 7.97
C GLU A 48 4.14 -4.97 7.21
N PHE A 49 5.46 -4.91 7.08
CA PHE A 49 6.12 -3.80 6.40
C PHE A 49 7.35 -4.29 5.66
N ARG A 50 7.38 -4.06 4.35
CA ARG A 50 8.50 -4.51 3.54
C ARG A 50 9.15 -3.38 2.76
N ILE A 51 10.38 -3.08 3.12
CA ILE A 51 11.15 -2.06 2.42
C ILE A 51 11.76 -2.70 1.19
N HIS A 52 11.56 -2.10 0.03
CA HIS A 52 12.07 -2.66 -1.21
C HIS A 52 13.42 -2.05 -1.58
N PHE A 53 13.59 -0.77 -1.27
CA PHE A 53 14.83 -0.09 -1.53
C PHE A 53 14.90 1.20 -0.74
N THR A 54 16.03 1.40 -0.08
CA THR A 54 16.25 2.59 0.72
C THR A 54 16.91 3.68 -0.10
N PHE A 55 17.15 4.83 0.52
CA PHE A 55 17.78 5.97 -0.14
C PHE A 55 19.18 5.58 -0.61
N LYS A 56 19.82 4.71 0.16
CA LYS A 56 21.16 4.24 -0.13
C LYS A 56 21.16 3.33 -1.36
N GLU A 57 20.23 2.40 -1.39
CA GLU A 57 20.13 1.45 -2.51
C GLU A 57 19.84 2.18 -3.81
N PHE A 58 18.92 3.15 -3.76
CA PHE A 58 18.57 3.92 -4.94
C PHE A 58 19.79 4.73 -5.42
N GLN A 59 20.65 5.08 -4.48
CA GLN A 59 21.86 5.83 -4.79
C GLN A 59 22.88 4.92 -5.48
N ASN A 60 22.71 3.62 -5.29
CA ASN A 60 23.60 2.64 -5.89
C ASN A 60 23.06 2.17 -7.23
N ASN A 61 21.73 2.06 -7.31
CA ASN A 61 21.07 1.64 -8.53
C ASN A 61 19.88 2.56 -8.81
N PRO A 62 20.11 3.66 -9.54
CA PRO A 62 19.08 4.65 -9.85
C PRO A 62 18.19 4.23 -11.02
N ASN A 63 17.74 2.98 -10.99
CA ASN A 63 16.88 2.44 -12.03
C ASN A 63 15.51 2.14 -11.45
N PRO A 64 14.56 3.08 -11.57
CA PRO A 64 13.21 2.94 -11.04
C PRO A 64 12.48 1.70 -11.54
N ARG A 65 12.54 1.48 -12.84
CA ARG A 65 11.88 0.34 -13.47
C ARG A 65 12.41 -1.00 -12.94
N SER A 66 13.68 -1.03 -12.57
CA SER A 66 14.30 -2.25 -12.06
C SER A 66 14.00 -2.49 -10.58
N LEU A 67 13.66 -1.43 -9.85
CA LEU A 67 13.38 -1.54 -8.43
C LEU A 67 11.90 -1.76 -8.17
N VAL A 68 11.07 -1.31 -9.11
CA VAL A 68 9.63 -1.43 -8.97
C VAL A 68 9.09 -2.70 -9.64
N LYS A 69 9.84 -3.25 -10.58
CA LYS A 69 9.42 -4.46 -11.29
C LYS A 69 9.25 -5.69 -10.38
N PRO A 70 10.23 -6.01 -9.50
CA PRO A 70 10.15 -7.19 -8.62
C PRO A 70 9.21 -7.02 -7.43
N ILE A 71 8.65 -5.82 -7.28
CA ILE A 71 7.75 -5.53 -6.17
C ILE A 71 6.44 -6.33 -6.29
N THR A 72 6.22 -7.22 -5.33
CA THR A 72 5.02 -8.06 -5.30
C THR A 72 4.04 -7.54 -4.26
N GLN A 73 2.77 -7.96 -4.34
CA GLN A 73 1.74 -7.51 -3.41
C GLN A 73 1.76 -8.37 -2.15
N LEU A 74 1.76 -7.72 -0.99
CA LEU A 74 1.81 -8.42 0.29
C LEU A 74 0.46 -9.03 0.68
N LEU A 75 -0.61 -8.23 0.53
CA LEU A 75 -1.98 -8.63 0.88
C LEU A 75 -2.15 -8.61 2.40
N GLY A 76 -3.39 -8.60 2.87
CA GLY A 76 -3.63 -8.56 4.30
C GLY A 76 -4.40 -7.33 4.73
N ARG A 77 -4.16 -6.87 5.96
CA ARG A 77 -4.85 -5.70 6.49
C ARG A 77 -4.13 -4.41 6.13
N THR A 78 -4.56 -3.30 6.75
CA THR A 78 -3.98 -1.98 6.49
C THR A 78 -3.44 -1.33 7.76
N HIS A 79 -2.15 -1.03 7.78
CA HIS A 79 -1.52 -0.40 8.93
C HIS A 79 -0.92 0.92 8.51
N THR A 80 -1.75 1.84 8.05
CA THR A 80 -1.28 3.14 7.58
C THR A 80 -0.65 3.96 8.70
N ALA A 81 -1.28 3.95 9.87
CA ALA A 81 -0.79 4.71 11.00
C ALA A 81 0.53 4.15 11.48
N THR A 82 0.54 2.83 11.71
CA THR A 82 1.75 2.17 12.15
C THR A 82 2.85 2.33 11.09
N GLY A 83 2.44 2.36 9.82
CA GLY A 83 3.39 2.52 8.74
C GLY A 83 4.02 3.91 8.72
N ILE A 84 3.20 4.94 8.85
CA ILE A 84 3.69 6.32 8.85
C ILE A 84 4.74 6.51 9.95
N ARG A 85 4.46 5.97 11.12
CA ARG A 85 5.39 6.07 12.24
C ARG A 85 6.71 5.38 11.93
N LYS A 86 6.62 4.25 11.24
CA LYS A 86 7.81 3.50 10.87
C LYS A 86 8.62 4.23 9.78
N VAL A 87 7.91 4.86 8.86
CA VAL A 87 8.54 5.59 7.77
C VAL A 87 9.38 6.76 8.30
N VAL A 88 8.83 7.51 9.24
CA VAL A 88 9.54 8.66 9.79
C VAL A 88 10.66 8.27 10.76
N ARG A 89 10.72 7.00 11.14
CA ARG A 89 11.75 6.56 12.08
C ARG A 89 12.79 5.65 11.41
N GLU A 90 12.37 4.84 10.45
CA GLU A 90 13.29 3.92 9.79
C GLU A 90 13.67 4.40 8.39
N LEU A 91 12.68 4.75 7.58
CA LEU A 91 12.94 5.20 6.21
C LEU A 91 13.75 6.49 6.19
N PHE A 92 13.37 7.44 7.03
CA PHE A 92 14.07 8.72 7.09
C PHE A 92 15.20 8.69 8.12
N ASN A 93 15.89 7.56 8.23
CA ASN A 93 16.99 7.44 9.17
C ASN A 93 18.31 7.59 8.41
N ILE A 94 19.24 8.34 9.01
CA ILE A 94 20.55 8.60 8.41
C ILE A 94 21.29 7.31 8.06
N THR A 95 21.08 6.27 8.87
CA THR A 95 21.73 4.99 8.67
C THR A 95 21.27 4.33 7.37
N ASN A 96 20.00 4.50 7.05
CA ASN A 96 19.43 3.91 5.83
C ASN A 96 19.79 4.72 4.60
N GLY A 97 20.08 6.00 4.78
CA GLY A 97 20.45 6.82 3.64
C GLY A 97 19.83 8.21 3.65
N ALA A 98 19.10 8.55 4.71
CA ALA A 98 18.47 9.87 4.79
C ALA A 98 19.54 10.92 5.03
N ARG A 99 19.41 12.06 4.37
CA ARG A 99 20.38 13.12 4.52
C ARG A 99 19.88 14.22 5.46
N LYS A 100 20.83 14.93 6.08
CA LYS A 100 20.48 16.01 6.99
C LYS A 100 20.26 17.30 6.21
N ASN A 101 19.38 18.16 6.73
CA ASN A 101 19.02 19.46 6.14
C ASN A 101 18.09 19.30 4.93
N ALA A 102 18.14 18.14 4.29
CA ALA A 102 17.29 17.87 3.14
C ALA A 102 15.82 17.76 3.56
N PHE A 103 14.94 18.22 2.68
CA PHE A 103 13.50 18.20 2.96
C PHE A 103 12.95 16.78 2.97
N LYS A 104 11.99 16.53 3.85
CA LYS A 104 11.37 15.21 3.96
C LYS A 104 10.02 15.20 3.27
N ILE A 105 9.84 14.29 2.32
CA ILE A 105 8.58 14.18 1.61
C ILE A 105 8.10 12.73 1.60
N LEU A 106 6.89 12.52 2.09
CA LEU A 106 6.31 11.19 2.16
C LEU A 106 5.05 11.10 1.29
N VAL A 107 5.07 10.18 0.33
CA VAL A 107 3.93 9.96 -0.54
C VAL A 107 3.18 8.71 -0.09
N VAL A 108 1.98 8.90 0.42
CA VAL A 108 1.16 7.80 0.91
C VAL A 108 0.09 7.42 -0.10
N ILE A 109 0.16 6.19 -0.59
CA ILE A 109 -0.80 5.69 -1.56
C ILE A 109 -1.58 4.52 -0.93
N THR A 110 -2.63 4.85 -0.18
CA THR A 110 -3.42 3.84 0.49
C THR A 110 -4.77 3.63 -0.17
N ASP A 111 -5.45 2.58 0.26
CA ASP A 111 -6.77 2.24 -0.27
C ASP A 111 -7.83 3.21 0.26
N GLY A 112 -7.58 3.78 1.42
CA GLY A 112 -8.51 4.74 2.00
C GLY A 112 -9.06 4.31 3.34
N GLU A 113 -9.15 3.01 3.53
CA GLU A 113 -9.67 2.46 4.75
C GLU A 113 -8.57 1.79 5.58
N LYS A 114 -8.29 2.38 6.74
CA LYS A 114 -7.29 1.84 7.67
C LYS A 114 -7.97 0.86 8.63
N PHE A 115 -7.83 -0.44 8.37
CA PHE A 115 -8.45 -1.46 9.21
C PHE A 115 -7.40 -2.37 9.84
N GLY A 116 -7.59 -2.64 11.14
CA GLY A 116 -6.68 -3.53 11.85
C GLY A 116 -5.49 -2.81 12.45
N ASP A 117 -5.42 -1.51 12.27
CA ASP A 117 -4.32 -0.72 12.79
C ASP A 117 -4.61 -0.29 14.23
N PRO A 118 -3.76 -0.71 15.18
CA PRO A 118 -3.93 -0.36 16.59
C PRO A 118 -3.59 1.10 16.89
N LEU A 119 -2.93 1.77 15.95
CA LEU A 119 -2.56 3.15 16.14
C LEU A 119 -3.43 4.07 15.30
N GLY A 120 -3.61 5.29 15.75
CA GLY A 120 -4.40 6.26 15.03
C GLY A 120 -3.51 7.23 14.28
N TYR A 121 -4.12 8.16 13.56
CA TYR A 121 -3.35 9.14 12.82
C TYR A 121 -2.85 10.21 13.79
N GLU A 122 -3.60 10.38 14.87
CA GLU A 122 -3.25 11.35 15.90
C GLU A 122 -1.98 10.93 16.63
N ASP A 123 -1.64 9.65 16.53
CA ASP A 123 -0.45 9.10 17.19
C ASP A 123 0.78 9.21 16.29
N VAL A 124 0.58 9.52 15.02
CA VAL A 124 1.71 9.58 14.08
C VAL A 124 1.84 10.91 13.34
N ILE A 125 0.73 11.60 13.11
CA ILE A 125 0.78 12.88 12.41
C ILE A 125 1.60 13.92 13.17
N PRO A 126 1.38 14.13 14.50
CA PRO A 126 2.16 15.09 15.29
C PRO A 126 3.66 14.78 15.26
N GLU A 127 4.00 13.54 14.95
CA GLU A 127 5.39 13.12 14.89
C GLU A 127 5.99 13.50 13.54
N ALA A 128 5.28 13.16 12.47
CA ALA A 128 5.72 13.45 11.12
C ALA A 128 5.82 14.95 10.87
N ASP A 129 4.98 15.73 11.54
CA ASP A 129 5.00 17.18 11.38
C ASP A 129 6.19 17.80 12.10
N ARG A 130 6.63 17.16 13.18
CA ARG A 130 7.77 17.67 13.94
C ARG A 130 9.08 17.43 13.20
N GLU A 131 9.22 16.25 12.62
CA GLU A 131 10.45 15.90 11.90
C GLU A 131 10.50 16.63 10.55
N GLY A 132 9.45 17.38 10.26
CA GLY A 132 9.38 18.15 9.02
C GLY A 132 9.15 17.28 7.80
N VAL A 133 8.20 16.37 7.90
CA VAL A 133 7.88 15.47 6.81
C VAL A 133 6.62 15.90 6.06
N ILE A 134 6.80 16.41 4.85
CA ILE A 134 5.68 16.83 4.01
C ILE A 134 4.92 15.60 3.55
N ARG A 135 3.60 15.65 3.58
CA ARG A 135 2.79 14.49 3.19
C ARG A 135 1.96 14.74 1.94
N TYR A 136 2.01 13.77 1.04
CA TYR A 136 1.23 13.79 -0.19
C TYR A 136 0.45 12.49 -0.27
N VAL A 137 -0.86 12.59 -0.47
CA VAL A 137 -1.69 11.40 -0.52
C VAL A 137 -2.26 11.16 -1.91
N ILE A 138 -2.12 9.93 -2.37
CA ILE A 138 -2.64 9.52 -3.66
C ILE A 138 -3.71 8.45 -3.44
N GLY A 139 -4.95 8.80 -3.73
CA GLY A 139 -6.05 7.87 -3.52
C GLY A 139 -6.26 6.91 -4.66
N VAL A 140 -6.54 5.65 -4.31
CA VAL A 140 -6.80 4.61 -5.28
C VAL A 140 -8.16 3.97 -5.02
N GLY A 141 -8.61 3.14 -5.97
CA GLY A 141 -9.88 2.45 -5.82
C GLY A 141 -11.06 3.35 -5.51
N ASP A 142 -11.67 3.12 -4.35
CA ASP A 142 -12.85 3.89 -3.94
C ASP A 142 -12.51 4.92 -2.85
N ALA A 143 -11.23 5.25 -2.73
CA ALA A 143 -10.78 6.22 -1.71
C ALA A 143 -11.48 7.58 -1.83
N PHE A 144 -12.04 7.87 -2.99
CA PHE A 144 -12.72 9.15 -3.19
C PHE A 144 -14.23 8.98 -3.29
N ARG A 145 -14.71 7.74 -3.23
CA ARG A 145 -16.12 7.47 -3.34
C ARG A 145 -16.75 7.31 -1.96
N SER A 146 -15.95 6.97 -0.97
CA SER A 146 -16.42 6.81 0.39
C SER A 146 -16.08 8.04 1.23
N GLU A 147 -16.93 8.35 2.20
CA GLU A 147 -16.71 9.51 3.06
C GLU A 147 -15.59 9.24 4.05
N LYS A 148 -15.60 8.05 4.63
CA LYS A 148 -14.59 7.67 5.62
C LYS A 148 -13.21 7.62 5.00
N SER A 149 -13.14 7.28 3.72
CA SER A 149 -11.87 7.20 3.03
C SER A 149 -11.41 8.58 2.59
N ARG A 150 -12.35 9.45 2.21
CA ARG A 150 -12.02 10.81 1.78
C ARG A 150 -11.37 11.57 2.92
N GLN A 151 -12.06 11.61 4.06
CA GLN A 151 -11.57 12.32 5.23
C GLN A 151 -10.26 11.70 5.73
N GLU A 152 -10.13 10.39 5.54
CA GLU A 152 -8.93 9.68 5.95
C GLU A 152 -7.71 10.27 5.23
N LEU A 153 -7.87 10.45 3.92
CA LEU A 153 -6.81 11.01 3.08
C LEU A 153 -6.47 12.43 3.50
N ASN A 154 -7.51 13.20 3.85
CA ASN A 154 -7.34 14.60 4.26
C ASN A 154 -6.66 14.71 5.62
N THR A 155 -6.63 13.60 6.36
CA THR A 155 -6.01 13.59 7.68
C THR A 155 -4.52 13.23 7.56
N ILE A 156 -4.15 12.63 6.46
CA ILE A 156 -2.76 12.25 6.23
C ILE A 156 -2.03 13.34 5.46
N ALA A 157 -2.74 13.99 4.54
CA ALA A 157 -2.15 15.04 3.74
C ALA A 157 -1.96 16.33 4.53
N SER A 158 -0.83 16.99 4.30
CA SER A 158 -0.52 18.24 4.98
C SER A 158 -1.53 19.32 4.56
N LYS A 159 -1.88 20.20 5.48
CA LYS A 159 -2.83 21.25 5.19
C LYS A 159 -2.21 22.30 4.28
N PRO A 160 -2.96 22.80 3.28
CA PRO A 160 -4.33 22.37 3.03
C PRO A 160 -4.39 21.02 2.34
N PRO A 161 -5.25 20.11 2.83
CA PRO A 161 -5.38 18.75 2.28
C PRO A 161 -5.81 18.73 0.81
N ARG A 162 -6.63 19.69 0.41
CA ARG A 162 -7.11 19.77 -0.97
C ARG A 162 -5.97 19.88 -1.96
N ASP A 163 -4.93 20.59 -1.56
CA ASP A 163 -3.78 20.81 -2.43
C ASP A 163 -2.70 19.77 -2.17
N HIS A 164 -3.06 18.68 -1.51
CA HIS A 164 -2.11 17.62 -1.19
C HIS A 164 -2.72 16.23 -1.37
N VAL A 165 -3.93 16.17 -1.91
CA VAL A 165 -4.61 14.90 -2.14
C VAL A 165 -4.93 14.77 -3.62
N PHE A 166 -4.31 13.80 -4.27
CA PHE A 166 -4.52 13.59 -5.70
C PHE A 166 -5.02 12.19 -5.98
N GLN A 167 -5.52 11.99 -7.18
CA GLN A 167 -6.04 10.70 -7.61
C GLN A 167 -4.97 9.91 -8.35
N VAL A 168 -4.93 8.61 -8.12
CA VAL A 168 -3.95 7.74 -8.78
C VAL A 168 -4.17 7.69 -10.29
N ASN A 169 -5.38 8.02 -10.72
CA ASN A 169 -5.69 8.03 -12.14
C ASN A 169 -5.50 9.41 -12.73
N ASN A 170 -5.04 10.34 -11.91
CA ASN A 170 -4.80 11.70 -12.36
C ASN A 170 -3.34 11.85 -12.78
N PHE A 171 -3.10 11.79 -14.07
CA PHE A 171 -1.76 11.88 -14.61
C PHE A 171 -1.19 13.30 -14.46
N GLU A 172 -2.07 14.30 -14.51
CA GLU A 172 -1.64 15.69 -14.39
C GLU A 172 -1.19 16.02 -12.97
N ALA A 173 -1.53 15.15 -12.02
CA ALA A 173 -1.16 15.34 -10.63
C ALA A 173 0.35 15.40 -10.45
N LEU A 174 1.08 14.63 -11.25
CA LEU A 174 2.52 14.60 -11.16
C LEU A 174 3.12 15.96 -11.49
N LYS A 175 2.62 16.61 -12.53
CA LYS A 175 3.11 17.93 -12.91
C LYS A 175 2.71 18.95 -11.86
N THR A 176 1.60 18.68 -11.18
CA THR A 176 1.10 19.56 -10.12
C THR A 176 2.00 19.48 -8.89
N ILE A 177 2.30 18.25 -8.45
CA ILE A 177 3.16 18.05 -7.30
C ILE A 177 4.56 18.61 -7.58
N GLN A 178 5.06 18.32 -8.78
CA GLN A 178 6.37 18.80 -9.22
C GLN A 178 6.40 20.33 -9.21
N ASN A 179 5.24 20.94 -9.39
CA ASN A 179 5.11 22.38 -9.40
C ASN A 179 5.21 22.93 -7.97
N GLN A 180 4.43 22.34 -7.05
CA GLN A 180 4.44 22.76 -5.65
C GLN A 180 5.79 22.47 -4.99
N LEU A 181 6.50 21.48 -5.53
CA LEU A 181 7.81 21.10 -5.01
C LEU A 181 8.85 22.19 -5.21
N ARG A 182 8.46 23.23 -5.95
CA ARG A 182 9.35 24.35 -6.20
C ARG A 182 9.17 25.41 -5.14
N GLU A 183 7.99 25.44 -4.54
CA GLU A 183 7.68 26.41 -3.49
C GLU A 183 7.74 25.71 -2.14
N LYS A 184 8.63 24.71 -2.04
CA LYS A 184 8.83 23.94 -0.81
C LYS A 184 8.98 24.88 0.40
N ASN B 1 -16.60 -30.00 18.80
CA ASN B 1 -16.04 -28.77 18.26
C ASN B 1 -16.87 -27.57 18.71
N TRP B 2 -16.21 -26.52 19.18
CA TRP B 2 -16.89 -25.32 19.63
C TRP B 2 -16.50 -24.11 18.78
N LYS B 3 -15.94 -24.38 17.62
CA LYS B 3 -15.54 -23.32 16.71
C LYS B 3 -16.74 -22.89 15.89
N LYS B 4 -16.94 -21.59 15.79
CA LYS B 4 -18.08 -21.04 15.05
C LYS B 4 -17.81 -20.98 13.55
N GLN B 5 -17.59 -19.78 13.03
CA GLN B 5 -17.36 -19.59 11.62
C GLN B 5 -16.51 -18.35 11.36
N PHE B 6 -16.25 -18.08 10.10
CA PHE B 6 -15.46 -16.92 9.70
C PHE B 6 -16.38 -15.80 9.22
N GLY B 7 -15.79 -14.78 8.60
CA GLY B 7 -16.57 -13.67 8.11
C GLY B 7 -17.32 -14.02 6.83
N ALA B 8 -18.64 -14.01 6.90
CA ALA B 8 -19.47 -14.34 5.75
C ALA B 8 -19.73 -13.12 4.87
N GLU B 9 -19.13 -12.00 5.25
CA GLU B 9 -19.30 -10.74 4.51
C GLU B 9 -18.43 -10.71 3.26
N CYS B 10 -17.83 -11.85 2.92
CA CYS B 10 -16.97 -11.94 1.76
C CYS B 10 -17.54 -12.94 0.75
N LYS B 11 -17.43 -12.60 -0.53
CA LYS B 11 -17.95 -13.45 -1.59
C LYS B 11 -17.00 -14.62 -1.87
N TYR B 12 -17.31 -15.77 -1.28
CA TYR B 12 -16.49 -16.97 -1.45
C TYR B 12 -17.14 -17.95 -2.41
N GLN B 13 -16.35 -18.95 -2.81
CA GLN B 13 -16.82 -20.01 -3.68
C GLN B 13 -16.42 -21.35 -3.11
N PHE B 14 -17.41 -22.10 -2.63
CA PHE B 14 -17.16 -23.40 -2.04
C PHE B 14 -17.07 -24.48 -3.11
N GLN B 15 -15.89 -25.05 -3.28
CA GLN B 15 -15.66 -26.08 -4.27
C GLN B 15 -15.00 -27.30 -3.64
N ALA B 16 -15.14 -28.45 -4.31
CA ALA B 16 -14.54 -29.71 -3.87
C ALA B 16 -14.99 -30.14 -2.48
N TRP B 17 -15.88 -31.12 -2.41
CA TRP B 17 -16.36 -31.63 -1.14
C TRP B 17 -15.35 -32.63 -0.55
N GLY B 18 -14.47 -33.11 -1.41
CA GLY B 18 -13.43 -34.05 -1.00
C GLY B 18 -13.95 -35.41 -0.59
N GLU B 19 -13.02 -36.35 -0.44
CA GLU B 19 -13.34 -37.69 -0.03
C GLU B 19 -13.69 -37.69 1.45
N CYS B 20 -14.65 -38.50 1.84
CA CYS B 20 -15.04 -38.58 3.24
C CYS B 20 -13.99 -39.32 4.03
N ASP B 21 -13.43 -38.67 5.04
CA ASP B 21 -12.41 -39.30 5.87
C ASP B 21 -13.08 -40.35 6.75
N LEU B 22 -12.69 -41.60 6.53
CA LEU B 22 -13.26 -42.71 7.26
C LEU B 22 -12.64 -42.84 8.65
N ASN B 23 -11.83 -41.84 9.03
CA ASN B 23 -11.20 -41.83 10.35
C ASN B 23 -12.01 -40.98 11.31
N THR B 24 -12.24 -39.72 10.94
CA THR B 24 -13.01 -38.80 11.77
C THR B 24 -14.48 -38.82 11.40
N ALA B 25 -14.79 -39.48 10.27
CA ALA B 25 -16.16 -39.60 9.77
C ALA B 25 -16.72 -38.23 9.36
N LEU B 26 -15.83 -37.36 8.90
CA LEU B 26 -16.21 -36.04 8.48
C LEU B 26 -15.70 -35.77 7.06
N LYS B 27 -16.16 -34.68 6.47
CA LYS B 27 -15.73 -34.30 5.14
C LYS B 27 -15.42 -32.81 5.12
N THR B 28 -14.37 -32.44 4.39
CA THR B 28 -13.95 -31.05 4.34
C THR B 28 -14.08 -30.44 2.95
N ARG B 29 -14.68 -29.26 2.89
CA ARG B 29 -14.85 -28.53 1.65
C ARG B 29 -13.99 -27.27 1.67
N THR B 30 -13.53 -26.84 0.51
CA THR B 30 -12.68 -25.65 0.42
C THR B 30 -13.40 -24.47 -0.23
N GLY B 31 -13.26 -23.30 0.37
CA GLY B 31 -13.87 -22.10 -0.17
C GLY B 31 -12.81 -21.12 -0.64
N SER B 32 -12.89 -20.70 -1.89
CA SER B 32 -11.92 -19.78 -2.43
C SER B 32 -12.50 -18.38 -2.64
N LEU B 33 -11.70 -17.38 -2.28
CA LEU B 33 -12.08 -15.98 -2.42
C LEU B 33 -11.96 -15.57 -3.89
N LYS B 34 -13.02 -14.99 -4.43
CA LYS B 34 -13.00 -14.57 -5.83
C LYS B 34 -13.04 -13.06 -5.96
N ARG B 35 -13.50 -12.38 -4.92
CA ARG B 35 -13.57 -10.92 -4.94
C ARG B 35 -13.76 -10.37 -3.53
N ALA B 36 -12.95 -9.39 -3.18
CA ALA B 36 -13.04 -8.75 -1.88
C ALA B 36 -13.57 -7.33 -2.03
N LEU B 37 -13.57 -6.58 -0.93
CA LEU B 37 -14.06 -5.21 -0.95
C LEU B 37 -13.04 -4.28 -0.31
N HIS B 38 -13.16 -2.99 -0.59
CA HIS B 38 -12.23 -1.99 -0.05
C HIS B 38 -12.29 -1.96 1.48
N ASN B 39 -13.48 -2.20 2.03
CA ASN B 39 -13.67 -2.18 3.47
C ASN B 39 -13.75 -3.61 4.01
N ALA B 40 -13.22 -4.57 3.27
CA ALA B 40 -13.25 -5.96 3.70
C ALA B 40 -12.04 -6.74 3.17
N GLU B 41 -11.05 -6.95 4.04
CA GLU B 41 -9.85 -7.67 3.67
C GLU B 41 -9.93 -9.12 4.17
N CYS B 42 -10.42 -9.99 3.30
CA CYS B 42 -10.62 -11.41 3.63
C CYS B 42 -9.49 -12.30 3.10
N GLN B 43 -9.46 -13.54 3.57
CA GLN B 43 -8.43 -14.50 3.17
C GLN B 43 -8.74 -15.05 1.78
N LYS B 44 -7.72 -15.55 1.11
CA LYS B 44 -7.86 -16.08 -0.25
C LYS B 44 -8.53 -17.45 -0.27
N THR B 45 -8.46 -18.18 0.82
CA THR B 45 -9.04 -19.51 0.88
C THR B 45 -9.46 -19.86 2.31
N VAL B 46 -10.54 -20.61 2.43
CA VAL B 46 -11.05 -21.05 3.72
C VAL B 46 -11.35 -22.54 3.67
N THR B 47 -11.43 -23.16 4.83
CA THR B 47 -11.72 -24.58 4.92
C THR B 47 -12.84 -24.83 5.92
N ILE B 48 -13.75 -25.74 5.58
CA ILE B 48 -14.86 -26.06 6.46
C ILE B 48 -15.14 -27.56 6.42
N SER B 49 -15.22 -28.17 7.60
CA SER B 49 -15.48 -29.59 7.70
C SER B 49 -16.83 -29.86 8.35
N LYS B 50 -17.55 -30.84 7.81
CA LYS B 50 -18.87 -31.20 8.32
C LYS B 50 -19.00 -32.72 8.41
N PRO B 51 -19.90 -33.21 9.27
CA PRO B 51 -20.13 -34.66 9.44
C PRO B 51 -20.47 -35.34 8.13
N CYS B 52 -19.94 -36.55 7.93
CA CYS B 52 -20.19 -37.30 6.71
C CYS B 52 -21.68 -37.64 6.55
N GLY B 53 -22.41 -37.60 7.66
CA GLY B 53 -23.84 -37.88 7.63
C GLY B 53 -24.63 -36.76 6.98
N LYS B 54 -23.94 -35.67 6.65
CA LYS B 54 -24.55 -34.52 6.01
C LYS B 54 -25.63 -33.88 6.88
N LEU B 55 -25.22 -33.41 8.05
CA LEU B 55 -26.16 -32.77 8.97
C LEU B 55 -26.02 -31.26 8.86
N THR B 56 -27.14 -30.57 8.82
CA THR B 56 -27.13 -29.12 8.71
C THR B 56 -28.07 -28.50 9.73
N LYS B 57 -27.50 -27.71 10.63
CA LYS B 57 -28.29 -27.06 11.67
C LYS B 57 -27.98 -25.56 11.71
MG MG C . -6.22 -1.63 2.80
N ASP A 1 18.91 17.49 -2.19
CA ASP A 1 18.18 18.48 -1.41
C ASP A 1 16.82 17.95 -0.99
N SER A 2 16.39 16.89 -1.65
CA SER A 2 15.09 16.31 -1.36
C SER A 2 15.16 14.80 -1.18
N ASP A 3 14.57 14.34 -0.09
CA ASP A 3 14.49 12.92 0.23
C ASP A 3 13.03 12.50 0.12
N ILE A 4 12.68 11.77 -0.92
CA ILE A 4 11.29 11.35 -1.11
C ILE A 4 11.09 9.87 -0.82
N ALA A 5 10.12 9.57 0.02
CA ALA A 5 9.80 8.20 0.38
C ALA A 5 8.37 7.86 -0.05
N PHE A 6 8.17 6.62 -0.49
CA PHE A 6 6.86 6.17 -0.92
C PHE A 6 6.29 5.12 0.02
N LEU A 7 5.04 5.30 0.39
CA LEU A 7 4.34 4.37 1.25
C LEU A 7 3.14 3.83 0.48
N ILE A 8 3.28 2.63 -0.08
CA ILE A 8 2.20 2.03 -0.87
C ILE A 8 1.45 0.97 -0.07
N ASP A 9 0.13 0.97 -0.21
CA ASP A 9 -0.76 0.01 0.46
C ASP A 9 -0.83 -1.27 -0.36
N GLY A 10 -0.52 -2.39 0.27
CA GLY A 10 -0.56 -3.64 -0.43
C GLY A 10 -1.51 -4.60 0.25
N SER A 11 -2.53 -4.05 0.89
CA SER A 11 -3.51 -4.86 1.61
C SER A 11 -4.36 -5.68 0.64
N GLY A 12 -5.26 -6.49 1.22
CA GLY A 12 -6.10 -7.34 0.43
C GLY A 12 -7.15 -6.59 -0.33
N SER A 13 -7.52 -5.42 0.17
CA SER A 13 -8.52 -4.59 -0.47
C SER A 13 -7.93 -3.93 -1.71
N ILE A 14 -6.62 -4.07 -1.89
CA ILE A 14 -5.94 -3.50 -3.04
C ILE A 14 -5.99 -4.48 -4.19
N ILE A 15 -6.82 -4.16 -5.16
CA ILE A 15 -6.96 -4.99 -6.35
C ILE A 15 -5.66 -4.95 -7.15
N PRO A 16 -5.14 -6.13 -7.53
CA PRO A 16 -3.87 -6.25 -8.28
C PRO A 16 -3.72 -5.21 -9.40
N HIS A 17 -4.83 -4.88 -10.05
CA HIS A 17 -4.82 -3.89 -11.12
C HIS A 17 -4.43 -2.51 -10.60
N ASP A 18 -4.95 -2.16 -9.44
CA ASP A 18 -4.69 -0.87 -8.83
C ASP A 18 -3.35 -0.88 -8.14
N PHE A 19 -2.92 -2.04 -7.64
CA PHE A 19 -1.61 -2.15 -7.02
C PHE A 19 -0.56 -1.90 -8.08
N ARG A 20 -0.87 -2.37 -9.28
CA ARG A 20 0.00 -2.18 -10.43
C ARG A 20 0.08 -0.70 -10.76
N ARG A 21 -1.07 -0.03 -10.70
CA ARG A 21 -1.16 1.40 -10.95
C ARG A 21 -0.27 2.17 -9.99
N MET A 22 -0.23 1.69 -8.73
CA MET A 22 0.61 2.31 -7.72
C MET A 22 2.06 2.26 -8.15
N LYS A 23 2.49 1.06 -8.54
CA LYS A 23 3.85 0.83 -8.99
C LYS A 23 4.16 1.68 -10.21
N GLU A 24 3.22 1.72 -11.15
CA GLU A 24 3.40 2.52 -12.36
C GLU A 24 3.56 3.99 -12.00
N PHE A 25 2.69 4.45 -11.10
CA PHE A 25 2.73 5.83 -10.64
C PHE A 25 4.08 6.15 -10.01
N VAL A 26 4.49 5.33 -9.06
CA VAL A 26 5.76 5.50 -8.36
C VAL A 26 6.94 5.60 -9.33
N SER A 27 6.96 4.69 -10.31
CA SER A 27 8.04 4.68 -11.29
C SER A 27 8.05 5.97 -12.10
N THR A 28 6.88 6.39 -12.57
CA THR A 28 6.75 7.61 -13.35
C THR A 28 7.19 8.82 -12.53
N VAL A 29 6.92 8.78 -11.23
CA VAL A 29 7.29 9.86 -10.32
C VAL A 29 8.81 9.95 -10.23
N MET A 30 9.46 8.80 -10.11
CA MET A 30 10.91 8.73 -10.01
C MET A 30 11.58 9.03 -11.34
N GLU A 31 10.84 8.85 -12.43
CA GLU A 31 11.36 9.11 -13.76
C GLU A 31 11.16 10.58 -14.14
N GLN A 32 10.15 11.21 -13.54
CA GLN A 32 9.85 12.61 -13.81
C GLN A 32 10.61 13.52 -12.85
N LEU A 33 10.66 13.14 -11.59
CA LEU A 33 11.35 13.95 -10.57
C LEU A 33 12.78 13.47 -10.41
N LYS A 34 13.38 13.02 -11.50
CA LYS A 34 14.74 12.53 -11.50
C LYS A 34 15.75 13.68 -11.44
N LYS A 35 15.98 14.18 -10.24
CA LYS A 35 16.93 15.27 -10.05
C LYS A 35 18.25 14.70 -9.54
N SER A 36 19.33 15.41 -9.82
CA SER A 36 20.66 14.98 -9.42
C SER A 36 20.83 14.94 -7.90
N LYS A 37 19.97 15.66 -7.18
CA LYS A 37 20.04 15.69 -5.73
C LYS A 37 18.74 15.21 -5.11
N THR A 38 18.18 14.15 -5.65
CA THR A 38 16.94 13.61 -5.14
C THR A 38 17.00 12.09 -5.04
N LEU A 39 16.86 11.58 -3.83
CA LEU A 39 16.87 10.14 -3.60
C LEU A 39 15.46 9.66 -3.31
N PHE A 40 15.22 8.37 -3.49
CA PHE A 40 13.91 7.82 -3.26
C PHE A 40 13.96 6.58 -2.38
N SER A 41 12.84 6.30 -1.73
CA SER A 41 12.71 5.14 -0.86
C SER A 41 11.29 4.63 -0.97
N LEU A 42 11.07 3.34 -0.73
CA LEU A 42 9.73 2.79 -0.82
C LEU A 42 9.51 1.64 0.16
N MET A 43 8.39 1.71 0.86
CA MET A 43 8.02 0.69 1.81
C MET A 43 6.56 0.30 1.59
N GLN A 44 6.30 -0.98 1.42
CA GLN A 44 4.95 -1.46 1.24
C GLN A 44 4.43 -1.94 2.58
N TYR A 45 3.13 -1.89 2.79
CA TYR A 45 2.59 -2.30 4.07
C TYR A 45 1.22 -2.99 3.94
N SER A 46 0.91 -3.74 4.97
CA SER A 46 -0.34 -4.44 5.14
C SER A 46 -0.52 -4.58 6.64
N GLU A 47 -0.08 -5.70 7.17
CA GLU A 47 -0.06 -5.92 8.60
C GLU A 47 1.42 -5.93 8.96
N GLU A 48 2.21 -6.28 7.95
CA GLU A 48 3.65 -6.30 8.06
C GLU A 48 4.19 -5.10 7.28
N PHE A 49 5.50 -4.97 7.18
CA PHE A 49 6.10 -3.85 6.46
C PHE A 49 7.35 -4.30 5.73
N ARG A 50 7.40 -4.03 4.43
CA ARG A 50 8.53 -4.44 3.63
C ARG A 50 9.19 -3.27 2.89
N ILE A 51 10.44 -3.00 3.25
CA ILE A 51 11.21 -1.96 2.60
C ILE A 51 11.82 -2.57 1.34
N HIS A 52 11.53 -2.01 0.18
CA HIS A 52 12.04 -2.54 -1.07
C HIS A 52 13.38 -1.93 -1.44
N PHE A 53 13.54 -0.65 -1.14
CA PHE A 53 14.79 0.03 -1.42
C PHE A 53 14.91 1.30 -0.59
N THR A 54 16.05 1.45 0.04
CA THR A 54 16.33 2.60 0.87
C THR A 54 16.96 3.72 0.05
N PHE A 55 17.18 4.87 0.68
CA PHE A 55 17.77 6.02 -0.01
C PHE A 55 19.18 5.67 -0.48
N LYS A 56 19.83 4.80 0.29
CA LYS A 56 21.18 4.37 -0.03
C LYS A 56 21.18 3.47 -1.25
N GLU A 57 20.24 2.52 -1.29
CA GLU A 57 20.14 1.60 -2.40
C GLU A 57 19.81 2.34 -3.69
N PHE A 58 18.91 3.31 -3.61
CA PHE A 58 18.54 4.09 -4.78
C PHE A 58 19.74 4.91 -5.25
N GLN A 59 20.60 5.28 -4.31
CA GLN A 59 21.81 6.04 -4.62
C GLN A 59 22.84 5.14 -5.31
N ASN A 60 22.67 3.83 -5.14
CA ASN A 60 23.57 2.87 -5.75
C ASN A 60 23.01 2.41 -7.10
N ASN A 61 21.69 2.29 -7.17
CA ASN A 61 21.01 1.88 -8.39
C ASN A 61 19.82 2.80 -8.65
N PRO A 62 20.04 3.93 -9.34
CA PRO A 62 19.00 4.91 -9.63
C PRO A 62 18.10 4.49 -10.80
N ASN A 63 17.67 3.24 -10.80
CA ASN A 63 16.81 2.71 -11.84
C ASN A 63 15.44 2.39 -11.26
N PRO A 64 14.50 3.34 -11.36
CA PRO A 64 13.14 3.19 -10.82
C PRO A 64 12.42 1.93 -11.31
N ARG A 65 12.45 1.73 -12.62
CA ARG A 65 11.78 0.59 -13.25
C ARG A 65 12.34 -0.74 -12.75
N SER A 66 13.62 -0.75 -12.39
CA SER A 66 14.27 -1.97 -11.92
C SER A 66 13.99 -2.23 -10.44
N LEU A 67 13.65 -1.18 -9.70
CA LEU A 67 13.39 -1.31 -8.27
C LEU A 67 11.91 -1.56 -7.99
N VAL A 68 11.05 -1.14 -8.91
CA VAL A 68 9.62 -1.28 -8.75
C VAL A 68 9.08 -2.55 -9.42
N LYS A 69 9.80 -3.05 -10.41
CA LYS A 69 9.38 -4.25 -11.14
C LYS A 69 9.22 -5.49 -10.23
N PRO A 70 10.23 -5.83 -9.38
CA PRO A 70 10.17 -7.02 -8.52
C PRO A 70 9.24 -6.86 -7.30
N ILE A 71 8.69 -5.67 -7.13
CA ILE A 71 7.78 -5.41 -6.00
C ILE A 71 6.50 -6.24 -6.12
N THR A 72 6.30 -7.14 -5.17
CA THR A 72 5.11 -7.99 -5.16
C THR A 72 4.13 -7.49 -4.09
N GLN A 73 2.88 -7.92 -4.18
CA GLN A 73 1.86 -7.49 -3.21
C GLN A 73 1.90 -8.38 -1.98
N LEU A 74 1.89 -7.75 -0.81
CA LEU A 74 1.94 -8.47 0.46
C LEU A 74 0.59 -9.09 0.82
N LEU A 75 -0.48 -8.30 0.63
CA LEU A 75 -1.85 -8.71 0.96
C LEU A 75 -2.05 -8.66 2.47
N GLY A 76 -3.30 -8.67 2.92
CA GLY A 76 -3.58 -8.63 4.34
C GLY A 76 -4.38 -7.39 4.74
N ARG A 77 -4.19 -6.94 5.97
CA ARG A 77 -4.91 -5.77 6.48
C ARG A 77 -4.22 -4.46 6.09
N THR A 78 -4.68 -3.36 6.67
CA THR A 78 -4.13 -2.05 6.37
C THR A 78 -3.62 -1.34 7.64
N HIS A 79 -2.31 -1.09 7.70
CA HIS A 79 -1.68 -0.43 8.84
C HIS A 79 -1.05 0.88 8.38
N THR A 80 -1.88 1.81 7.92
CA THR A 80 -1.40 3.09 7.42
C THR A 80 -0.78 3.93 8.51
N ALA A 81 -1.37 3.92 9.70
CA ALA A 81 -0.88 4.70 10.81
C ALA A 81 0.48 4.17 11.27
N THR A 82 0.53 2.88 11.56
CA THR A 82 1.78 2.25 12.00
C THR A 82 2.85 2.39 10.91
N GLY A 83 2.41 2.37 9.65
CA GLY A 83 3.33 2.50 8.54
C GLY A 83 3.98 3.86 8.50
N ILE A 84 3.18 4.92 8.66
CA ILE A 84 3.69 6.29 8.64
C ILE A 84 4.76 6.48 9.71
N ARG A 85 4.49 5.95 10.90
CA ARG A 85 5.42 6.07 12.02
C ARG A 85 6.74 5.35 11.70
N LYS A 86 6.66 4.25 10.98
CA LYS A 86 7.84 3.50 10.61
C LYS A 86 8.63 4.21 9.53
N VAL A 87 7.94 4.86 8.62
CA VAL A 87 8.58 5.59 7.54
C VAL A 87 9.42 6.75 8.06
N VAL A 88 8.89 7.50 9.02
CA VAL A 88 9.59 8.66 9.57
C VAL A 88 10.72 8.26 10.52
N ARG A 89 10.79 6.99 10.90
CA ARG A 89 11.82 6.53 11.82
C ARG A 89 12.84 5.62 11.16
N GLU A 90 12.41 4.81 10.21
CA GLU A 90 13.29 3.88 9.54
C GLU A 90 13.71 4.36 8.15
N LEU A 91 12.73 4.72 7.32
CA LEU A 91 13.02 5.17 5.97
C LEU A 91 13.85 6.44 5.98
N PHE A 92 13.43 7.42 6.76
CA PHE A 92 14.14 8.68 6.86
C PHE A 92 15.27 8.63 7.89
N ASN A 93 15.97 7.51 7.93
CA ASN A 93 17.08 7.34 8.86
C ASN A 93 18.40 7.49 8.11
N ILE A 94 19.35 8.21 8.72
CA ILE A 94 20.65 8.44 8.10
C ILE A 94 21.37 7.13 7.77
N THR A 95 21.13 6.11 8.58
CA THR A 95 21.76 4.82 8.38
C THR A 95 21.24 4.15 7.11
N ASN A 96 20.02 4.50 6.72
CA ASN A 96 19.41 3.93 5.53
C ASN A 96 19.68 4.78 4.29
N GLY A 97 20.32 5.93 4.48
CA GLY A 97 20.66 6.78 3.36
C GLY A 97 20.04 8.16 3.40
N ALA A 98 19.21 8.43 4.41
CA ALA A 98 18.59 9.75 4.53
C ALA A 98 19.64 10.81 4.79
N ARG A 99 19.54 11.93 4.10
CA ARG A 99 20.51 12.99 4.25
C ARG A 99 20.02 14.08 5.19
N LYS A 100 20.96 14.75 5.84
CA LYS A 100 20.65 15.83 6.75
C LYS A 100 20.44 17.13 5.97
N ASN A 101 19.58 18.01 6.49
CA ASN A 101 19.25 19.31 5.89
C ASN A 101 18.30 19.15 4.69
N ALA A 102 18.31 17.96 4.09
CA ALA A 102 17.44 17.68 2.94
C ALA A 102 15.97 17.64 3.36
N PHE A 103 15.11 18.07 2.46
CA PHE A 103 13.67 18.10 2.73
C PHE A 103 13.09 16.69 2.76
N LYS A 104 12.12 16.48 3.64
CA LYS A 104 11.48 15.18 3.79
C LYS A 104 10.11 15.18 3.11
N ILE A 105 9.95 14.33 2.11
CA ILE A 105 8.68 14.22 1.41
C ILE A 105 8.19 12.77 1.41
N LEU A 106 6.96 12.58 1.85
CA LEU A 106 6.38 11.25 1.93
C LEU A 106 5.11 11.16 1.07
N VAL A 107 5.13 10.25 0.11
CA VAL A 107 3.99 10.03 -0.77
C VAL A 107 3.27 8.76 -0.31
N VAL A 108 2.04 8.92 0.16
CA VAL A 108 1.24 7.82 0.65
C VAL A 108 0.16 7.42 -0.34
N ILE A 109 0.28 6.23 -0.88
CA ILE A 109 -0.69 5.70 -1.82
C ILE A 109 -1.45 4.57 -1.14
N THR A 110 -2.65 4.86 -0.66
CA THR A 110 -3.42 3.87 0.05
C THR A 110 -4.85 3.74 -0.44
N ASP A 111 -5.54 2.80 0.16
CA ASP A 111 -6.93 2.49 -0.13
C ASP A 111 -7.84 3.53 0.52
N GLY A 112 -7.36 4.12 1.61
CA GLY A 112 -8.13 5.13 2.33
C GLY A 112 -8.95 4.51 3.44
N GLU A 113 -8.73 3.23 3.67
CA GLU A 113 -9.46 2.49 4.67
C GLU A 113 -8.50 1.71 5.57
N LYS A 114 -8.05 2.37 6.64
CA LYS A 114 -7.15 1.76 7.60
C LYS A 114 -7.92 0.74 8.45
N PHE A 115 -7.57 -0.54 8.32
CA PHE A 115 -8.25 -1.62 9.03
C PHE A 115 -7.26 -2.53 9.75
N GLY A 116 -7.47 -2.72 11.05
CA GLY A 116 -6.62 -3.59 11.84
C GLY A 116 -5.41 -2.89 12.41
N ASP A 117 -5.35 -1.58 12.25
CA ASP A 117 -4.24 -0.80 12.77
C ASP A 117 -4.54 -0.36 14.19
N PRO A 118 -3.71 -0.76 15.15
CA PRO A 118 -3.90 -0.41 16.56
C PRO A 118 -3.58 1.06 16.84
N LEU A 119 -2.89 1.70 15.90
CA LEU A 119 -2.52 3.10 16.05
C LEU A 119 -3.41 3.99 15.20
N GLY A 120 -3.62 5.21 15.65
CA GLY A 120 -4.41 6.14 14.91
C GLY A 120 -3.54 7.13 14.18
N TYR A 121 -4.14 8.04 13.44
CA TYR A 121 -3.38 9.03 12.72
C TYR A 121 -2.93 10.11 13.69
N GLU A 122 -3.71 10.26 14.75
CA GLU A 122 -3.41 11.23 15.80
C GLU A 122 -2.13 10.85 16.54
N ASP A 123 -1.75 9.58 16.44
CA ASP A 123 -0.56 9.08 17.11
C ASP A 123 0.68 9.17 16.22
N VAL A 124 0.49 9.45 14.93
CA VAL A 124 1.64 9.49 14.02
C VAL A 124 1.77 10.82 13.26
N ILE A 125 0.67 11.51 13.01
CA ILE A 125 0.73 12.78 12.30
C ILE A 125 1.54 13.84 13.07
N PRO A 126 1.28 14.06 14.38
CA PRO A 126 2.05 15.04 15.17
C PRO A 126 3.54 14.76 15.15
N GLU A 127 3.91 13.52 14.87
CA GLU A 127 5.30 13.11 14.81
C GLU A 127 5.89 13.49 13.46
N ALA A 128 5.19 13.12 12.40
CA ALA A 128 5.64 13.41 11.05
C ALA A 128 5.71 14.91 10.78
N ASP A 129 4.85 15.66 11.45
CA ASP A 129 4.82 17.11 11.28
C ASP A 129 6.01 17.77 11.99
N ARG A 130 6.44 17.17 13.09
CA ARG A 130 7.56 17.71 13.85
C ARG A 130 8.88 17.48 13.13
N GLU A 131 9.06 16.28 12.57
CA GLU A 131 10.28 15.94 11.86
C GLU A 131 10.35 16.65 10.50
N GLY A 132 9.30 17.40 10.19
CA GLY A 132 9.25 18.15 8.94
C GLY A 132 9.07 17.26 7.72
N VAL A 133 8.10 16.36 7.79
CA VAL A 133 7.84 15.45 6.70
C VAL A 133 6.59 15.86 5.92
N ILE A 134 6.79 16.36 4.70
CA ILE A 134 5.69 16.78 3.85
C ILE A 134 4.94 15.55 3.36
N ARG A 135 3.62 15.55 3.50
CA ARG A 135 2.82 14.40 3.10
C ARG A 135 1.96 14.66 1.87
N TYR A 136 2.02 13.72 0.95
CA TYR A 136 1.22 13.75 -0.27
C TYR A 136 0.42 12.45 -0.33
N VAL A 137 -0.88 12.54 -0.56
CA VAL A 137 -1.69 11.34 -0.59
C VAL A 137 -2.26 11.08 -1.97
N ILE A 138 -2.11 9.85 -2.42
CA ILE A 138 -2.63 9.41 -3.70
C ILE A 138 -3.69 8.34 -3.47
N GLY A 139 -4.95 8.68 -3.73
CA GLY A 139 -6.03 7.75 -3.51
C GLY A 139 -6.30 6.83 -4.68
N VAL A 140 -6.58 5.57 -4.37
CA VAL A 140 -6.87 4.56 -5.38
C VAL A 140 -8.25 3.96 -5.14
N GLY A 141 -8.71 3.13 -6.07
CA GLY A 141 -10.01 2.49 -5.93
C GLY A 141 -11.15 3.45 -5.67
N ASP A 142 -11.86 3.22 -4.57
CA ASP A 142 -13.01 4.05 -4.20
C ASP A 142 -12.68 5.02 -3.06
N ALA A 143 -11.39 5.34 -2.92
CA ALA A 143 -10.93 6.24 -1.87
C ALA A 143 -11.62 7.62 -1.92
N PHE A 144 -12.07 8.02 -3.11
CA PHE A 144 -12.74 9.31 -3.27
C PHE A 144 -14.25 9.17 -3.36
N ARG A 145 -14.74 7.94 -3.30
CA ARG A 145 -16.18 7.70 -3.41
C ARG A 145 -16.82 7.53 -2.04
N SER A 146 -16.02 7.19 -1.04
CA SER A 146 -16.52 7.01 0.31
C SER A 146 -16.11 8.20 1.18
N GLU A 147 -16.94 8.53 2.16
CA GLU A 147 -16.67 9.67 3.04
C GLU A 147 -15.54 9.33 4.01
N LYS A 148 -15.58 8.12 4.57
CA LYS A 148 -14.57 7.69 5.52
C LYS A 148 -13.19 7.62 4.87
N SER A 149 -13.15 7.30 3.59
CA SER A 149 -11.89 7.21 2.88
C SER A 149 -11.39 8.60 2.49
N ARG A 150 -12.31 9.47 2.10
CA ARG A 150 -11.96 10.83 1.70
C ARG A 150 -11.31 11.60 2.85
N GLN A 151 -12.02 11.67 3.98
CA GLN A 151 -11.51 12.39 5.15
C GLN A 151 -10.21 11.77 5.65
N GLU A 152 -10.09 10.46 5.46
CA GLU A 152 -8.89 9.75 5.88
C GLU A 152 -7.67 10.30 5.15
N LEU A 153 -7.82 10.47 3.84
CA LEU A 153 -6.75 11.00 3.00
C LEU A 153 -6.40 12.42 3.43
N ASN A 154 -7.42 13.18 3.82
CA ASN A 154 -7.24 14.57 4.26
C ASN A 154 -6.56 14.65 5.61
N THR A 155 -6.57 13.54 6.35
CA THR A 155 -5.94 13.49 7.66
C THR A 155 -4.46 13.14 7.54
N ILE A 156 -4.09 12.49 6.44
CA ILE A 156 -2.71 12.11 6.20
C ILE A 156 -1.96 13.21 5.47
N ALA A 157 -2.62 13.83 4.51
CA ALA A 157 -2.00 14.89 3.72
C ALA A 157 -1.77 16.16 4.53
N SER A 158 -0.66 16.83 4.27
CA SER A 158 -0.33 18.07 4.96
C SER A 158 -1.33 19.16 4.57
N LYS A 159 -1.61 20.07 5.48
CA LYS A 159 -2.56 21.15 5.22
C LYS A 159 -1.93 22.20 4.30
N PRO A 160 -2.70 22.71 3.32
CA PRO A 160 -4.07 22.30 3.09
C PRO A 160 -4.15 20.94 2.38
N PRO A 161 -5.03 20.04 2.87
CA PRO A 161 -5.18 18.69 2.31
C PRO A 161 -5.60 18.68 0.84
N ARG A 162 -6.40 19.67 0.45
CA ARG A 162 -6.88 19.77 -0.93
C ARG A 162 -5.73 19.87 -1.93
N ASP A 163 -4.66 20.54 -1.51
CA ASP A 163 -3.51 20.74 -2.37
C ASP A 163 -2.46 19.67 -2.14
N HIS A 164 -2.85 18.58 -1.48
CA HIS A 164 -1.93 17.49 -1.19
C HIS A 164 -2.57 16.13 -1.40
N VAL A 165 -3.80 16.11 -1.89
CA VAL A 165 -4.51 14.86 -2.14
C VAL A 165 -4.82 14.75 -3.62
N PHE A 166 -4.26 13.74 -4.27
CA PHE A 166 -4.47 13.55 -5.69
C PHE A 166 -4.99 12.15 -5.99
N GLN A 167 -5.56 11.99 -7.18
CA GLN A 167 -6.09 10.71 -7.61
C GLN A 167 -5.03 9.93 -8.36
N VAL A 168 -4.98 8.61 -8.13
CA VAL A 168 -4.00 7.76 -8.79
C VAL A 168 -4.19 7.73 -10.31
N ASN A 169 -5.39 8.06 -10.76
CA ASN A 169 -5.69 8.08 -12.19
C ASN A 169 -5.51 9.48 -12.77
N ASN A 170 -5.05 10.40 -11.94
CA ASN A 170 -4.82 11.77 -12.39
C ASN A 170 -3.38 11.91 -12.81
N PHE A 171 -3.14 11.80 -14.10
CA PHE A 171 -1.78 11.89 -14.64
C PHE A 171 -1.19 13.29 -14.50
N GLU A 172 -2.05 14.31 -14.49
CA GLU A 172 -1.60 15.69 -14.36
C GLU A 172 -1.13 16.00 -12.93
N ALA A 173 -1.50 15.13 -12.00
CA ALA A 173 -1.12 15.31 -10.60
C ALA A 173 0.39 15.33 -10.42
N LEU A 174 1.09 14.57 -11.24
CA LEU A 174 2.54 14.49 -11.17
C LEU A 174 3.18 15.85 -11.46
N LYS A 175 2.71 16.52 -12.51
CA LYS A 175 3.25 17.82 -12.87
C LYS A 175 2.87 18.84 -11.80
N THR A 176 1.73 18.62 -11.14
CA THR A 176 1.26 19.50 -10.09
C THR A 176 2.18 19.39 -8.87
N ILE A 177 2.45 18.16 -8.44
CA ILE A 177 3.32 17.92 -7.30
C ILE A 177 4.72 18.45 -7.59
N GLN A 178 5.17 18.21 -8.82
CA GLN A 178 6.49 18.68 -9.27
C GLN A 178 6.56 20.20 -9.21
N ASN A 179 5.43 20.84 -9.43
CA ASN A 179 5.34 22.29 -9.39
C ASN A 179 5.46 22.79 -7.95
N GLN A 180 4.67 22.21 -7.05
CA GLN A 180 4.68 22.59 -5.64
C GLN A 180 6.02 22.26 -4.99
N LEU A 181 6.71 21.26 -5.53
CA LEU A 181 8.01 20.83 -5.01
C LEU A 181 9.08 21.90 -5.24
N ARG A 182 8.71 22.97 -5.93
CA ARG A 182 9.64 24.06 -6.18
C ARG A 182 9.48 25.12 -5.10
N GLU A 183 8.31 25.15 -4.48
CA GLU A 183 8.01 26.10 -3.43
C GLU A 183 8.05 25.41 -2.06
N LYS A 184 8.93 24.40 -1.96
CA LYS A 184 9.09 23.63 -0.74
C LYS A 184 9.26 24.53 0.48
N ASN B 1 -4.38 -34.08 -0.68
CA ASN B 1 -4.37 -32.67 -0.36
C ASN B 1 -4.97 -32.45 1.03
N TRP B 2 -4.29 -31.65 1.84
CA TRP B 2 -4.77 -31.37 3.19
C TRP B 2 -5.09 -29.89 3.37
N LYS B 3 -5.20 -29.18 2.24
CA LYS B 3 -5.53 -27.77 2.28
C LYS B 3 -7.04 -27.59 2.44
N LYS B 4 -7.43 -26.74 3.36
CA LYS B 4 -8.84 -26.51 3.64
C LYS B 4 -9.47 -25.55 2.63
N GLN B 5 -9.75 -24.32 3.07
CA GLN B 5 -10.37 -23.33 2.21
C GLN B 5 -9.98 -21.92 2.62
N PHE B 6 -10.53 -20.94 1.92
CA PHE B 6 -10.26 -19.54 2.21
C PHE B 6 -11.42 -18.92 2.98
N GLY B 7 -11.40 -17.61 3.13
CA GLY B 7 -12.46 -16.92 3.84
C GLY B 7 -13.73 -16.84 3.04
N ALA B 8 -14.78 -17.51 3.51
CA ALA B 8 -16.06 -17.52 2.82
C ALA B 8 -16.93 -16.33 3.22
N GLU B 9 -16.36 -15.44 4.01
CA GLU B 9 -17.07 -14.25 4.48
C GLU B 9 -17.09 -13.16 3.41
N CYS B 10 -16.63 -13.51 2.21
CA CYS B 10 -16.58 -12.56 1.12
C CYS B 10 -17.48 -13.01 -0.03
N LYS B 11 -18.12 -12.04 -0.67
CA LYS B 11 -19.03 -12.33 -1.78
C LYS B 11 -18.26 -12.57 -3.08
N TYR B 12 -18.10 -13.82 -3.43
CA TYR B 12 -17.37 -14.19 -4.64
C TYR B 12 -18.32 -14.70 -5.72
N GLN B 13 -17.78 -14.82 -6.92
CA GLN B 13 -18.52 -15.33 -8.07
C GLN B 13 -17.68 -16.39 -8.76
N PHE B 14 -18.11 -17.64 -8.64
CA PHE B 14 -17.39 -18.76 -9.24
C PHE B 14 -17.78 -18.92 -10.70
N GLN B 15 -16.82 -18.67 -11.58
CA GLN B 15 -17.05 -18.77 -13.02
C GLN B 15 -15.99 -19.66 -13.67
N ALA B 16 -16.32 -20.16 -14.86
CA ALA B 16 -15.43 -21.01 -15.66
C ALA B 16 -14.94 -22.25 -14.91
N TRP B 17 -15.51 -23.40 -15.26
CA TRP B 17 -15.10 -24.66 -14.65
C TRP B 17 -13.84 -25.19 -15.32
N GLY B 18 -13.54 -24.63 -16.49
CA GLY B 18 -12.35 -25.01 -17.24
C GLY B 18 -12.39 -26.43 -17.76
N GLU B 19 -11.40 -26.77 -18.58
CA GLU B 19 -11.28 -28.10 -19.14
C GLU B 19 -10.71 -29.03 -18.08
N CYS B 20 -11.19 -30.26 -18.07
CA CYS B 20 -10.72 -31.22 -17.09
C CYS B 20 -9.31 -31.67 -17.44
N ASP B 21 -8.39 -31.47 -16.51
CA ASP B 21 -7.01 -31.86 -16.73
C ASP B 21 -6.91 -33.38 -16.70
N LEU B 22 -6.57 -33.96 -17.84
CA LEU B 22 -6.46 -35.41 -17.96
C LEU B 22 -5.17 -35.94 -17.35
N ASN B 23 -4.40 -35.07 -16.73
CA ASN B 23 -3.15 -35.46 -16.09
C ASN B 23 -3.38 -35.75 -14.61
N THR B 24 -3.95 -34.77 -13.91
CA THR B 24 -4.22 -34.91 -12.49
C THR B 24 -5.64 -35.44 -12.25
N ALA B 25 -6.45 -35.46 -13.32
CA ALA B 25 -7.84 -35.94 -13.26
C ALA B 25 -8.68 -35.02 -12.38
N LEU B 26 -8.33 -33.74 -12.36
CA LEU B 26 -9.05 -32.76 -11.58
C LEU B 26 -9.47 -31.59 -12.48
N LYS B 27 -10.32 -30.73 -11.96
CA LYS B 27 -10.78 -29.56 -12.68
C LYS B 27 -10.73 -28.35 -11.77
N THR B 28 -10.32 -27.21 -12.31
CA THR B 28 -10.19 -26.00 -11.51
C THR B 28 -11.16 -24.90 -11.95
N ARG B 29 -11.82 -24.30 -10.95
CA ARG B 29 -12.76 -23.22 -11.20
C ARG B 29 -12.21 -21.94 -10.58
N THR B 30 -12.53 -20.80 -11.18
CA THR B 30 -12.04 -19.52 -10.68
C THR B 30 -13.15 -18.68 -10.07
N GLY B 31 -12.85 -18.07 -8.92
CA GLY B 31 -13.81 -17.23 -8.24
C GLY B 31 -13.32 -15.79 -8.22
N SER B 32 -14.16 -14.87 -8.63
CA SER B 32 -13.76 -13.47 -8.67
C SER B 32 -14.53 -12.62 -7.66
N LEU B 33 -13.81 -11.75 -6.98
CA LEU B 33 -14.40 -10.84 -5.99
C LEU B 33 -15.15 -9.73 -6.72
N LYS B 34 -16.41 -9.55 -6.37
CA LYS B 34 -17.22 -8.52 -7.01
C LYS B 34 -17.51 -7.38 -6.04
N ARG B 35 -17.51 -7.68 -4.75
CA ARG B 35 -17.77 -6.67 -3.75
C ARG B 35 -17.33 -7.14 -2.38
N ALA B 36 -16.65 -6.27 -1.66
CA ALA B 36 -16.16 -6.57 -0.32
C ALA B 36 -16.80 -5.60 0.67
N LEU B 37 -16.45 -5.74 1.94
CA LEU B 37 -17.00 -4.86 2.97
C LEU B 37 -15.90 -3.98 3.55
N HIS B 38 -16.28 -2.96 4.30
CA HIS B 38 -15.33 -2.03 4.91
C HIS B 38 -14.69 -2.64 6.14
N ASN B 39 -14.74 -3.97 6.22
CA ASN B 39 -14.17 -4.71 7.33
C ASN B 39 -13.70 -6.07 6.86
N ALA B 40 -13.39 -6.16 5.56
CA ALA B 40 -12.94 -7.42 4.97
C ALA B 40 -12.05 -7.17 3.76
N GLU B 41 -10.75 -7.37 3.94
CA GLU B 41 -9.80 -7.19 2.84
C GLU B 41 -9.67 -8.50 2.04
N CYS B 42 -10.68 -8.79 1.24
CA CYS B 42 -10.72 -10.03 0.45
C CYS B 42 -9.94 -9.90 -0.86
N GLN B 43 -9.36 -11.01 -1.30
CA GLN B 43 -8.59 -11.04 -2.55
C GLN B 43 -9.53 -10.88 -3.75
N LYS B 44 -8.99 -10.34 -4.84
CA LYS B 44 -9.79 -10.10 -6.05
C LYS B 44 -10.12 -11.39 -6.81
N THR B 45 -9.35 -12.44 -6.61
CA THR B 45 -9.60 -13.69 -7.30
C THR B 45 -9.09 -14.89 -6.50
N VAL B 46 -9.82 -16.00 -6.61
CA VAL B 46 -9.48 -17.23 -5.92
C VAL B 46 -9.54 -18.41 -6.90
N THR B 47 -8.86 -19.49 -6.56
CA THR B 47 -8.85 -20.66 -7.41
C THR B 47 -9.17 -21.91 -6.58
N ILE B 48 -10.00 -22.79 -7.11
CA ILE B 48 -10.37 -24.01 -6.40
C ILE B 48 -10.44 -25.18 -7.37
N SER B 49 -9.78 -26.27 -7.01
CA SER B 49 -9.75 -27.46 -7.85
C SER B 49 -10.46 -28.62 -7.17
N LYS B 50 -11.22 -29.37 -7.97
CA LYS B 50 -11.96 -30.52 -7.46
C LYS B 50 -11.81 -31.70 -8.41
N PRO B 51 -11.99 -32.93 -7.91
CA PRO B 51 -11.89 -34.15 -8.74
C PRO B 51 -12.81 -34.10 -9.95
N CYS B 52 -12.33 -34.59 -11.08
CA CYS B 52 -13.12 -34.60 -12.31
C CYS B 52 -14.37 -35.45 -12.17
N GLY B 53 -14.36 -36.37 -11.20
CA GLY B 53 -15.50 -37.24 -10.95
C GLY B 53 -16.66 -36.48 -10.34
N LYS B 54 -16.43 -35.22 -9.99
CA LYS B 54 -17.45 -34.35 -9.40
C LYS B 54 -17.92 -34.88 -8.04
N LEU B 55 -17.00 -34.94 -7.09
CA LEU B 55 -17.34 -35.42 -5.76
C LEU B 55 -17.48 -34.23 -4.82
N THR B 56 -18.52 -34.22 -4.01
CA THR B 56 -18.75 -33.15 -3.08
C THR B 56 -19.02 -33.69 -1.67
N LYS B 57 -18.15 -33.33 -0.73
CA LYS B 57 -18.29 -33.78 0.63
C LYS B 57 -18.19 -32.60 1.60
MG MG C . -6.34 -1.78 2.79
N ASP A 1 18.90 17.49 -2.10
CA ASP A 1 18.14 18.52 -1.39
C ASP A 1 16.76 18.00 -1.02
N SER A 2 16.32 16.94 -1.68
CA SER A 2 15.02 16.37 -1.40
C SER A 2 15.12 14.86 -1.20
N ASP A 3 14.51 14.41 -0.11
CA ASP A 3 14.46 13.00 0.24
C ASP A 3 13.01 12.55 0.15
N ILE A 4 12.67 11.81 -0.89
CA ILE A 4 11.29 11.36 -1.08
C ILE A 4 11.12 9.88 -0.78
N ALA A 5 10.10 9.55 0.00
CA ALA A 5 9.80 8.18 0.36
C ALA A 5 8.38 7.84 -0.07
N PHE A 6 8.17 6.60 -0.49
CA PHE A 6 6.85 6.16 -0.94
C PHE A 6 6.28 5.10 0.00
N LEU A 7 5.01 5.27 0.32
CA LEU A 7 4.30 4.34 1.19
C LEU A 7 3.10 3.81 0.42
N ILE A 8 3.20 2.60 -0.08
CA ILE A 8 2.12 2.00 -0.86
C ILE A 8 1.37 0.94 -0.07
N ASP A 9 0.05 0.95 -0.19
CA ASP A 9 -0.82 -0.01 0.48
C ASP A 9 -0.92 -1.27 -0.37
N GLY A 10 -0.57 -2.40 0.25
CA GLY A 10 -0.64 -3.66 -0.44
C GLY A 10 -1.59 -4.60 0.23
N SER A 11 -2.63 -4.07 0.87
CA SER A 11 -3.58 -4.92 1.56
C SER A 11 -4.48 -5.66 0.58
N GLY A 12 -5.39 -6.44 1.14
CA GLY A 12 -6.29 -7.25 0.35
C GLY A 12 -7.32 -6.45 -0.41
N SER A 13 -7.61 -5.25 0.07
CA SER A 13 -8.58 -4.39 -0.58
C SER A 13 -7.96 -3.75 -1.81
N ILE A 14 -6.66 -3.99 -2.00
CA ILE A 14 -5.94 -3.46 -3.13
C ILE A 14 -5.98 -4.45 -4.28
N ILE A 15 -6.84 -4.18 -5.25
CA ILE A 15 -6.96 -5.03 -6.41
C ILE A 15 -5.66 -4.96 -7.20
N PRO A 16 -5.07 -6.12 -7.55
CA PRO A 16 -3.80 -6.22 -8.31
C PRO A 16 -3.67 -5.18 -9.43
N HIS A 17 -4.78 -4.83 -10.07
CA HIS A 17 -4.79 -3.86 -11.15
C HIS A 17 -4.37 -2.48 -10.63
N ASP A 18 -4.91 -2.10 -9.48
CA ASP A 18 -4.62 -0.81 -8.89
C ASP A 18 -3.29 -0.83 -8.16
N PHE A 19 -2.89 -2.00 -7.67
CA PHE A 19 -1.59 -2.12 -7.02
C PHE A 19 -0.53 -1.89 -8.09
N ARG A 20 -0.85 -2.35 -9.29
CA ARG A 20 0.01 -2.18 -10.44
C ARG A 20 0.10 -0.69 -10.77
N ARG A 21 -1.05 -0.01 -10.69
CA ARG A 21 -1.13 1.42 -10.95
C ARG A 21 -0.24 2.17 -9.98
N MET A 22 -0.22 1.72 -8.73
CA MET A 22 0.62 2.33 -7.70
C MET A 22 2.06 2.28 -8.14
N LYS A 23 2.49 1.09 -8.52
CA LYS A 23 3.86 0.86 -8.96
C LYS A 23 4.18 1.71 -10.19
N GLU A 24 3.26 1.72 -11.15
CA GLU A 24 3.43 2.52 -12.35
C GLU A 24 3.60 3.98 -11.98
N PHE A 25 2.70 4.47 -11.12
CA PHE A 25 2.72 5.84 -10.65
C PHE A 25 4.07 6.15 -10.02
N VAL A 26 4.48 5.34 -9.05
CA VAL A 26 5.75 5.52 -8.35
C VAL A 26 6.92 5.61 -9.33
N SER A 27 6.98 4.69 -10.29
CA SER A 27 8.05 4.68 -11.28
C SER A 27 8.06 5.98 -12.08
N THR A 28 6.88 6.39 -12.55
CA THR A 28 6.75 7.61 -13.33
C THR A 28 7.17 8.82 -12.49
N VAL A 29 6.92 8.75 -11.19
CA VAL A 29 7.29 9.82 -10.28
C VAL A 29 8.81 9.92 -10.18
N MET A 30 9.47 8.76 -10.12
CA MET A 30 10.92 8.71 -10.02
C MET A 30 11.57 8.98 -11.38
N GLU A 31 10.79 8.87 -12.44
CA GLU A 31 11.30 9.12 -13.78
C GLU A 31 11.08 10.58 -14.18
N GLN A 32 10.11 11.21 -13.54
CA GLN A 32 9.81 12.61 -13.81
C GLN A 32 10.56 13.52 -12.85
N LEU A 33 10.67 13.09 -11.61
CA LEU A 33 11.36 13.87 -10.59
C LEU A 33 12.79 13.38 -10.41
N LYS A 34 13.40 12.99 -11.52
CA LYS A 34 14.76 12.47 -11.52
C LYS A 34 15.77 13.62 -11.47
N LYS A 35 16.01 14.13 -10.26
CA LYS A 35 16.97 15.22 -10.06
C LYS A 35 18.30 14.67 -9.59
N SER A 36 19.36 15.44 -9.78
CA SER A 36 20.70 15.03 -9.38
C SER A 36 20.87 15.03 -7.86
N LYS A 37 19.93 15.64 -7.15
CA LYS A 37 20.00 15.72 -5.69
C LYS A 37 18.69 15.23 -5.08
N THR A 38 18.17 14.14 -5.59
CA THR A 38 16.92 13.60 -5.09
C THR A 38 16.98 12.08 -5.00
N LEU A 39 16.85 11.56 -3.80
CA LEU A 39 16.87 10.12 -3.58
C LEU A 39 15.46 9.64 -3.30
N PHE A 40 15.23 8.34 -3.45
CA PHE A 40 13.90 7.80 -3.23
C PHE A 40 13.94 6.56 -2.35
N SER A 41 12.81 6.29 -1.72
CA SER A 41 12.66 5.14 -0.85
C SER A 41 11.23 4.61 -0.99
N LEU A 42 11.01 3.34 -0.71
CA LEU A 42 9.68 2.77 -0.82
C LEU A 42 9.47 1.63 0.15
N MET A 43 8.35 1.69 0.85
CA MET A 43 7.99 0.66 1.81
C MET A 43 6.53 0.28 1.62
N GLN A 44 6.27 -1.01 1.42
CA GLN A 44 4.91 -1.48 1.26
C GLN A 44 4.41 -1.97 2.60
N TYR A 45 3.11 -1.95 2.82
CA TYR A 45 2.58 -2.38 4.09
C TYR A 45 1.22 -3.06 3.97
N SER A 46 0.90 -3.78 5.02
CA SER A 46 -0.35 -4.49 5.19
C SER A 46 -0.54 -4.64 6.69
N GLU A 47 -0.08 -5.74 7.21
CA GLU A 47 -0.05 -5.97 8.63
C GLU A 47 1.41 -5.96 9.01
N GLU A 48 2.23 -6.29 8.01
CA GLU A 48 3.67 -6.28 8.13
C GLU A 48 4.18 -5.07 7.35
N PHE A 49 5.49 -4.96 7.19
CA PHE A 49 6.09 -3.84 6.48
C PHE A 49 7.34 -4.28 5.74
N ARG A 50 7.38 -4.05 4.44
CA ARG A 50 8.52 -4.46 3.65
C ARG A 50 9.16 -3.31 2.89
N ILE A 51 10.41 -3.04 3.23
CA ILE A 51 11.19 -2.02 2.56
C ILE A 51 11.80 -2.64 1.31
N HIS A 52 11.56 -2.02 0.16
CA HIS A 52 12.08 -2.56 -1.10
C HIS A 52 13.41 -1.95 -1.46
N PHE A 53 13.58 -0.68 -1.15
CA PHE A 53 14.83 0.01 -1.43
C PHE A 53 14.94 1.27 -0.59
N THR A 54 16.08 1.46 0.04
CA THR A 54 16.32 2.63 0.85
C THR A 54 16.96 3.74 0.04
N PHE A 55 17.18 4.89 0.68
CA PHE A 55 17.79 6.03 0.01
C PHE A 55 19.20 5.69 -0.45
N LYS A 56 19.84 4.80 0.28
CA LYS A 56 21.19 4.36 -0.04
C LYS A 56 21.20 3.47 -1.28
N GLU A 57 20.26 2.52 -1.31
CA GLU A 57 20.16 1.60 -2.43
C GLU A 57 19.84 2.34 -3.72
N PHE A 58 18.95 3.32 -3.62
CA PHE A 58 18.58 4.13 -4.78
C PHE A 58 19.76 4.98 -5.24
N GLN A 59 20.66 5.27 -4.31
CA GLN A 59 21.85 6.06 -4.62
C GLN A 59 22.88 5.17 -5.30
N ASN A 60 22.70 3.87 -5.17
CA ASN A 60 23.59 2.90 -5.78
C ASN A 60 23.03 2.45 -7.13
N ASN A 61 21.72 2.30 -7.18
CA ASN A 61 21.03 1.89 -8.41
C ASN A 61 19.83 2.82 -8.65
N PRO A 62 20.05 3.91 -9.39
CA PRO A 62 19.01 4.90 -9.68
C PRO A 62 18.09 4.48 -10.82
N ASN A 63 17.65 3.23 -10.79
CA ASN A 63 16.77 2.69 -11.82
C ASN A 63 15.40 2.37 -11.23
N PRO A 64 14.47 3.33 -11.33
CA PRO A 64 13.11 3.18 -10.77
C PRO A 64 12.39 1.95 -11.29
N ARG A 65 12.44 1.76 -12.59
CA ARG A 65 11.78 0.63 -13.26
C ARG A 65 12.31 -0.72 -12.75
N SER A 66 13.58 -0.76 -12.36
CA SER A 66 14.19 -1.99 -11.90
C SER A 66 13.95 -2.23 -10.41
N LEU A 67 13.53 -1.22 -9.68
CA LEU A 67 13.28 -1.36 -8.24
C LEU A 67 11.81 -1.58 -7.96
N VAL A 68 10.96 -1.17 -8.89
CA VAL A 68 9.53 -1.30 -8.74
C VAL A 68 9.00 -2.55 -9.44
N LYS A 69 9.76 -3.08 -10.38
CA LYS A 69 9.36 -4.27 -11.12
C LYS A 69 9.22 -5.51 -10.22
N PRO A 70 10.22 -5.84 -9.37
CA PRO A 70 10.17 -7.02 -8.49
C PRO A 70 9.26 -6.86 -7.28
N ILE A 71 8.68 -5.67 -7.12
CA ILE A 71 7.79 -5.38 -6.00
C ILE A 71 6.49 -6.20 -6.11
N THR A 72 6.32 -7.12 -5.18
CA THR A 72 5.13 -7.98 -5.15
C THR A 72 4.14 -7.47 -4.12
N GLN A 73 2.91 -7.95 -4.18
CA GLN A 73 1.88 -7.53 -3.24
C GLN A 73 1.91 -8.40 -1.98
N LEU A 74 1.92 -7.76 -0.82
CA LEU A 74 1.97 -8.48 0.45
C LEU A 74 0.62 -9.08 0.83
N LEU A 75 -0.44 -8.31 0.60
CA LEU A 75 -1.82 -8.71 0.93
C LEU A 75 -2.02 -8.65 2.45
N GLY A 76 -3.27 -8.62 2.89
CA GLY A 76 -3.55 -8.57 4.31
C GLY A 76 -4.32 -7.33 4.72
N ARG A 77 -4.20 -6.95 5.98
CA ARG A 77 -4.89 -5.77 6.49
C ARG A 77 -4.19 -4.47 6.10
N THR A 78 -4.61 -3.37 6.71
CA THR A 78 -4.05 -2.04 6.40
C THR A 78 -3.52 -1.36 7.66
N HIS A 79 -2.24 -1.05 7.67
CA HIS A 79 -1.60 -0.39 8.79
C HIS A 79 -0.99 0.93 8.36
N THR A 80 -1.83 1.84 7.90
CA THR A 80 -1.37 3.14 7.42
C THR A 80 -0.76 3.98 8.52
N ALA A 81 -1.36 3.93 9.71
CA ALA A 81 -0.87 4.70 10.84
C ALA A 81 0.48 4.17 11.30
N THR A 82 0.53 2.88 11.61
CA THR A 82 1.75 2.24 12.06
C THR A 82 2.84 2.37 10.97
N GLY A 83 2.40 2.39 9.71
CA GLY A 83 3.32 2.52 8.60
C GLY A 83 3.99 3.87 8.55
N ILE A 84 3.20 4.93 8.68
CA ILE A 84 3.71 6.30 8.65
C ILE A 84 4.79 6.48 9.71
N ARG A 85 4.51 5.97 10.91
CA ARG A 85 5.44 6.08 12.02
C ARG A 85 6.75 5.37 11.72
N LYS A 86 6.68 4.27 10.99
CA LYS A 86 7.87 3.52 10.63
C LYS A 86 8.66 4.23 9.55
N VAL A 87 7.97 4.89 8.64
CA VAL A 87 8.60 5.61 7.54
C VAL A 87 9.45 6.77 8.06
N VAL A 88 8.93 7.50 9.03
CA VAL A 88 9.64 8.65 9.58
C VAL A 88 10.73 8.26 10.57
N ARG A 89 10.84 6.97 10.88
CA ARG A 89 11.85 6.51 11.82
C ARG A 89 12.89 5.60 11.17
N GLU A 90 12.45 4.77 10.23
CA GLU A 90 13.35 3.84 9.55
C GLU A 90 13.74 4.34 8.15
N LEU A 91 12.73 4.66 7.35
CA LEU A 91 12.97 5.12 5.98
C LEU A 91 13.81 6.39 5.96
N PHE A 92 13.41 7.37 6.75
CA PHE A 92 14.13 8.64 6.80
C PHE A 92 15.28 8.61 7.82
N ASN A 93 15.97 7.47 7.91
CA ASN A 93 17.08 7.35 8.84
C ASN A 93 18.41 7.52 8.09
N ILE A 94 19.33 8.26 8.69
CA ILE A 94 20.64 8.51 8.08
C ILE A 94 21.34 7.20 7.73
N THR A 95 21.15 6.18 8.57
CA THR A 95 21.76 4.89 8.36
C THR A 95 21.27 4.22 7.08
N ASN A 96 20.02 4.49 6.73
CA ASN A 96 19.42 3.90 5.53
C ASN A 96 19.70 4.76 4.30
N GLY A 97 20.27 5.94 4.49
CA GLY A 97 20.60 6.78 3.36
C GLY A 97 20.00 8.17 3.41
N ALA A 98 19.20 8.45 4.43
CA ALA A 98 18.57 9.77 4.55
C ALA A 98 19.63 10.83 4.81
N ARG A 99 19.53 11.93 4.09
CA ARG A 99 20.52 12.99 4.23
C ARG A 99 20.03 14.08 5.17
N LYS A 100 20.97 14.80 5.76
CA LYS A 100 20.65 15.88 6.69
C LYS A 100 20.42 17.18 5.92
N ASN A 101 19.55 18.04 6.47
CA ASN A 101 19.19 19.35 5.90
C ASN A 101 18.28 19.20 4.68
N ALA A 102 18.29 18.01 4.08
CA ALA A 102 17.44 17.74 2.92
C ALA A 102 15.98 17.66 3.35
N PHE A 103 15.10 18.09 2.46
CA PHE A 103 13.67 18.11 2.75
C PHE A 103 13.08 16.71 2.77
N LYS A 104 12.12 16.48 3.66
CA LYS A 104 11.47 15.19 3.80
C LYS A 104 10.12 15.18 3.12
N ILE A 105 9.95 14.32 2.13
CA ILE A 105 8.69 14.21 1.41
C ILE A 105 8.20 12.76 1.42
N LEU A 106 6.98 12.55 1.85
CA LEU A 106 6.40 11.22 1.92
C LEU A 106 5.12 11.13 1.09
N VAL A 107 5.15 10.25 0.10
CA VAL A 107 4.00 10.02 -0.76
C VAL A 107 3.27 8.76 -0.31
N VAL A 108 2.03 8.94 0.14
CA VAL A 108 1.22 7.84 0.63
C VAL A 108 0.13 7.44 -0.35
N ILE A 109 0.26 6.25 -0.90
CA ILE A 109 -0.72 5.72 -1.84
C ILE A 109 -1.44 4.58 -1.13
N THR A 110 -2.63 4.84 -0.61
CA THR A 110 -3.37 3.84 0.14
C THR A 110 -4.81 3.67 -0.34
N ASP A 111 -5.49 2.69 0.26
CA ASP A 111 -6.88 2.38 -0.07
C ASP A 111 -7.81 3.40 0.58
N GLY A 112 -7.34 4.01 1.67
CA GLY A 112 -8.13 5.00 2.37
C GLY A 112 -8.98 4.38 3.47
N GLU A 113 -8.73 3.10 3.72
CA GLU A 113 -9.48 2.37 4.73
C GLU A 113 -8.52 1.62 5.65
N LYS A 114 -8.07 2.32 6.69
CA LYS A 114 -7.16 1.74 7.65
C LYS A 114 -7.90 0.71 8.52
N PHE A 115 -7.63 -0.56 8.29
CA PHE A 115 -8.30 -1.63 9.03
C PHE A 115 -7.30 -2.54 9.75
N GLY A 116 -7.50 -2.74 11.05
CA GLY A 116 -6.62 -3.61 11.81
C GLY A 116 -5.42 -2.88 12.38
N ASP A 117 -5.40 -1.57 12.24
CA ASP A 117 -4.29 -0.76 12.75
C ASP A 117 -4.60 -0.31 14.17
N PRO A 118 -3.75 -0.74 15.13
CA PRO A 118 -3.93 -0.38 16.54
C PRO A 118 -3.56 1.06 16.84
N LEU A 119 -2.88 1.71 15.90
CA LEU A 119 -2.47 3.09 16.07
C LEU A 119 -3.35 4.00 15.22
N GLY A 120 -3.56 5.22 15.68
CA GLY A 120 -4.36 6.16 14.93
C GLY A 120 -3.49 7.14 14.17
N TYR A 121 -4.12 8.05 13.45
CA TYR A 121 -3.36 9.04 12.71
C TYR A 121 -2.90 10.11 13.67
N GLU A 122 -3.66 10.29 14.74
CA GLU A 122 -3.35 11.26 15.78
C GLU A 122 -2.08 10.87 16.53
N ASP A 123 -1.68 9.62 16.41
CA ASP A 123 -0.48 9.12 17.08
C ASP A 123 0.75 9.21 16.18
N VAL A 124 0.54 9.45 14.89
CA VAL A 124 1.66 9.51 13.95
C VAL A 124 1.77 10.84 13.20
N ILE A 125 0.65 11.52 12.99
CA ILE A 125 0.67 12.80 12.28
C ILE A 125 1.48 13.85 13.06
N PRO A 126 1.23 14.04 14.39
CA PRO A 126 1.99 15.03 15.19
C PRO A 126 3.50 14.73 15.19
N GLU A 127 3.85 13.51 14.82
CA GLU A 127 5.24 13.10 14.78
C GLU A 127 5.86 13.50 13.43
N ALA A 128 5.18 13.10 12.36
CA ALA A 128 5.65 13.41 11.00
C ALA A 128 5.68 14.90 10.73
N ASP A 129 4.85 15.66 11.43
CA ASP A 129 4.80 17.11 11.25
C ASP A 129 5.96 17.78 11.97
N ARG A 130 6.42 17.17 13.05
CA ARG A 130 7.53 17.72 13.82
C ARG A 130 8.85 17.50 13.10
N GLU A 131 9.06 16.28 12.59
CA GLU A 131 10.30 15.96 11.88
C GLU A 131 10.37 16.68 10.53
N GLY A 132 9.30 17.41 10.21
CA GLY A 132 9.25 18.15 8.95
C GLY A 132 9.09 17.26 7.74
N VAL A 133 8.09 16.39 7.80
CA VAL A 133 7.85 15.46 6.70
C VAL A 133 6.59 15.84 5.92
N ILE A 134 6.78 16.37 4.72
CA ILE A 134 5.69 16.77 3.85
C ILE A 134 4.94 15.52 3.37
N ARG A 135 3.63 15.50 3.52
CA ARG A 135 2.84 14.35 3.12
C ARG A 135 1.99 14.63 1.89
N TYR A 136 2.02 13.66 0.97
CA TYR A 136 1.24 13.71 -0.25
C TYR A 136 0.44 12.42 -0.36
N VAL A 137 -0.86 12.52 -0.52
CA VAL A 137 -1.69 11.33 -0.58
C VAL A 137 -2.25 11.09 -1.97
N ILE A 138 -2.15 9.84 -2.40
CA ILE A 138 -2.65 9.41 -3.69
C ILE A 138 -3.70 8.34 -3.47
N GLY A 139 -4.97 8.69 -3.72
CA GLY A 139 -6.05 7.75 -3.51
C GLY A 139 -6.31 6.83 -4.68
N VAL A 140 -6.62 5.59 -4.37
CA VAL A 140 -6.91 4.58 -5.38
C VAL A 140 -8.30 3.99 -5.15
N GLY A 141 -8.75 3.14 -6.07
CA GLY A 141 -10.05 2.50 -5.95
C GLY A 141 -11.20 3.46 -5.68
N ASP A 142 -11.89 3.26 -4.57
CA ASP A 142 -13.04 4.08 -4.19
C ASP A 142 -12.69 5.03 -3.06
N ALA A 143 -11.41 5.34 -2.91
CA ALA A 143 -10.94 6.24 -1.84
C ALA A 143 -11.59 7.63 -1.91
N PHE A 144 -12.09 8.00 -3.09
CA PHE A 144 -12.73 9.31 -3.27
C PHE A 144 -14.24 9.18 -3.37
N ARG A 145 -14.75 7.96 -3.33
CA ARG A 145 -16.18 7.73 -3.43
C ARG A 145 -16.81 7.59 -2.06
N SER A 146 -16.02 7.14 -1.08
CA SER A 146 -16.52 6.99 0.28
C SER A 146 -16.10 8.18 1.12
N GLU A 147 -16.92 8.51 2.12
CA GLU A 147 -16.66 9.64 3.00
C GLU A 147 -15.50 9.33 3.95
N LYS A 148 -15.54 8.14 4.53
CA LYS A 148 -14.53 7.72 5.48
C LYS A 148 -13.15 7.68 4.83
N SER A 149 -13.10 7.27 3.57
CA SER A 149 -11.86 7.20 2.85
C SER A 149 -11.36 8.60 2.47
N ARG A 150 -12.29 9.49 2.09
CA ARG A 150 -11.94 10.85 1.70
C ARG A 150 -11.31 11.61 2.85
N GLN A 151 -12.03 11.72 3.97
CA GLN A 151 -11.53 12.43 5.13
C GLN A 151 -10.23 11.81 5.64
N GLU A 152 -10.10 10.50 5.48
CA GLU A 152 -8.91 9.78 5.90
C GLU A 152 -7.68 10.32 5.17
N LEU A 153 -7.82 10.49 3.86
CA LEU A 153 -6.73 11.01 3.04
C LEU A 153 -6.39 12.44 3.45
N ASN A 154 -7.41 13.19 3.85
CA ASN A 154 -7.22 14.58 4.28
C ASN A 154 -6.55 14.66 5.64
N THR A 155 -6.51 13.53 6.35
CA THR A 155 -5.88 13.49 7.67
C THR A 155 -4.41 13.11 7.53
N ILE A 156 -4.05 12.53 6.40
CA ILE A 156 -2.68 12.12 6.16
C ILE A 156 -1.91 13.21 5.42
N ALA A 157 -2.59 13.85 4.46
CA ALA A 157 -1.97 14.91 3.68
C ALA A 157 -1.78 16.17 4.50
N SER A 158 -0.67 16.85 4.28
CA SER A 158 -0.36 18.08 4.99
C SER A 158 -1.34 19.18 4.59
N LYS A 159 -1.67 20.05 5.53
CA LYS A 159 -2.59 21.14 5.27
C LYS A 159 -1.94 22.18 4.36
N PRO A 160 -2.67 22.67 3.35
CA PRO A 160 -4.06 22.27 3.08
C PRO A 160 -4.13 20.90 2.39
N PRO A 161 -5.01 20.02 2.89
CA PRO A 161 -5.16 18.66 2.34
C PRO A 161 -5.60 18.65 0.87
N ARG A 162 -6.38 19.64 0.48
CA ARG A 162 -6.87 19.74 -0.89
C ARG A 162 -5.72 19.83 -1.90
N ASP A 163 -4.67 20.53 -1.52
CA ASP A 163 -3.52 20.74 -2.39
C ASP A 163 -2.45 19.67 -2.11
N HIS A 164 -2.87 18.56 -1.51
CA HIS A 164 -1.94 17.49 -1.18
C HIS A 164 -2.58 16.11 -1.38
N VAL A 165 -3.80 16.09 -1.90
CA VAL A 165 -4.50 14.84 -2.14
C VAL A 165 -4.82 14.71 -3.63
N PHE A 166 -4.21 13.75 -4.28
CA PHE A 166 -4.42 13.55 -5.70
C PHE A 166 -4.93 12.16 -6.00
N GLN A 167 -5.46 11.98 -7.20
CA GLN A 167 -5.99 10.69 -7.62
C GLN A 167 -4.93 9.87 -8.34
N VAL A 168 -4.92 8.56 -8.12
CA VAL A 168 -3.96 7.68 -8.76
C VAL A 168 -4.18 7.64 -10.27
N ASN A 169 -5.37 8.02 -10.71
CA ASN A 169 -5.69 8.03 -12.13
C ASN A 169 -5.45 9.41 -12.72
N ASN A 170 -4.99 10.34 -11.88
CA ASN A 170 -4.73 11.69 -12.34
C ASN A 170 -3.27 11.82 -12.76
N PHE A 171 -3.04 11.81 -14.06
CA PHE A 171 -1.70 11.90 -14.60
C PHE A 171 -1.13 13.31 -14.44
N GLU A 172 -2.00 14.32 -14.51
CA GLU A 172 -1.57 15.71 -14.38
C GLU A 172 -1.11 16.02 -12.95
N ALA A 173 -1.52 15.19 -12.01
CA ALA A 173 -1.15 15.38 -10.61
C ALA A 173 0.36 15.36 -10.42
N LEU A 174 1.06 14.61 -11.26
CA LEU A 174 2.51 14.51 -11.20
C LEU A 174 3.15 15.86 -11.48
N LYS A 175 2.69 16.53 -12.54
CA LYS A 175 3.22 17.84 -12.90
C LYS A 175 2.85 18.85 -11.82
N THR A 176 1.75 18.60 -11.14
CA THR A 176 1.27 19.47 -10.07
C THR A 176 2.19 19.36 -8.86
N ILE A 177 2.45 18.12 -8.42
CA ILE A 177 3.33 17.89 -7.27
C ILE A 177 4.73 18.44 -7.57
N GLN A 178 5.18 18.19 -8.80
CA GLN A 178 6.49 18.65 -9.25
C GLN A 178 6.57 20.18 -9.19
N ASN A 179 5.42 20.82 -9.38
CA ASN A 179 5.34 22.27 -9.34
C ASN A 179 5.47 22.78 -7.91
N GLN A 180 4.66 22.22 -7.01
CA GLN A 180 4.68 22.62 -5.61
C GLN A 180 6.02 22.26 -4.96
N LEU A 181 6.69 21.26 -5.52
CA LEU A 181 7.98 20.80 -5.01
C LEU A 181 9.06 21.87 -5.23
N ARG A 182 8.70 22.95 -5.90
CA ARG A 182 9.63 24.03 -6.15
C ARG A 182 9.51 25.09 -5.06
N GLU A 183 8.31 25.22 -4.50
CA GLU A 183 8.05 26.19 -3.45
C GLU A 183 8.10 25.47 -2.10
N LYS A 184 8.93 24.44 -2.04
CA LYS A 184 9.11 23.64 -0.82
C LYS A 184 9.28 24.53 0.42
N ASN B 1 -2.11 -34.31 2.95
CA ASN B 1 -2.24 -32.86 3.12
C ASN B 1 -2.92 -32.55 4.44
N TRP B 2 -2.36 -31.59 5.19
CA TRP B 2 -2.93 -31.21 6.47
C TRP B 2 -3.34 -29.74 6.45
N LYS B 3 -3.48 -29.19 5.24
CA LYS B 3 -3.87 -27.80 5.09
C LYS B 3 -5.40 -27.70 5.14
N LYS B 4 -5.90 -26.77 5.93
CA LYS B 4 -7.34 -26.60 6.08
C LYS B 4 -7.94 -25.77 4.95
N GLN B 5 -8.31 -24.53 5.24
CA GLN B 5 -8.90 -23.67 4.24
C GLN B 5 -8.63 -22.19 4.54
N PHE B 6 -9.15 -21.33 3.68
CA PHE B 6 -8.98 -19.89 3.81
C PHE B 6 -10.23 -19.28 4.44
N GLY B 7 -10.32 -17.95 4.43
CA GLY B 7 -11.47 -17.27 4.98
C GLY B 7 -12.68 -17.37 4.09
N ALA B 8 -13.73 -18.02 4.58
CA ALA B 8 -14.95 -18.20 3.80
C ALA B 8 -15.89 -17.01 3.95
N GLU B 9 -15.46 -16.03 4.75
CA GLU B 9 -16.26 -14.83 5.00
C GLU B 9 -16.22 -13.87 3.82
N CYS B 10 -15.69 -14.32 2.70
CA CYS B 10 -15.59 -13.49 1.51
C CYS B 10 -16.35 -14.13 0.34
N LYS B 11 -17.11 -13.29 -0.37
CA LYS B 11 -17.91 -13.75 -1.50
C LYS B 11 -17.03 -14.06 -2.71
N TYR B 12 -16.68 -15.33 -2.87
CA TYR B 12 -15.85 -15.75 -3.99
C TYR B 12 -16.69 -16.41 -5.08
N GLN B 13 -16.04 -16.66 -6.21
CA GLN B 13 -16.68 -17.32 -7.33
C GLN B 13 -15.75 -18.40 -7.86
N PHE B 14 -16.13 -19.64 -7.64
CA PHE B 14 -15.33 -20.78 -8.07
C PHE B 14 -15.61 -21.12 -9.54
N GLN B 15 -14.62 -20.92 -10.38
CA GLN B 15 -14.75 -21.18 -11.81
C GLN B 15 -13.61 -22.06 -12.30
N ALA B 16 -13.84 -22.73 -13.43
CA ALA B 16 -12.86 -23.60 -14.07
C ALA B 16 -12.38 -24.74 -13.17
N TRP B 17 -12.85 -25.95 -13.44
CA TRP B 17 -12.46 -27.11 -12.64
C TRP B 17 -11.11 -27.64 -13.13
N GLY B 18 -10.73 -27.23 -14.34
CA GLY B 18 -9.44 -27.62 -14.92
C GLY B 18 -9.34 -29.10 -15.27
N GLU B 19 -8.33 -29.41 -16.07
CA GLU B 19 -8.06 -30.77 -16.48
C GLU B 19 -7.52 -31.56 -15.29
N CYS B 20 -7.90 -32.82 -15.20
CA CYS B 20 -7.45 -33.65 -14.10
C CYS B 20 -6.00 -34.07 -14.32
N ASP B 21 -5.14 -33.68 -13.39
CA ASP B 21 -3.73 -34.03 -13.49
C ASP B 21 -3.57 -35.52 -13.27
N LEU B 22 -3.10 -36.22 -14.30
CA LEU B 22 -2.93 -37.66 -14.23
C LEU B 22 -1.63 -38.03 -13.51
N ASN B 23 -1.02 -37.04 -12.86
CA ASN B 23 0.20 -37.25 -12.10
C ASN B 23 -0.12 -37.39 -10.61
N THR B 24 -0.74 -36.37 -10.05
CA THR B 24 -1.12 -36.39 -8.64
C THR B 24 -2.51 -36.98 -8.45
N ALA B 25 -3.24 -37.13 -9.57
CA ALA B 25 -4.59 -37.68 -9.57
C ALA B 25 -5.57 -36.74 -8.87
N LEU B 26 -5.30 -35.44 -8.97
CA LEU B 26 -6.15 -34.43 -8.35
C LEU B 26 -6.56 -33.39 -9.39
N LYS B 27 -7.47 -32.51 -9.01
CA LYS B 27 -7.93 -31.45 -9.88
C LYS B 27 -8.01 -30.14 -9.10
N THR B 28 -7.63 -29.04 -9.73
CA THR B 28 -7.61 -27.76 -9.08
C THR B 28 -8.61 -26.77 -9.69
N ARG B 29 -9.38 -26.12 -8.82
CA ARG B 29 -10.36 -25.12 -9.24
C ARG B 29 -9.92 -23.75 -8.75
N THR B 30 -10.30 -22.70 -9.46
CA THR B 30 -9.91 -21.35 -9.08
C THR B 30 -11.10 -20.51 -8.61
N GLY B 31 -10.92 -19.83 -7.49
CA GLY B 31 -11.96 -18.98 -6.95
C GLY B 31 -11.56 -17.52 -7.06
N SER B 32 -12.39 -16.72 -7.70
CA SER B 32 -12.08 -15.31 -7.89
C SER B 32 -12.97 -14.41 -7.04
N LEU B 33 -12.35 -13.43 -6.40
CA LEU B 33 -13.07 -12.47 -5.56
C LEU B 33 -13.81 -11.48 -6.45
N LYS B 34 -15.10 -11.31 -6.19
CA LYS B 34 -15.91 -10.39 -6.99
C LYS B 34 -16.31 -9.17 -6.18
N ARG B 35 -16.39 -9.34 -4.86
CA ARG B 35 -16.76 -8.24 -3.98
C ARG B 35 -16.39 -8.56 -2.54
N ALA B 36 -15.78 -7.59 -1.88
CA ALA B 36 -15.39 -7.74 -0.49
C ALA B 36 -16.10 -6.69 0.36
N LEU B 37 -15.73 -6.59 1.63
CA LEU B 37 -16.35 -5.64 2.53
C LEU B 37 -15.30 -4.69 3.09
N HIS B 38 -15.74 -3.58 3.65
CA HIS B 38 -14.84 -2.58 4.25
C HIS B 38 -14.16 -3.15 5.49
N ASN B 39 -14.63 -4.30 5.93
CA ASN B 39 -14.08 -4.95 7.10
C ASN B 39 -13.60 -6.35 6.74
N ALA B 40 -13.14 -6.52 5.51
CA ALA B 40 -12.66 -7.80 5.02
C ALA B 40 -11.69 -7.64 3.84
N GLU B 41 -10.40 -7.53 4.15
CA GLU B 41 -9.38 -7.39 3.10
C GLU B 41 -9.03 -8.79 2.55
N CYS B 42 -9.91 -9.35 1.73
CA CYS B 42 -9.71 -10.68 1.16
C CYS B 42 -8.81 -10.64 -0.09
N GLN B 43 -8.32 -11.80 -0.50
CA GLN B 43 -7.48 -11.90 -1.68
C GLN B 43 -8.33 -11.89 -2.95
N LYS B 44 -7.74 -11.49 -4.06
CA LYS B 44 -8.46 -11.40 -5.34
C LYS B 44 -8.68 -12.78 -5.97
N THR B 45 -7.86 -13.75 -5.64
CA THR B 45 -7.98 -15.08 -6.21
C THR B 45 -7.48 -16.15 -5.24
N VAL B 46 -8.14 -17.31 -5.27
CA VAL B 46 -7.78 -18.44 -4.42
C VAL B 46 -7.72 -19.71 -5.26
N THR B 47 -7.04 -20.72 -4.75
CA THR B 47 -6.91 -21.98 -5.46
C THR B 47 -7.21 -23.14 -4.53
N ILE B 48 -7.95 -24.12 -5.03
CA ILE B 48 -8.30 -25.30 -4.23
C ILE B 48 -8.22 -26.56 -5.08
N SER B 49 -7.49 -27.55 -4.58
CA SER B 49 -7.34 -28.81 -5.28
C SER B 49 -8.03 -29.94 -4.53
N LYS B 50 -8.70 -30.82 -5.28
CA LYS B 50 -9.41 -31.94 -4.70
C LYS B 50 -9.13 -33.21 -5.50
N PRO B 51 -9.31 -34.39 -4.88
CA PRO B 51 -9.10 -35.68 -5.54
C PRO B 51 -9.94 -35.82 -6.80
N CYS B 52 -9.36 -36.42 -7.84
CA CYS B 52 -10.07 -36.61 -9.11
C CYS B 52 -11.27 -37.52 -8.93
N GLY B 53 -11.29 -38.30 -7.85
CA GLY B 53 -12.39 -39.19 -7.58
C GLY B 53 -13.64 -38.45 -7.11
N LYS B 54 -13.49 -37.14 -6.94
CA LYS B 54 -14.59 -36.27 -6.51
C LYS B 54 -15.11 -36.66 -5.13
N LEU B 55 -14.24 -36.62 -4.13
CA LEU B 55 -14.64 -36.96 -2.78
C LEU B 55 -14.92 -35.68 -2.00
N THR B 56 -15.98 -35.69 -1.22
CA THR B 56 -16.37 -34.53 -0.44
C THR B 56 -16.71 -34.93 0.98
N LYS B 57 -15.94 -34.43 1.94
CA LYS B 57 -16.16 -34.74 3.34
C LYS B 57 -16.22 -33.47 4.17
MG MG C . -6.34 -1.94 2.77
N ASP A 1 18.90 17.51 -2.08
CA ASP A 1 18.12 18.54 -1.38
C ASP A 1 16.75 18.03 -1.01
N SER A 2 16.31 16.95 -1.67
CA SER A 2 15.01 16.38 -1.39
C SER A 2 15.11 14.87 -1.18
N ASP A 3 14.51 14.41 -0.09
CA ASP A 3 14.46 13.00 0.24
C ASP A 3 13.01 12.55 0.15
N ILE A 4 12.67 11.81 -0.89
CA ILE A 4 11.29 11.36 -1.08
C ILE A 4 11.12 9.88 -0.78
N ALA A 5 10.11 9.56 0.00
CA ALA A 5 9.80 8.18 0.35
C ALA A 5 8.38 7.84 -0.06
N PHE A 6 8.17 6.61 -0.50
CA PHE A 6 6.85 6.16 -0.94
C PHE A 6 6.29 5.11 0.00
N LEU A 7 5.03 5.28 0.34
CA LEU A 7 4.31 4.35 1.19
C LEU A 7 3.11 3.82 0.42
N ILE A 8 3.20 2.60 -0.09
CA ILE A 8 2.13 2.00 -0.87
C ILE A 8 1.38 0.94 -0.08
N ASP A 9 0.06 0.95 -0.22
CA ASP A 9 -0.80 -0.02 0.46
C ASP A 9 -0.89 -1.30 -0.38
N GLY A 10 -0.56 -2.42 0.24
CA GLY A 10 -0.61 -3.69 -0.46
C GLY A 10 -1.58 -4.63 0.21
N SER A 11 -2.59 -4.08 0.85
CA SER A 11 -3.58 -4.89 1.55
C SER A 11 -4.46 -5.69 0.58
N GLY A 12 -5.37 -6.47 1.15
CA GLY A 12 -6.26 -7.29 0.36
C GLY A 12 -7.29 -6.48 -0.41
N SER A 13 -7.60 -5.30 0.11
CA SER A 13 -8.57 -4.41 -0.53
C SER A 13 -7.95 -3.77 -1.76
N ILE A 14 -6.66 -4.01 -1.96
CA ILE A 14 -5.95 -3.47 -3.10
C ILE A 14 -5.99 -4.45 -4.25
N ILE A 15 -6.85 -4.17 -5.22
CA ILE A 15 -6.96 -5.02 -6.38
C ILE A 15 -5.66 -4.95 -7.18
N PRO A 16 -5.08 -6.11 -7.53
CA PRO A 16 -3.82 -6.21 -8.29
C PRO A 16 -3.69 -5.18 -9.41
N HIS A 17 -4.80 -4.83 -10.04
CA HIS A 17 -4.81 -3.85 -11.12
C HIS A 17 -4.40 -2.47 -10.61
N ASP A 18 -4.92 -2.10 -9.46
CA ASP A 18 -4.63 -0.80 -8.87
C ASP A 18 -3.30 -0.83 -8.14
N PHE A 19 -2.90 -1.99 -7.65
CA PHE A 19 -1.59 -2.12 -7.01
C PHE A 19 -0.54 -1.88 -8.07
N ARG A 20 -0.86 -2.34 -9.27
CA ARG A 20 0.00 -2.16 -10.43
C ARG A 20 0.09 -0.67 -10.75
N ARG A 21 -1.06 0.00 -10.69
CA ARG A 21 -1.14 1.43 -10.95
C ARG A 21 -0.24 2.19 -9.98
N MET A 22 -0.22 1.72 -8.73
CA MET A 22 0.62 2.33 -7.70
C MET A 22 2.07 2.28 -8.14
N LYS A 23 2.50 1.08 -8.52
CA LYS A 23 3.86 0.86 -8.97
C LYS A 23 4.18 1.71 -10.19
N GLU A 24 3.25 1.73 -11.14
CA GLU A 24 3.42 2.52 -12.35
C GLU A 24 3.58 3.99 -11.98
N PHE A 25 2.70 4.47 -11.12
CA PHE A 25 2.73 5.85 -10.64
C PHE A 25 4.08 6.16 -10.02
N VAL A 26 4.49 5.33 -9.05
CA VAL A 26 5.76 5.52 -8.36
C VAL A 26 6.94 5.62 -9.33
N SER A 27 6.98 4.70 -10.29
CA SER A 27 8.06 4.69 -11.28
C SER A 27 8.06 5.98 -12.08
N THR A 28 6.88 6.39 -12.55
CA THR A 28 6.75 7.61 -13.33
C THR A 28 7.18 8.82 -12.50
N VAL A 29 6.93 8.76 -11.19
CA VAL A 29 7.29 9.82 -10.28
C VAL A 29 8.82 9.92 -10.18
N MET A 30 9.47 8.76 -10.12
CA MET A 30 10.93 8.71 -10.02
C MET A 30 11.58 8.98 -11.37
N GLU A 31 10.79 8.87 -12.44
CA GLU A 31 11.30 9.11 -13.78
C GLU A 31 11.09 10.57 -14.17
N GLN A 32 10.11 11.21 -13.54
CA GLN A 32 9.81 12.62 -13.81
C GLN A 32 10.57 13.52 -12.85
N LEU A 33 10.68 13.09 -11.60
CA LEU A 33 11.36 13.87 -10.59
C LEU A 33 12.79 13.38 -10.41
N LYS A 34 13.40 12.99 -11.52
CA LYS A 34 14.76 12.47 -11.51
C LYS A 34 15.77 13.62 -11.46
N LYS A 35 16.01 14.12 -10.25
CA LYS A 35 16.96 15.21 -10.05
C LYS A 35 18.30 14.66 -9.58
N SER A 36 19.35 15.44 -9.76
CA SER A 36 20.70 15.03 -9.37
C SER A 36 20.87 15.03 -7.85
N LYS A 37 19.93 15.65 -7.15
CA LYS A 37 20.00 15.72 -5.69
C LYS A 37 18.68 15.24 -5.08
N THR A 38 18.17 14.14 -5.59
CA THR A 38 16.92 13.60 -5.09
C THR A 38 16.98 12.08 -5.01
N LEU A 39 16.85 11.56 -3.80
CA LEU A 39 16.87 10.12 -3.59
C LEU A 39 15.46 9.64 -3.30
N PHE A 40 15.24 8.35 -3.45
CA PHE A 40 13.90 7.81 -3.24
C PHE A 40 13.94 6.56 -2.35
N SER A 41 12.82 6.28 -1.72
CA SER A 41 12.66 5.13 -0.85
C SER A 41 11.24 4.62 -0.99
N LEU A 42 11.02 3.33 -0.73
CA LEU A 42 9.68 2.77 -0.84
C LEU A 42 9.48 1.63 0.14
N MET A 43 8.36 1.68 0.85
CA MET A 43 8.00 0.65 1.81
C MET A 43 6.53 0.28 1.62
N GLN A 44 6.27 -1.00 1.41
CA GLN A 44 4.91 -1.48 1.25
C GLN A 44 4.41 -1.96 2.60
N TYR A 45 3.11 -1.93 2.82
CA TYR A 45 2.58 -2.35 4.10
C TYR A 45 1.23 -3.05 3.97
N SER A 46 0.92 -3.78 5.02
CA SER A 46 -0.34 -4.49 5.18
C SER A 46 -0.54 -4.63 6.68
N GLU A 47 -0.07 -5.74 7.21
CA GLU A 47 -0.05 -5.97 8.63
C GLU A 47 1.41 -5.97 9.02
N GLU A 48 2.23 -6.29 8.02
CA GLU A 48 3.68 -6.29 8.14
C GLU A 48 4.19 -5.07 7.36
N PHE A 49 5.50 -4.97 7.19
CA PHE A 49 6.08 -3.84 6.48
C PHE A 49 7.34 -4.29 5.74
N ARG A 50 7.38 -4.05 4.44
CA ARG A 50 8.53 -4.47 3.64
C ARG A 50 9.16 -3.31 2.89
N ILE A 51 10.41 -3.04 3.23
CA ILE A 51 11.18 -2.01 2.56
C ILE A 51 11.80 -2.64 1.31
N HIS A 52 11.56 -2.02 0.17
CA HIS A 52 12.08 -2.56 -1.09
C HIS A 52 13.42 -1.95 -1.47
N PHE A 53 13.59 -0.67 -1.14
CA PHE A 53 14.83 0.01 -1.43
C PHE A 53 14.93 1.28 -0.59
N THR A 54 16.08 1.46 0.04
CA THR A 54 16.32 2.63 0.86
C THR A 54 16.96 3.74 0.04
N PHE A 55 17.19 4.88 0.67
CA PHE A 55 17.79 6.03 0.01
C PHE A 55 19.20 5.69 -0.45
N LYS A 56 19.84 4.80 0.28
CA LYS A 56 21.20 4.36 -0.03
C LYS A 56 21.20 3.47 -1.27
N GLU A 57 20.27 2.52 -1.31
CA GLU A 57 20.16 1.60 -2.43
C GLU A 57 19.85 2.35 -3.72
N PHE A 58 18.95 3.32 -3.62
CA PHE A 58 18.58 4.13 -4.78
C PHE A 58 19.76 4.98 -5.24
N GLN A 59 20.66 5.27 -4.30
CA GLN A 59 21.85 6.06 -4.61
C GLN A 59 22.88 5.17 -5.30
N ASN A 60 22.70 3.87 -5.17
CA ASN A 60 23.59 2.90 -5.78
C ASN A 60 23.03 2.45 -7.13
N ASN A 61 21.71 2.30 -7.18
CA ASN A 61 21.02 1.90 -8.40
C ASN A 61 19.83 2.82 -8.64
N PRO A 62 20.05 3.91 -9.38
CA PRO A 62 19.01 4.90 -9.68
C PRO A 62 18.09 4.47 -10.82
N ASN A 63 17.66 3.22 -10.79
CA ASN A 63 16.78 2.69 -11.82
C ASN A 63 15.40 2.37 -11.23
N PRO A 64 14.47 3.33 -11.33
CA PRO A 64 13.11 3.18 -10.77
C PRO A 64 12.40 1.94 -11.29
N ARG A 65 12.43 1.76 -12.60
CA ARG A 65 11.78 0.63 -13.26
C ARG A 65 12.31 -0.72 -12.75
N SER A 66 13.57 -0.75 -12.36
CA SER A 66 14.18 -1.99 -11.90
C SER A 66 13.95 -2.23 -10.41
N LEU A 67 13.53 -1.22 -9.67
CA LEU A 67 13.29 -1.36 -8.24
C LEU A 67 11.81 -1.59 -7.96
N VAL A 68 10.98 -1.17 -8.89
CA VAL A 68 9.54 -1.29 -8.74
C VAL A 68 9.02 -2.55 -9.44
N LYS A 69 9.78 -3.08 -10.38
CA LYS A 69 9.37 -4.27 -11.12
C LYS A 69 9.22 -5.51 -10.22
N PRO A 70 10.22 -5.84 -9.36
CA PRO A 70 10.17 -7.03 -8.50
C PRO A 70 9.26 -6.86 -7.28
N ILE A 71 8.68 -5.67 -7.12
CA ILE A 71 7.80 -5.39 -6.00
C ILE A 71 6.51 -6.20 -6.11
N THR A 72 6.31 -7.12 -5.18
CA THR A 72 5.13 -7.97 -5.15
C THR A 72 4.13 -7.47 -4.11
N GLN A 73 2.89 -7.96 -4.17
CA GLN A 73 1.87 -7.53 -3.22
C GLN A 73 1.91 -8.40 -1.98
N LEU A 74 1.92 -7.77 -0.81
CA LEU A 74 1.97 -8.48 0.45
C LEU A 74 0.62 -9.08 0.83
N LEU A 75 -0.44 -8.31 0.61
CA LEU A 75 -1.82 -8.71 0.93
C LEU A 75 -2.02 -8.65 2.45
N GLY A 76 -3.28 -8.63 2.89
CA GLY A 76 -3.56 -8.58 4.31
C GLY A 76 -4.33 -7.34 4.71
N ARG A 77 -4.20 -6.93 5.97
CA ARG A 77 -4.90 -5.76 6.48
C ARG A 77 -4.22 -4.45 6.08
N THR A 78 -4.64 -3.35 6.71
CA THR A 78 -4.08 -2.03 6.41
C THR A 78 -3.55 -1.35 7.66
N HIS A 79 -2.25 -1.06 7.68
CA HIS A 79 -1.62 -0.40 8.81
C HIS A 79 -1.00 0.92 8.36
N THR A 80 -1.84 1.83 7.90
CA THR A 80 -1.38 3.12 7.42
C THR A 80 -0.77 3.97 8.53
N ALA A 81 -1.37 3.91 9.70
CA ALA A 81 -0.88 4.68 10.83
C ALA A 81 0.47 4.16 11.29
N THR A 82 0.52 2.87 11.60
CA THR A 82 1.75 2.24 12.05
C THR A 82 2.83 2.36 10.96
N GLY A 83 2.40 2.38 9.70
CA GLY A 83 3.32 2.50 8.59
C GLY A 83 3.98 3.87 8.54
N ILE A 84 3.19 4.92 8.68
CA ILE A 84 3.71 6.28 8.64
C ILE A 84 4.78 6.48 9.71
N ARG A 85 4.50 5.97 10.90
CA ARG A 85 5.44 6.07 12.02
C ARG A 85 6.76 5.37 11.71
N LYS A 86 6.68 4.27 10.98
CA LYS A 86 7.88 3.51 10.62
C LYS A 86 8.67 4.23 9.54
N VAL A 87 7.96 4.89 8.63
CA VAL A 87 8.60 5.61 7.54
C VAL A 87 9.44 6.78 8.06
N VAL A 88 8.92 7.51 9.04
CA VAL A 88 9.63 8.66 9.58
C VAL A 88 10.73 8.26 10.57
N ARG A 89 10.84 6.97 10.88
CA ARG A 89 11.85 6.51 11.82
C ARG A 89 12.88 5.61 11.17
N GLU A 90 12.44 4.77 10.23
CA GLU A 90 13.35 3.84 9.56
C GLU A 90 13.73 4.34 8.16
N LEU A 91 12.73 4.66 7.35
CA LEU A 91 12.97 5.12 5.98
C LEU A 91 13.82 6.39 5.96
N PHE A 92 13.42 7.38 6.75
CA PHE A 92 14.13 8.64 6.80
C PHE A 92 15.29 8.61 7.81
N ASN A 93 15.97 7.47 7.91
CA ASN A 93 17.10 7.35 8.84
C ASN A 93 18.40 7.52 8.08
N ILE A 94 19.34 8.26 8.68
CA ILE A 94 20.65 8.50 8.08
C ILE A 94 21.35 7.20 7.72
N THR A 95 21.16 6.18 8.57
CA THR A 95 21.77 4.88 8.36
C THR A 95 21.27 4.23 7.08
N ASN A 96 20.03 4.50 6.72
CA ASN A 96 19.44 3.91 5.53
C ASN A 96 19.70 4.76 4.30
N GLY A 97 20.28 5.93 4.49
CA GLY A 97 20.61 6.79 3.36
C GLY A 97 20.00 8.17 3.41
N ALA A 98 19.20 8.45 4.43
CA ALA A 98 18.58 9.77 4.56
C ALA A 98 19.63 10.83 4.81
N ARG A 99 19.53 11.93 4.09
CA ARG A 99 20.51 13.00 4.23
C ARG A 99 20.02 14.08 5.18
N LYS A 100 20.96 14.80 5.77
CA LYS A 100 20.64 15.88 6.70
C LYS A 100 20.41 17.18 5.93
N ASN A 101 19.55 18.04 6.47
CA ASN A 101 19.20 19.34 5.89
C ASN A 101 18.28 19.19 4.68
N ALA A 102 18.29 18.00 4.08
CA ALA A 102 17.44 17.72 2.92
C ALA A 102 15.98 17.65 3.34
N PHE A 103 15.10 18.09 2.46
CA PHE A 103 13.67 18.10 2.74
C PHE A 103 13.08 16.69 2.77
N LYS A 104 12.12 16.47 3.66
CA LYS A 104 11.48 15.18 3.80
C LYS A 104 10.12 15.18 3.12
N ILE A 105 9.95 14.32 2.13
CA ILE A 105 8.68 14.21 1.41
C ILE A 105 8.20 12.76 1.42
N LEU A 106 6.97 12.56 1.86
CA LEU A 106 6.39 11.23 1.93
C LEU A 106 5.12 11.13 1.09
N VAL A 107 5.15 10.25 0.10
CA VAL A 107 4.00 10.02 -0.76
C VAL A 107 3.27 8.76 -0.31
N VAL A 108 2.04 8.93 0.14
CA VAL A 108 1.24 7.83 0.63
C VAL A 108 0.14 7.44 -0.34
N ILE A 109 0.28 6.25 -0.92
CA ILE A 109 -0.70 5.73 -1.84
C ILE A 109 -1.44 4.59 -1.15
N THR A 110 -2.62 4.88 -0.64
CA THR A 110 -3.37 3.89 0.10
C THR A 110 -4.82 3.74 -0.39
N ASP A 111 -5.50 2.78 0.22
CA ASP A 111 -6.90 2.48 -0.09
C ASP A 111 -7.82 3.48 0.56
N GLY A 112 -7.36 4.08 1.65
CA GLY A 112 -8.14 5.06 2.36
C GLY A 112 -8.98 4.44 3.45
N GLU A 113 -8.74 3.16 3.69
CA GLU A 113 -9.47 2.41 4.70
C GLU A 113 -8.50 1.65 5.60
N LYS A 114 -8.07 2.33 6.66
CA LYS A 114 -7.17 1.73 7.63
C LYS A 114 -7.92 0.71 8.49
N PHE A 115 -7.62 -0.57 8.30
CA PHE A 115 -8.28 -1.65 9.02
C PHE A 115 -7.28 -2.55 9.73
N GLY A 116 -7.47 -2.75 11.03
CA GLY A 116 -6.60 -3.61 11.80
C GLY A 116 -5.39 -2.89 12.35
N ASP A 117 -5.39 -1.57 12.24
CA ASP A 117 -4.29 -0.77 12.75
C ASP A 117 -4.59 -0.31 14.16
N PRO A 118 -3.75 -0.74 15.13
CA PRO A 118 -3.94 -0.38 16.53
C PRO A 118 -3.56 1.06 16.83
N LEU A 119 -2.88 1.71 15.90
CA LEU A 119 -2.48 3.09 16.06
C LEU A 119 -3.34 4.00 15.21
N GLY A 120 -3.57 5.22 15.67
CA GLY A 120 -4.36 6.16 14.92
C GLY A 120 -3.50 7.13 14.16
N TYR A 121 -4.11 8.06 13.46
CA TYR A 121 -3.36 9.04 12.71
C TYR A 121 -2.90 10.11 13.67
N GLU A 122 -3.66 10.28 14.73
CA GLU A 122 -3.34 11.26 15.78
C GLU A 122 -2.07 10.87 16.53
N ASP A 123 -1.68 9.60 16.41
CA ASP A 123 -0.48 9.11 17.08
C ASP A 123 0.75 9.20 16.18
N VAL A 124 0.53 9.44 14.89
CA VAL A 124 1.66 9.50 13.95
C VAL A 124 1.78 10.83 13.21
N ILE A 125 0.66 11.51 12.98
CA ILE A 125 0.68 12.80 12.29
C ILE A 125 1.50 13.85 13.06
N PRO A 126 1.24 14.04 14.38
CA PRO A 126 1.99 15.02 15.19
C PRO A 126 3.50 14.74 15.18
N GLU A 127 3.85 13.51 14.82
CA GLU A 127 5.24 13.10 14.78
C GLU A 127 5.86 13.50 13.43
N ALA A 128 5.18 13.10 12.36
CA ALA A 128 5.64 13.40 11.01
C ALA A 128 5.68 14.90 10.73
N ASP A 129 4.84 15.65 11.43
CA ASP A 129 4.80 17.11 11.25
C ASP A 129 5.97 17.78 11.96
N ARG A 130 6.42 17.17 13.05
CA ARG A 130 7.53 17.72 13.82
C ARG A 130 8.85 17.50 13.10
N GLU A 131 9.06 16.28 12.59
CA GLU A 131 10.29 15.95 11.89
C GLU A 131 10.36 16.67 10.53
N GLY A 132 9.30 17.41 10.20
CA GLY A 132 9.24 18.15 8.95
C GLY A 132 9.09 17.25 7.75
N VAL A 133 8.09 16.39 7.79
CA VAL A 133 7.84 15.45 6.71
C VAL A 133 6.59 15.84 5.92
N ILE A 134 6.80 16.36 4.72
CA ILE A 134 5.68 16.76 3.85
C ILE A 134 4.94 15.52 3.37
N ARG A 135 3.63 15.51 3.52
CA ARG A 135 2.84 14.35 3.12
C ARG A 135 1.99 14.63 1.88
N TYR A 136 2.02 13.66 0.97
CA TYR A 136 1.24 13.71 -0.25
C TYR A 136 0.44 12.42 -0.36
N VAL A 137 -0.87 12.52 -0.52
CA VAL A 137 -1.70 11.33 -0.58
C VAL A 137 -2.26 11.08 -1.97
N ILE A 138 -2.15 9.84 -2.40
CA ILE A 138 -2.65 9.41 -3.69
C ILE A 138 -3.71 8.33 -3.47
N GLY A 139 -4.96 8.68 -3.72
CA GLY A 139 -6.05 7.75 -3.51
C GLY A 139 -6.31 6.83 -4.68
N VAL A 140 -6.62 5.58 -4.37
CA VAL A 140 -6.91 4.57 -5.39
C VAL A 140 -8.30 3.98 -5.16
N GLY A 141 -8.73 3.11 -6.06
CA GLY A 141 -10.04 2.46 -5.94
C GLY A 141 -11.19 3.43 -5.68
N ASP A 142 -11.87 3.24 -4.56
CA ASP A 142 -13.01 4.08 -4.20
C ASP A 142 -12.67 5.04 -3.05
N ALA A 143 -11.39 5.35 -2.90
CA ALA A 143 -10.92 6.25 -1.84
C ALA A 143 -11.59 7.64 -1.92
N PHE A 144 -12.09 8.00 -3.08
CA PHE A 144 -12.74 9.30 -3.26
C PHE A 144 -14.25 9.17 -3.36
N ARG A 145 -14.75 7.94 -3.32
CA ARG A 145 -16.17 7.70 -3.43
C ARG A 145 -16.82 7.53 -2.06
N SER A 146 -16.02 7.17 -1.07
CA SER A 146 -16.52 7.00 0.28
C SER A 146 -16.11 8.19 1.14
N GLU A 147 -16.94 8.52 2.12
CA GLU A 147 -16.66 9.66 3.02
C GLU A 147 -15.52 9.34 3.96
N LYS A 148 -15.56 8.14 4.54
CA LYS A 148 -14.55 7.71 5.49
C LYS A 148 -13.18 7.65 4.83
N SER A 149 -13.13 7.29 3.56
CA SER A 149 -11.88 7.20 2.85
C SER A 149 -11.38 8.60 2.47
N ARG A 150 -12.31 9.49 2.10
CA ARG A 150 -11.95 10.86 1.72
C ARG A 150 -11.31 11.62 2.87
N GLN A 151 -12.05 11.72 3.98
CA GLN A 151 -11.55 12.44 5.16
C GLN A 151 -10.24 11.82 5.65
N GLU A 152 -10.11 10.51 5.48
CA GLU A 152 -8.92 9.78 5.89
C GLU A 152 -7.69 10.33 5.17
N LEU A 153 -7.83 10.50 3.85
CA LEU A 153 -6.74 11.01 3.03
C LEU A 153 -6.39 12.45 3.44
N ASN A 154 -7.41 13.20 3.85
CA ASN A 154 -7.22 14.59 4.27
C ASN A 154 -6.54 14.67 5.64
N THR A 155 -6.52 13.54 6.34
CA THR A 155 -5.88 13.49 7.66
C THR A 155 -4.41 13.12 7.52
N ILE A 156 -4.05 12.52 6.39
CA ILE A 156 -2.68 12.12 6.16
C ILE A 156 -1.92 13.21 5.41
N ALA A 157 -2.59 13.85 4.46
CA ALA A 157 -1.97 14.90 3.66
C ALA A 157 -1.78 16.17 4.49
N SER A 158 -0.66 16.85 4.26
CA SER A 158 -0.37 18.08 4.98
C SER A 158 -1.34 19.18 4.59
N LYS A 159 -1.67 20.05 5.53
CA LYS A 159 -2.59 21.14 5.27
C LYS A 159 -1.94 22.18 4.36
N PRO A 160 -2.68 22.67 3.34
CA PRO A 160 -4.05 22.26 3.07
C PRO A 160 -4.14 20.91 2.38
N PRO A 161 -5.01 20.02 2.88
CA PRO A 161 -5.17 18.66 2.33
C PRO A 161 -5.60 18.65 0.87
N ARG A 162 -6.38 19.64 0.48
CA ARG A 162 -6.87 19.74 -0.90
C ARG A 162 -5.71 19.84 -1.89
N ASP A 163 -4.66 20.54 -1.50
CA ASP A 163 -3.51 20.73 -2.37
C ASP A 163 -2.45 19.68 -2.09
N HIS A 164 -2.87 18.55 -1.51
CA HIS A 164 -1.94 17.47 -1.19
C HIS A 164 -2.58 16.09 -1.38
N VAL A 165 -3.80 16.08 -1.89
CA VAL A 165 -4.51 14.82 -2.14
C VAL A 165 -4.82 14.71 -3.63
N PHE A 166 -4.21 13.74 -4.28
CA PHE A 166 -4.42 13.55 -5.70
C PHE A 166 -4.94 12.15 -6.00
N GLN A 167 -5.46 11.97 -7.20
CA GLN A 167 -6.00 10.69 -7.62
C GLN A 167 -4.94 9.88 -8.34
N VAL A 168 -4.93 8.57 -8.12
CA VAL A 168 -3.96 7.68 -8.76
C VAL A 168 -4.18 7.63 -10.27
N ASN A 169 -5.38 8.01 -10.71
CA ASN A 169 -5.70 8.03 -12.13
C ASN A 169 -5.46 9.40 -12.71
N ASN A 170 -4.99 10.33 -11.88
CA ASN A 170 -4.73 11.69 -12.34
C ASN A 170 -3.27 11.82 -12.77
N PHE A 171 -3.05 11.80 -14.07
CA PHE A 171 -1.70 11.90 -14.61
C PHE A 171 -1.14 13.31 -14.45
N GLU A 172 -2.00 14.31 -14.50
CA GLU A 172 -1.58 15.71 -14.38
C GLU A 172 -1.11 16.02 -12.95
N ALA A 173 -1.52 15.19 -12.01
CA ALA A 173 -1.14 15.37 -10.60
C ALA A 173 0.37 15.36 -10.42
N LEU A 174 1.06 14.61 -11.26
CA LEU A 174 2.51 14.51 -11.19
C LEU A 174 3.16 15.86 -11.47
N LYS A 175 2.70 16.52 -12.53
CA LYS A 175 3.23 17.83 -12.89
C LYS A 175 2.87 18.85 -11.82
N THR A 176 1.74 18.59 -11.14
CA THR A 176 1.28 19.47 -10.08
C THR A 176 2.19 19.36 -8.86
N ILE A 177 2.47 18.13 -8.42
CA ILE A 177 3.34 17.90 -7.27
C ILE A 177 4.73 18.44 -7.57
N GLN A 178 5.18 18.19 -8.80
CA GLN A 178 6.49 18.65 -9.25
C GLN A 178 6.57 20.18 -9.19
N ASN A 179 5.42 20.82 -9.38
CA ASN A 179 5.34 22.27 -9.34
C ASN A 179 5.47 22.78 -7.91
N GLN A 180 4.66 22.22 -7.01
CA GLN A 180 4.68 22.62 -5.61
C GLN A 180 6.01 22.27 -4.96
N LEU A 181 6.68 21.25 -5.52
CA LEU A 181 7.98 20.80 -5.01
C LEU A 181 9.06 21.87 -5.23
N ARG A 182 8.70 22.95 -5.90
CA ARG A 182 9.62 24.03 -6.15
C ARG A 182 9.50 25.09 -5.06
N GLU A 183 8.30 25.22 -4.50
CA GLU A 183 8.04 26.17 -3.43
C GLU A 183 8.09 25.46 -2.09
N LYS A 184 8.95 24.42 -2.03
CA LYS A 184 9.13 23.62 -0.82
C LYS A 184 9.28 24.50 0.41
N ASN B 1 -2.14 -34.31 2.92
CA ASN B 1 -2.26 -32.86 3.09
C ASN B 1 -2.94 -32.55 4.42
N TRP B 2 -2.38 -31.61 5.16
CA TRP B 2 -2.94 -31.22 6.44
C TRP B 2 -3.35 -29.75 6.43
N LYS B 3 -3.49 -29.20 5.22
CA LYS B 3 -3.88 -27.81 5.07
C LYS B 3 -5.40 -27.70 5.12
N LYS B 4 -5.91 -26.78 5.92
CA LYS B 4 -7.34 -26.60 6.07
C LYS B 4 -7.93 -25.77 4.93
N GLN B 5 -8.31 -24.53 5.23
CA GLN B 5 -8.91 -23.67 4.23
C GLN B 5 -8.63 -22.20 4.52
N PHE B 6 -9.15 -21.33 3.67
CA PHE B 6 -8.99 -19.89 3.80
C PHE B 6 -10.23 -19.28 4.43
N GLY B 7 -10.32 -17.95 4.41
CA GLY B 7 -11.48 -17.28 4.98
C GLY B 7 -12.69 -17.38 4.08
N ALA B 8 -13.74 -18.03 4.57
CA ALA B 8 -14.96 -18.20 3.80
C ALA B 8 -15.90 -17.02 3.95
N GLU B 9 -15.47 -16.04 4.75
CA GLU B 9 -16.26 -14.84 5.02
C GLU B 9 -16.23 -13.88 3.82
N CYS B 10 -15.70 -14.34 2.69
CA CYS B 10 -15.60 -13.51 1.51
C CYS B 10 -16.37 -14.13 0.35
N LYS B 11 -17.12 -13.31 -0.37
CA LYS B 11 -17.91 -13.75 -1.50
C LYS B 11 -17.05 -14.05 -2.72
N TYR B 12 -16.69 -15.32 -2.87
CA TYR B 12 -15.86 -15.76 -3.99
C TYR B 12 -16.69 -16.41 -5.08
N GLN B 13 -16.06 -16.66 -6.21
CA GLN B 13 -16.69 -17.32 -7.34
C GLN B 13 -15.77 -18.40 -7.88
N PHE B 14 -16.15 -19.64 -7.65
CA PHE B 14 -15.34 -20.77 -8.08
C PHE B 14 -15.62 -21.11 -9.54
N GLN B 15 -14.63 -20.91 -10.38
CA GLN B 15 -14.76 -21.17 -11.81
C GLN B 15 -13.63 -22.06 -12.31
N ALA B 16 -13.85 -22.71 -13.45
CA ALA B 16 -12.87 -23.59 -14.09
C ALA B 16 -12.39 -24.73 -13.17
N TRP B 17 -12.87 -25.93 -13.44
CA TRP B 17 -12.47 -27.10 -12.66
C TRP B 17 -11.12 -27.63 -13.14
N GLY B 18 -10.74 -27.22 -14.36
CA GLY B 18 -9.46 -27.62 -14.93
C GLY B 18 -9.35 -29.08 -15.30
N GLU B 19 -8.34 -29.40 -16.08
CA GLU B 19 -8.07 -30.76 -16.50
C GLU B 19 -7.54 -31.55 -15.31
N CYS B 20 -7.92 -32.81 -15.23
CA CYS B 20 -7.47 -33.65 -14.13
C CYS B 20 -6.02 -34.06 -14.34
N ASP B 21 -5.16 -33.67 -13.41
CA ASP B 21 -3.75 -34.02 -13.50
C ASP B 21 -3.58 -35.51 -13.29
N LEU B 22 -3.12 -36.19 -14.31
CA LEU B 22 -2.94 -37.63 -14.26
C LEU B 22 -1.63 -38.01 -13.54
N ASN B 23 -1.03 -37.03 -12.87
CA ASN B 23 0.19 -37.26 -12.12
C ASN B 23 -0.13 -37.40 -10.64
N THR B 24 -0.76 -36.37 -10.07
CA THR B 24 -1.13 -36.38 -8.67
C THR B 24 -2.52 -36.98 -8.48
N ALA B 25 -3.27 -37.12 -9.59
CA ALA B 25 -4.62 -37.68 -9.58
C ALA B 25 -5.59 -36.73 -8.88
N LEU B 26 -5.32 -35.44 -8.98
CA LEU B 26 -6.17 -34.43 -8.36
C LEU B 26 -6.57 -33.38 -9.40
N LYS B 27 -7.49 -32.52 -9.02
CA LYS B 27 -7.96 -31.44 -9.91
C LYS B 27 -8.02 -30.14 -9.12
N THR B 28 -7.64 -29.05 -9.76
CA THR B 28 -7.62 -27.76 -9.09
C THR B 28 -8.62 -26.77 -9.69
N ARG B 29 -9.40 -26.12 -8.83
CA ARG B 29 -10.37 -25.13 -9.24
C ARG B 29 -9.93 -23.75 -8.76
N THR B 30 -10.31 -22.71 -9.47
CA THR B 30 -9.92 -21.35 -9.09
C THR B 30 -11.11 -20.51 -8.63
N GLY B 31 -10.92 -19.83 -7.51
CA GLY B 31 -11.97 -18.98 -6.98
C GLY B 31 -11.57 -17.52 -7.08
N SER B 32 -12.40 -16.71 -7.71
CA SER B 32 -12.08 -15.30 -7.89
C SER B 32 -12.98 -14.41 -7.03
N LEU B 33 -12.36 -13.42 -6.40
CA LEU B 33 -13.07 -12.46 -5.57
C LEU B 33 -13.82 -11.47 -6.45
N LYS B 34 -15.11 -11.31 -6.20
CA LYS B 34 -15.92 -10.39 -6.99
C LYS B 34 -16.33 -9.17 -6.18
N ARG B 35 -16.39 -9.33 -4.86
CA ARG B 35 -16.77 -8.23 -3.98
C ARG B 35 -16.40 -8.55 -2.55
N ALA B 36 -15.79 -7.58 -1.87
CA ALA B 36 -15.39 -7.72 -0.49
C ALA B 36 -16.11 -6.69 0.36
N LEU B 37 -15.76 -6.60 1.63
CA LEU B 37 -16.38 -5.64 2.53
C LEU B 37 -15.33 -4.70 3.09
N HIS B 38 -15.78 -3.58 3.66
CA HIS B 38 -14.88 -2.58 4.24
C HIS B 38 -14.19 -3.14 5.49
N ASN B 39 -14.66 -4.30 5.93
CA ASN B 39 -14.11 -4.96 7.11
C ASN B 39 -13.65 -6.36 6.75
N ALA B 40 -13.22 -6.54 5.49
CA ALA B 40 -12.75 -7.83 5.03
C ALA B 40 -11.76 -7.68 3.87
N GLU B 41 -10.46 -7.64 4.20
CA GLU B 41 -9.43 -7.53 3.18
C GLU B 41 -9.08 -8.92 2.63
N CYS B 42 -9.91 -9.41 1.72
CA CYS B 42 -9.72 -10.74 1.13
C CYS B 42 -8.83 -10.68 -0.11
N GLN B 43 -8.32 -11.84 -0.52
CA GLN B 43 -7.47 -11.92 -1.71
C GLN B 43 -8.33 -11.92 -2.97
N LYS B 44 -7.74 -11.50 -4.09
CA LYS B 44 -8.46 -11.42 -5.35
C LYS B 44 -8.68 -12.78 -5.99
N THR B 45 -7.85 -13.75 -5.65
CA THR B 45 -7.98 -15.08 -6.22
C THR B 45 -7.49 -16.16 -5.25
N VAL B 46 -8.15 -17.31 -5.29
CA VAL B 46 -7.79 -18.44 -4.44
C VAL B 46 -7.74 -19.72 -5.27
N THR B 47 -7.03 -20.72 -4.77
CA THR B 47 -6.90 -21.97 -5.48
C THR B 47 -7.21 -23.15 -4.55
N ILE B 48 -7.96 -24.12 -5.04
CA ILE B 48 -8.32 -25.29 -4.25
C ILE B 48 -8.24 -26.55 -5.09
N SER B 49 -7.53 -27.55 -4.60
CA SER B 49 -7.36 -28.80 -5.30
C SER B 49 -8.05 -29.94 -4.55
N LYS B 50 -8.71 -30.82 -5.30
CA LYS B 50 -9.42 -31.95 -4.71
C LYS B 50 -9.15 -33.21 -5.51
N PRO B 51 -9.32 -34.39 -4.90
CA PRO B 51 -9.10 -35.68 -5.56
C PRO B 51 -9.95 -35.82 -6.82
N CYS B 52 -9.37 -36.41 -7.87
CA CYS B 52 -10.08 -36.60 -9.12
C CYS B 52 -11.29 -37.51 -8.95
N GLY B 53 -11.29 -38.30 -7.87
CA GLY B 53 -12.40 -39.19 -7.60
C GLY B 53 -13.64 -38.44 -7.14
N LYS B 54 -13.50 -37.14 -6.95
CA LYS B 54 -14.60 -36.27 -6.53
C LYS B 54 -15.13 -36.66 -5.14
N LEU B 55 -14.26 -36.61 -4.15
CA LEU B 55 -14.65 -36.95 -2.79
C LEU B 55 -14.93 -35.67 -2.02
N THR B 56 -15.99 -35.68 -1.24
CA THR B 56 -16.38 -34.53 -0.46
C THR B 56 -16.72 -34.93 0.96
N LYS B 57 -15.95 -34.43 1.92
CA LYS B 57 -16.16 -34.74 3.33
C LYS B 57 -16.23 -33.47 4.15
MG MG C . -6.33 -1.87 2.79
N ASP A 1 18.89 17.50 -2.10
CA ASP A 1 18.14 18.51 -1.38
C ASP A 1 16.76 18.00 -1.02
N SER A 2 16.33 16.94 -1.68
CA SER A 2 15.02 16.36 -1.42
C SER A 2 15.11 14.86 -1.21
N ASP A 3 14.51 14.41 -0.12
CA ASP A 3 14.46 13.01 0.24
C ASP A 3 13.01 12.56 0.15
N ILE A 4 12.67 11.81 -0.89
CA ILE A 4 11.29 11.36 -1.08
C ILE A 4 11.13 9.88 -0.77
N ALA A 5 10.10 9.55 0.00
CA ALA A 5 9.80 8.18 0.36
C ALA A 5 8.37 7.84 -0.07
N PHE A 6 8.16 6.60 -0.50
CA PHE A 6 6.85 6.15 -0.94
C PHE A 6 6.28 5.11 0.00
N LEU A 7 5.01 5.27 0.32
CA LEU A 7 4.30 4.34 1.18
C LEU A 7 3.09 3.81 0.41
N ILE A 8 3.18 2.59 -0.07
CA ILE A 8 2.11 2.00 -0.85
C ILE A 8 1.36 0.93 -0.06
N ASP A 9 0.03 0.95 -0.18
CA ASP A 9 -0.83 0.00 0.48
C ASP A 9 -0.93 -1.27 -0.36
N GLY A 10 -0.59 -2.39 0.24
CA GLY A 10 -0.67 -3.64 -0.45
C GLY A 10 -1.61 -4.60 0.24
N SER A 11 -2.64 -4.09 0.87
CA SER A 11 -3.59 -4.96 1.55
C SER A 11 -4.50 -5.67 0.58
N GLY A 12 -5.42 -6.45 1.13
CA GLY A 12 -6.32 -7.26 0.33
C GLY A 12 -7.34 -6.45 -0.43
N SER A 13 -7.62 -5.25 0.06
CA SER A 13 -8.58 -4.38 -0.60
C SER A 13 -7.95 -3.75 -1.83
N ILE A 14 -6.66 -3.99 -2.02
CA ILE A 14 -5.94 -3.46 -3.15
C ILE A 14 -5.97 -4.45 -4.30
N ILE A 15 -6.83 -4.17 -5.26
CA ILE A 15 -6.95 -5.02 -6.42
C ILE A 15 -5.65 -4.95 -7.22
N PRO A 16 -5.06 -6.12 -7.55
CA PRO A 16 -3.79 -6.21 -8.32
C PRO A 16 -3.66 -5.18 -9.44
N HIS A 17 -4.77 -4.85 -10.07
CA HIS A 17 -4.78 -3.86 -11.15
C HIS A 17 -4.36 -2.48 -10.64
N ASP A 18 -4.90 -2.11 -9.49
CA ASP A 18 -4.61 -0.81 -8.91
C ASP A 18 -3.28 -0.83 -8.17
N PHE A 19 -2.89 -2.01 -7.68
CA PHE A 19 -1.58 -2.13 -7.03
C PHE A 19 -0.53 -1.89 -8.09
N ARG A 20 -0.84 -2.36 -9.28
CA ARG A 20 0.01 -2.18 -10.44
C ARG A 20 0.10 -0.69 -10.77
N ARG A 21 -1.04 -0.02 -10.70
CA ARG A 21 -1.13 1.42 -10.95
C ARG A 21 -0.24 2.17 -9.98
N MET A 22 -0.22 1.72 -8.73
CA MET A 22 0.62 2.33 -7.70
C MET A 22 2.07 2.28 -8.13
N LYS A 23 2.49 1.09 -8.52
CA LYS A 23 3.85 0.85 -8.96
C LYS A 23 4.18 1.72 -10.17
N GLU A 24 3.26 1.72 -11.14
CA GLU A 24 3.44 2.51 -12.35
C GLU A 24 3.61 3.98 -11.98
N PHE A 25 2.71 4.46 -11.13
CA PHE A 25 2.73 5.83 -10.66
C PHE A 25 4.07 6.15 -10.02
N VAL A 26 4.47 5.34 -9.06
CA VAL A 26 5.74 5.52 -8.36
C VAL A 26 6.92 5.61 -9.33
N SER A 27 6.97 4.70 -10.30
CA SER A 27 8.05 4.69 -11.27
C SER A 27 8.06 5.98 -12.08
N THR A 28 6.88 6.38 -12.55
CA THR A 28 6.75 7.61 -13.33
C THR A 28 7.17 8.82 -12.49
N VAL A 29 6.92 8.75 -11.19
CA VAL A 29 7.29 9.82 -10.28
C VAL A 29 8.81 9.92 -10.18
N MET A 30 9.46 8.76 -10.13
CA MET A 30 10.92 8.71 -10.02
C MET A 30 11.57 8.97 -11.38
N GLU A 31 10.79 8.87 -12.45
CA GLU A 31 11.29 9.11 -13.79
C GLU A 31 11.07 10.57 -14.18
N GLN A 32 10.10 11.21 -13.55
CA GLN A 32 9.80 12.61 -13.82
C GLN A 32 10.55 13.53 -12.85
N LEU A 33 10.68 13.09 -11.61
CA LEU A 33 11.37 13.86 -10.59
C LEU A 33 12.80 13.37 -10.42
N LYS A 34 13.40 12.98 -11.52
CA LYS A 34 14.76 12.47 -11.52
C LYS A 34 15.77 13.62 -11.47
N LYS A 35 16.02 14.12 -10.27
CA LYS A 35 16.97 15.21 -10.07
C LYS A 35 18.31 14.66 -9.60
N SER A 36 19.36 15.44 -9.77
CA SER A 36 20.69 15.04 -9.38
C SER A 36 20.88 15.05 -7.85
N LYS A 37 19.92 15.65 -7.15
CA LYS A 37 19.99 15.71 -5.69
C LYS A 37 18.69 15.24 -5.07
N THR A 38 18.15 14.14 -5.59
CA THR A 38 16.92 13.59 -5.08
C THR A 38 16.98 12.08 -5.00
N LEU A 39 16.86 11.55 -3.79
CA LEU A 39 16.88 10.11 -3.58
C LEU A 39 15.46 9.64 -3.30
N PHE A 40 15.22 8.35 -3.45
CA PHE A 40 13.90 7.80 -3.23
C PHE A 40 13.94 6.56 -2.35
N SER A 41 12.81 6.28 -1.72
CA SER A 41 12.65 5.13 -0.85
C SER A 41 11.23 4.61 -0.99
N LEU A 42 11.00 3.33 -0.71
CA LEU A 42 9.67 2.77 -0.83
C LEU A 42 9.46 1.63 0.15
N MET A 43 8.34 1.68 0.85
CA MET A 43 7.99 0.65 1.81
C MET A 43 6.52 0.27 1.62
N GLN A 44 6.26 -1.00 1.43
CA GLN A 44 4.90 -1.48 1.26
C GLN A 44 4.41 -1.97 2.61
N TYR A 45 3.11 -1.96 2.82
CA TYR A 45 2.58 -2.40 4.10
C TYR A 45 1.22 -3.07 3.97
N SER A 46 0.90 -3.79 5.02
CA SER A 46 -0.37 -4.48 5.18
C SER A 46 -0.55 -4.63 6.68
N GLU A 47 -0.07 -5.74 7.20
CA GLU A 47 -0.05 -5.98 8.63
C GLU A 47 1.41 -5.95 9.02
N GLU A 48 2.23 -6.28 8.02
CA GLU A 48 3.66 -6.27 8.14
C GLU A 48 4.18 -5.07 7.36
N PHE A 49 5.49 -4.95 7.20
CA PHE A 49 6.09 -3.83 6.49
C PHE A 49 7.34 -4.27 5.75
N ARG A 50 7.37 -4.05 4.44
CA ARG A 50 8.52 -4.47 3.65
C ARG A 50 9.16 -3.31 2.89
N ILE A 51 10.41 -3.05 3.22
CA ILE A 51 11.18 -2.02 2.55
C ILE A 51 11.79 -2.64 1.30
N HIS A 52 11.57 -2.03 0.15
CA HIS A 52 12.08 -2.57 -1.10
C HIS A 52 13.42 -1.95 -1.47
N PHE A 53 13.59 -0.68 -1.15
CA PHE A 53 14.83 0.01 -1.42
C PHE A 53 14.93 1.28 -0.59
N THR A 54 16.07 1.47 0.03
CA THR A 54 16.31 2.64 0.85
C THR A 54 16.95 3.75 0.04
N PHE A 55 17.18 4.89 0.68
CA PHE A 55 17.79 6.03 0.01
C PHE A 55 19.21 5.69 -0.45
N LYS A 56 19.85 4.79 0.27
CA LYS A 56 21.20 4.35 -0.05
C LYS A 56 21.20 3.47 -1.28
N GLU A 57 20.27 2.51 -1.31
CA GLU A 57 20.16 1.60 -2.44
C GLU A 57 19.85 2.35 -3.72
N PHE A 58 18.95 3.32 -3.62
CA PHE A 58 18.58 4.13 -4.78
C PHE A 58 19.77 4.98 -5.24
N GLN A 59 20.66 5.28 -4.31
CA GLN A 59 21.85 6.06 -4.61
C GLN A 59 22.88 5.17 -5.30
N ASN A 60 22.70 3.87 -5.17
CA ASN A 60 23.59 2.90 -5.79
C ASN A 60 23.03 2.45 -7.14
N ASN A 61 21.71 2.30 -7.18
CA ASN A 61 21.02 1.90 -8.40
C ASN A 61 19.83 2.82 -8.65
N PRO A 62 20.06 3.92 -9.39
CA PRO A 62 19.01 4.90 -9.68
C PRO A 62 18.09 4.48 -10.83
N ASN A 63 17.65 3.23 -10.79
CA ASN A 63 16.78 2.69 -11.82
C ASN A 63 15.40 2.37 -11.23
N PRO A 64 14.47 3.33 -11.33
CA PRO A 64 13.11 3.18 -10.77
C PRO A 64 12.39 1.95 -11.29
N ARG A 65 12.44 1.76 -12.59
CA ARG A 65 11.78 0.63 -13.25
C ARG A 65 12.31 -0.72 -12.75
N SER A 66 13.57 -0.75 -12.36
CA SER A 66 14.18 -1.99 -11.90
C SER A 66 13.95 -2.23 -10.41
N LEU A 67 13.50 -1.21 -9.69
CA LEU A 67 13.26 -1.36 -8.26
C LEU A 67 11.79 -1.58 -7.96
N VAL A 68 10.95 -1.16 -8.90
CA VAL A 68 9.52 -1.30 -8.75
C VAL A 68 8.99 -2.56 -9.44
N LYS A 69 9.76 -3.08 -10.38
CA LYS A 69 9.36 -4.27 -11.12
C LYS A 69 9.22 -5.52 -10.22
N PRO A 70 10.22 -5.84 -9.37
CA PRO A 70 10.16 -7.03 -8.49
C PRO A 70 9.25 -6.85 -7.28
N ILE A 71 8.68 -5.67 -7.12
CA ILE A 71 7.79 -5.38 -6.00
C ILE A 71 6.50 -6.19 -6.10
N THR A 72 6.33 -7.13 -5.18
CA THR A 72 5.14 -7.99 -5.16
C THR A 72 4.14 -7.47 -4.12
N GLN A 73 2.92 -7.97 -4.16
CA GLN A 73 1.89 -7.53 -3.23
C GLN A 73 1.92 -8.40 -1.98
N LEU A 74 1.92 -7.76 -0.82
CA LEU A 74 1.97 -8.48 0.45
C LEU A 74 0.63 -9.07 0.83
N LEU A 75 -0.45 -8.31 0.59
CA LEU A 75 -1.82 -8.71 0.93
C LEU A 75 -2.02 -8.66 2.45
N GLY A 76 -3.28 -8.62 2.89
CA GLY A 76 -3.56 -8.59 4.31
C GLY A 76 -4.33 -7.34 4.71
N ARG A 77 -4.22 -6.95 5.98
CA ARG A 77 -4.91 -5.77 6.49
C ARG A 77 -4.20 -4.48 6.10
N THR A 78 -4.61 -3.36 6.70
CA THR A 78 -4.03 -2.05 6.40
C THR A 78 -3.50 -1.37 7.66
N HIS A 79 -2.22 -1.04 7.66
CA HIS A 79 -1.59 -0.38 8.80
C HIS A 79 -0.99 0.94 8.35
N THR A 80 -1.83 1.85 7.90
CA THR A 80 -1.38 3.15 7.42
C THR A 80 -0.76 3.99 8.54
N ALA A 81 -1.35 3.93 9.72
CA ALA A 81 -0.86 4.71 10.85
C ALA A 81 0.49 4.17 11.31
N THR A 82 0.52 2.89 11.61
CA THR A 82 1.76 2.25 12.05
C THR A 82 2.84 2.37 10.97
N GLY A 83 2.40 2.39 9.71
CA GLY A 83 3.33 2.52 8.61
C GLY A 83 3.99 3.88 8.55
N ILE A 84 3.20 4.93 8.68
CA ILE A 84 3.73 6.30 8.64
C ILE A 84 4.80 6.49 9.71
N ARG A 85 4.51 5.97 10.91
CA ARG A 85 5.44 6.08 12.03
C ARG A 85 6.76 5.38 11.73
N LYS A 86 6.69 4.28 10.99
CA LYS A 86 7.88 3.53 10.64
C LYS A 86 8.67 4.24 9.55
N VAL A 87 7.97 4.89 8.64
CA VAL A 87 8.61 5.61 7.55
C VAL A 87 9.44 6.79 8.06
N VAL A 88 8.93 7.50 9.04
CA VAL A 88 9.64 8.66 9.58
C VAL A 88 10.73 8.26 10.58
N ARG A 89 10.85 6.97 10.87
CA ARG A 89 11.85 6.51 11.82
C ARG A 89 12.89 5.60 11.17
N GLU A 90 12.46 4.76 10.23
CA GLU A 90 13.37 3.84 9.55
C GLU A 90 13.75 4.33 8.16
N LEU A 91 12.74 4.65 7.34
CA LEU A 91 12.98 5.11 5.97
C LEU A 91 13.82 6.39 5.95
N PHE A 92 13.41 7.37 6.74
CA PHE A 92 14.13 8.64 6.80
C PHE A 92 15.28 8.61 7.82
N ASN A 93 15.97 7.47 7.91
CA ASN A 93 17.09 7.36 8.84
C ASN A 93 18.40 7.52 8.08
N ILE A 94 19.32 8.27 8.69
CA ILE A 94 20.64 8.51 8.09
C ILE A 94 21.35 7.20 7.73
N THR A 95 21.14 6.20 8.56
CA THR A 95 21.76 4.89 8.37
C THR A 95 21.27 4.23 7.08
N ASN A 96 20.02 4.49 6.73
CA ASN A 96 19.42 3.90 5.54
C ASN A 96 19.70 4.76 4.30
N GLY A 97 20.27 5.94 4.49
CA GLY A 97 20.60 6.78 3.37
C GLY A 97 19.98 8.17 3.42
N ALA A 98 19.19 8.46 4.44
CA ALA A 98 18.57 9.77 4.55
C ALA A 98 19.63 10.83 4.81
N ARG A 99 19.54 11.93 4.10
CA ARG A 99 20.52 12.99 4.23
C ARG A 99 20.03 14.08 5.17
N LYS A 100 20.97 14.81 5.75
CA LYS A 100 20.66 15.89 6.68
C LYS A 100 20.43 17.20 5.92
N ASN A 101 19.55 18.04 6.47
CA ASN A 101 19.20 19.35 5.89
C ASN A 101 18.28 19.20 4.68
N ALA A 102 18.29 18.01 4.08
CA ALA A 102 17.44 17.74 2.92
C ALA A 102 15.98 17.66 3.35
N PHE A 103 15.09 18.10 2.47
CA PHE A 103 13.66 18.12 2.75
C PHE A 103 13.08 16.71 2.77
N LYS A 104 12.12 16.49 3.67
CA LYS A 104 11.47 15.19 3.80
C LYS A 104 10.11 15.18 3.11
N ILE A 105 9.95 14.32 2.13
CA ILE A 105 8.69 14.21 1.41
C ILE A 105 8.21 12.76 1.41
N LEU A 106 6.98 12.55 1.85
CA LEU A 106 6.40 11.21 1.92
C LEU A 106 5.12 11.13 1.09
N VAL A 107 5.15 10.24 0.10
CA VAL A 107 4.00 10.02 -0.76
C VAL A 107 3.27 8.76 -0.31
N VAL A 108 2.03 8.94 0.13
CA VAL A 108 1.22 7.84 0.63
C VAL A 108 0.13 7.44 -0.35
N ILE A 109 0.26 6.25 -0.90
CA ILE A 109 -0.73 5.71 -1.83
C ILE A 109 -1.45 4.57 -1.13
N THR A 110 -2.63 4.84 -0.60
CA THR A 110 -3.36 3.84 0.16
C THR A 110 -4.79 3.66 -0.32
N ASP A 111 -5.47 2.67 0.27
CA ASP A 111 -6.86 2.35 -0.04
C ASP A 111 -7.79 3.38 0.59
N GLY A 112 -7.34 4.00 1.68
CA GLY A 112 -8.15 4.99 2.37
C GLY A 112 -8.99 4.36 3.46
N GLU A 113 -8.75 3.09 3.72
CA GLU A 113 -9.49 2.36 4.73
C GLU A 113 -8.52 1.61 5.65
N LYS A 114 -8.06 2.32 6.68
CA LYS A 114 -7.16 1.74 7.66
C LYS A 114 -7.90 0.73 8.54
N PHE A 115 -7.65 -0.56 8.29
CA PHE A 115 -8.31 -1.64 9.04
C PHE A 115 -7.30 -2.54 9.75
N GLY A 116 -7.51 -2.73 11.04
CA GLY A 116 -6.63 -3.59 11.82
C GLY A 116 -5.44 -2.87 12.40
N ASP A 117 -5.40 -1.56 12.23
CA ASP A 117 -4.30 -0.76 12.74
C ASP A 117 -4.60 -0.31 14.17
N PRO A 118 -3.76 -0.74 15.12
CA PRO A 118 -3.94 -0.39 16.54
C PRO A 118 -3.56 1.06 16.84
N LEU A 119 -2.88 1.71 15.90
CA LEU A 119 -2.48 3.08 16.07
C LEU A 119 -3.34 4.00 15.22
N GLY A 120 -3.55 5.23 15.69
CA GLY A 120 -4.35 6.16 14.94
C GLY A 120 -3.48 7.15 14.19
N TYR A 121 -4.11 8.05 13.46
CA TYR A 121 -3.35 9.03 12.71
C TYR A 121 -2.89 10.12 13.68
N GLU A 122 -3.66 10.29 14.75
CA GLU A 122 -3.35 11.26 15.78
C GLU A 122 -2.07 10.88 16.54
N ASP A 123 -1.67 9.62 16.41
CA ASP A 123 -0.47 9.13 17.08
C ASP A 123 0.75 9.22 16.17
N VAL A 124 0.55 9.47 14.89
CA VAL A 124 1.67 9.51 13.94
C VAL A 124 1.77 10.84 13.19
N ILE A 125 0.65 11.53 12.99
CA ILE A 125 0.66 12.81 12.29
C ILE A 125 1.47 13.87 13.07
N PRO A 126 1.23 14.05 14.39
CA PRO A 126 1.99 15.02 15.19
C PRO A 126 3.49 14.72 15.20
N GLU A 127 3.84 13.50 14.82
CA GLU A 127 5.25 13.09 14.77
C GLU A 127 5.85 13.49 13.43
N ALA A 128 5.18 13.10 12.34
CA ALA A 128 5.65 13.40 11.00
C ALA A 128 5.68 14.90 10.73
N ASP A 129 4.84 15.65 11.43
CA ASP A 129 4.80 17.11 11.24
C ASP A 129 5.96 17.77 11.97
N ARG A 130 6.42 17.16 13.04
CA ARG A 130 7.52 17.72 13.81
C ARG A 130 8.85 17.50 13.10
N GLU A 131 9.05 16.29 12.58
CA GLU A 131 10.30 15.96 11.88
C GLU A 131 10.37 16.68 10.54
N GLY A 132 9.30 17.41 10.20
CA GLY A 132 9.25 18.15 8.95
C GLY A 132 9.09 17.26 7.75
N VAL A 133 8.10 16.39 7.79
CA VAL A 133 7.85 15.46 6.70
C VAL A 133 6.60 15.84 5.92
N ILE A 134 6.79 16.36 4.71
CA ILE A 134 5.69 16.77 3.85
C ILE A 134 4.95 15.53 3.36
N ARG A 135 3.63 15.50 3.53
CA ARG A 135 2.83 14.34 3.12
C ARG A 135 1.99 14.62 1.89
N TYR A 136 2.02 13.66 0.97
CA TYR A 136 1.24 13.71 -0.25
C TYR A 136 0.44 12.43 -0.35
N VAL A 137 -0.87 12.52 -0.52
CA VAL A 137 -1.69 11.33 -0.58
C VAL A 137 -2.25 11.09 -1.97
N ILE A 138 -2.15 9.84 -2.40
CA ILE A 138 -2.65 9.41 -3.69
C ILE A 138 -3.72 8.34 -3.47
N GLY A 139 -4.96 8.70 -3.72
CA GLY A 139 -6.06 7.76 -3.50
C GLY A 139 -6.32 6.84 -4.68
N VAL A 140 -6.64 5.60 -4.37
CA VAL A 140 -6.92 4.59 -5.38
C VAL A 140 -8.31 4.00 -5.15
N GLY A 141 -8.76 3.16 -6.08
CA GLY A 141 -10.06 2.51 -5.96
C GLY A 141 -11.20 3.48 -5.68
N ASP A 142 -11.90 3.25 -4.57
CA ASP A 142 -13.05 4.08 -4.19
C ASP A 142 -12.70 5.04 -3.05
N ALA A 143 -11.42 5.34 -2.89
CA ALA A 143 -10.95 6.24 -1.83
C ALA A 143 -11.59 7.63 -1.91
N PHE A 144 -12.08 8.00 -3.10
CA PHE A 144 -12.71 9.30 -3.28
C PHE A 144 -14.23 9.18 -3.37
N ARG A 145 -14.74 7.97 -3.33
CA ARG A 145 -16.18 7.75 -3.44
C ARG A 145 -16.81 7.61 -2.06
N SER A 146 -16.03 7.13 -1.09
CA SER A 146 -16.52 6.98 0.27
C SER A 146 -16.11 8.18 1.12
N GLU A 147 -16.92 8.50 2.11
CA GLU A 147 -16.66 9.63 2.99
C GLU A 147 -15.50 9.32 3.94
N LYS A 148 -15.54 8.13 4.53
CA LYS A 148 -14.51 7.72 5.47
C LYS A 148 -13.14 7.68 4.81
N SER A 149 -13.10 7.27 3.55
CA SER A 149 -11.84 7.20 2.84
C SER A 149 -11.34 8.60 2.46
N ARG A 150 -12.28 9.48 2.09
CA ARG A 150 -11.93 10.85 1.69
C ARG A 150 -11.30 11.61 2.85
N GLN A 151 -12.02 11.72 3.97
CA GLN A 151 -11.52 12.44 5.13
C GLN A 151 -10.22 11.82 5.63
N GLU A 152 -10.11 10.50 5.49
CA GLU A 152 -8.91 9.78 5.90
C GLU A 152 -7.69 10.33 5.18
N LEU A 153 -7.82 10.49 3.87
CA LEU A 153 -6.72 11.01 3.04
C LEU A 153 -6.38 12.44 3.45
N ASN A 154 -7.40 13.19 3.86
CA ASN A 154 -7.22 14.58 4.28
C ASN A 154 -6.54 14.66 5.65
N THR A 155 -6.49 13.54 6.35
CA THR A 155 -5.87 13.48 7.67
C THR A 155 -4.40 13.10 7.54
N ILE A 156 -4.04 12.53 6.40
CA ILE A 156 -2.66 12.12 6.16
C ILE A 156 -1.91 13.22 5.41
N ALA A 157 -2.59 13.85 4.46
CA ALA A 157 -1.97 14.91 3.67
C ALA A 157 -1.78 16.17 4.50
N SER A 158 -0.67 16.85 4.28
CA SER A 158 -0.37 18.07 5.00
C SER A 158 -1.34 19.18 4.60
N LYS A 159 -1.68 20.04 5.54
CA LYS A 159 -2.59 21.14 5.27
C LYS A 159 -1.94 22.18 4.35
N PRO A 160 -2.67 22.67 3.34
CA PRO A 160 -4.04 22.27 3.08
C PRO A 160 -4.13 20.90 2.39
N PRO A 161 -5.01 20.02 2.89
CA PRO A 161 -5.16 18.66 2.34
C PRO A 161 -5.59 18.65 0.88
N ARG A 162 -6.38 19.64 0.49
CA ARG A 162 -6.87 19.73 -0.89
C ARG A 162 -5.72 19.83 -1.89
N ASP A 163 -4.68 20.54 -1.51
CA ASP A 163 -3.53 20.73 -2.39
C ASP A 163 -2.46 19.68 -2.12
N HIS A 164 -2.87 18.56 -1.51
CA HIS A 164 -1.94 17.49 -1.18
C HIS A 164 -2.58 16.11 -1.38
N VAL A 165 -3.80 16.09 -1.90
CA VAL A 165 -4.50 14.84 -2.14
C VAL A 165 -4.82 14.71 -3.63
N PHE A 166 -4.20 13.75 -4.28
CA PHE A 166 -4.41 13.56 -5.71
C PHE A 166 -4.93 12.16 -5.99
N GLN A 167 -5.44 11.97 -7.20
CA GLN A 167 -5.97 10.68 -7.61
C GLN A 167 -4.91 9.86 -8.33
N VAL A 168 -4.91 8.56 -8.11
CA VAL A 168 -3.95 7.67 -8.75
C VAL A 168 -4.18 7.63 -10.27
N ASN A 169 -5.37 8.01 -10.70
CA ASN A 169 -5.70 8.03 -12.13
C ASN A 169 -5.44 9.40 -12.72
N ASN A 170 -4.98 10.32 -11.88
CA ASN A 170 -4.70 11.69 -12.33
C ASN A 170 -3.25 11.81 -12.75
N PHE A 171 -3.03 11.81 -14.05
CA PHE A 171 -1.68 11.90 -14.60
C PHE A 171 -1.12 13.32 -14.44
N GLU A 172 -1.99 14.32 -14.51
CA GLU A 172 -1.56 15.71 -14.38
C GLU A 172 -1.10 16.02 -12.97
N ALA A 173 -1.53 15.20 -12.01
CA ALA A 173 -1.15 15.38 -10.61
C ALA A 173 0.36 15.36 -10.43
N LEU A 174 1.05 14.61 -11.27
CA LEU A 174 2.50 14.52 -11.20
C LEU A 174 3.14 15.87 -11.49
N LYS A 175 2.68 16.54 -12.54
CA LYS A 175 3.22 17.84 -12.90
C LYS A 175 2.85 18.85 -11.82
N THR A 176 1.75 18.60 -11.14
CA THR A 176 1.27 19.47 -10.07
C THR A 176 2.19 19.36 -8.86
N ILE A 177 2.46 18.13 -8.42
CA ILE A 177 3.33 17.91 -7.27
C ILE A 177 4.73 18.44 -7.57
N GLN A 178 5.18 18.19 -8.80
CA GLN A 178 6.49 18.65 -9.25
C GLN A 178 6.57 20.18 -9.19
N ASN A 179 5.42 20.81 -9.37
CA ASN A 179 5.34 22.27 -9.34
C ASN A 179 5.46 22.77 -7.91
N GLN A 180 4.65 22.21 -7.01
CA GLN A 180 4.68 22.63 -5.60
C GLN A 180 6.02 22.25 -4.95
N LEU A 181 6.68 21.25 -5.52
CA LEU A 181 7.98 20.80 -5.01
C LEU A 181 9.06 21.85 -5.23
N ARG A 182 8.70 22.95 -5.89
CA ARG A 182 9.65 24.03 -6.15
C ARG A 182 9.53 25.09 -5.04
N GLU A 183 8.32 25.24 -4.51
CA GLU A 183 8.05 26.21 -3.44
C GLU A 183 8.10 25.50 -2.09
N LYS A 184 8.94 24.45 -2.03
CA LYS A 184 9.12 23.64 -0.81
C LYS A 184 9.30 24.51 0.44
N ASN B 1 -2.12 -34.31 2.93
CA ASN B 1 -2.24 -32.86 3.09
C ASN B 1 -2.92 -32.55 4.42
N TRP B 2 -2.37 -31.60 5.16
CA TRP B 2 -2.93 -31.21 6.45
C TRP B 2 -3.34 -29.74 6.43
N LYS B 3 -3.50 -29.19 5.23
CA LYS B 3 -3.90 -27.80 5.06
C LYS B 3 -5.42 -27.70 5.11
N LYS B 4 -5.92 -26.77 5.91
CA LYS B 4 -7.36 -26.60 6.07
C LYS B 4 -7.95 -25.77 4.93
N GLN B 5 -8.32 -24.52 5.22
CA GLN B 5 -8.92 -23.66 4.22
C GLN B 5 -8.64 -22.20 4.52
N PHE B 6 -9.16 -21.33 3.66
CA PHE B 6 -8.99 -19.89 3.81
C PHE B 6 -10.24 -19.27 4.44
N GLY B 7 -10.32 -17.95 4.42
CA GLY B 7 -11.47 -17.27 4.98
C GLY B 7 -12.69 -17.36 4.08
N ALA B 8 -13.74 -18.01 4.56
CA ALA B 8 -14.96 -18.19 3.79
C ALA B 8 -15.90 -17.00 3.94
N GLU B 9 -15.47 -16.03 4.74
CA GLU B 9 -16.26 -14.82 5.01
C GLU B 9 -16.23 -13.86 3.81
N CYS B 10 -15.70 -14.32 2.69
CA CYS B 10 -15.60 -13.49 1.50
C CYS B 10 -16.36 -14.12 0.33
N LYS B 11 -17.12 -13.28 -0.36
CA LYS B 11 -17.92 -13.73 -1.49
C LYS B 11 -17.05 -14.03 -2.71
N TYR B 12 -16.68 -15.30 -2.87
CA TYR B 12 -15.85 -15.74 -3.99
C TYR B 12 -16.70 -16.39 -5.07
N GLN B 13 -16.05 -16.64 -6.20
CA GLN B 13 -16.69 -17.30 -7.34
C GLN B 13 -15.76 -18.38 -7.87
N PHE B 14 -16.14 -19.62 -7.65
CA PHE B 14 -15.34 -20.76 -8.08
C PHE B 14 -15.63 -21.09 -9.54
N GLN B 15 -14.64 -20.90 -10.39
CA GLN B 15 -14.78 -21.16 -11.82
C GLN B 15 -13.64 -22.04 -12.30
N ALA B 16 -13.87 -22.70 -13.44
CA ALA B 16 -12.89 -23.58 -14.08
C ALA B 16 -12.42 -24.72 -13.17
N TRP B 17 -12.88 -25.93 -13.46
CA TRP B 17 -12.49 -27.08 -12.67
C TRP B 17 -11.14 -27.62 -13.15
N GLY B 18 -10.75 -27.22 -14.36
CA GLY B 18 -9.48 -27.61 -14.93
C GLY B 18 -9.37 -29.08 -15.29
N GLU B 19 -8.36 -29.39 -16.09
CA GLU B 19 -8.09 -30.76 -16.51
C GLU B 19 -7.57 -31.54 -15.31
N CYS B 20 -7.92 -32.81 -15.23
CA CYS B 20 -7.48 -33.64 -14.13
C CYS B 20 -6.03 -34.05 -14.35
N ASP B 21 -5.16 -33.66 -13.43
CA ASP B 21 -3.76 -34.01 -13.52
C ASP B 21 -3.60 -35.51 -13.30
N LEU B 22 -3.13 -36.21 -14.33
CA LEU B 22 -2.95 -37.65 -14.27
C LEU B 22 -1.65 -38.02 -13.54
N ASN B 23 -1.06 -37.03 -12.88
CA ASN B 23 0.17 -37.24 -12.14
C ASN B 23 -0.15 -37.39 -10.64
N THR B 24 -0.77 -36.36 -10.07
CA THR B 24 -1.15 -36.39 -8.67
C THR B 24 -2.54 -36.97 -8.48
N ALA B 25 -3.27 -37.11 -9.60
CA ALA B 25 -4.63 -37.66 -9.60
C ALA B 25 -5.60 -36.71 -8.91
N LEU B 26 -5.33 -35.43 -9.00
CA LEU B 26 -6.18 -34.41 -8.38
C LEU B 26 -6.59 -33.37 -9.42
N LYS B 27 -7.50 -32.49 -9.04
CA LYS B 27 -7.97 -31.42 -9.91
C LYS B 27 -8.04 -30.12 -9.12
N THR B 28 -7.65 -29.02 -9.76
CA THR B 28 -7.64 -27.73 -9.09
C THR B 28 -8.64 -26.74 -9.70
N ARG B 29 -9.41 -26.10 -8.84
CA ARG B 29 -10.38 -25.11 -9.25
C ARG B 29 -9.94 -23.73 -8.76
N THR B 30 -10.32 -22.68 -9.47
CA THR B 30 -9.94 -21.34 -9.10
C THR B 30 -11.12 -20.50 -8.62
N GLY B 31 -10.94 -19.82 -7.49
CA GLY B 31 -11.98 -18.97 -6.95
C GLY B 31 -11.58 -17.51 -7.05
N SER B 32 -12.40 -16.71 -7.72
CA SER B 32 -12.09 -15.31 -7.89
C SER B 32 -12.98 -14.41 -7.04
N LEU B 33 -12.37 -13.41 -6.41
CA LEU B 33 -13.09 -12.46 -5.57
C LEU B 33 -13.83 -11.48 -6.46
N LYS B 34 -15.12 -11.29 -6.20
CA LYS B 34 -15.92 -10.37 -6.99
C LYS B 34 -16.32 -9.16 -6.17
N ARG B 35 -16.40 -9.32 -4.85
CA ARG B 35 -16.76 -8.23 -3.98
C ARG B 35 -16.40 -8.54 -2.53
N ALA B 36 -15.79 -7.58 -1.86
CA ALA B 36 -15.39 -7.73 -0.48
C ALA B 36 -16.11 -6.69 0.37
N LEU B 37 -15.73 -6.59 1.63
CA LEU B 37 -16.34 -5.63 2.54
C LEU B 37 -15.28 -4.69 3.10
N HIS B 38 -15.73 -3.58 3.67
CA HIS B 38 -14.82 -2.58 4.25
C HIS B 38 -14.14 -3.15 5.50
N ASN B 39 -14.61 -4.30 5.94
CA ASN B 39 -14.07 -4.96 7.12
C ASN B 39 -13.58 -6.36 6.75
N ALA B 40 -13.11 -6.50 5.51
CA ALA B 40 -12.63 -7.79 5.03
C ALA B 40 -11.67 -7.61 3.84
N GLU B 41 -10.38 -7.48 4.13
CA GLU B 41 -9.37 -7.34 3.07
C GLU B 41 -9.01 -8.73 2.52
N CYS B 42 -9.92 -9.32 1.74
CA CYS B 42 -9.72 -10.66 1.17
C CYS B 42 -8.83 -10.61 -0.08
N GLN B 43 -8.33 -11.78 -0.50
CA GLN B 43 -7.49 -11.88 -1.69
C GLN B 43 -8.35 -11.88 -2.94
N LYS B 44 -7.75 -11.47 -4.07
CA LYS B 44 -8.48 -11.38 -5.33
C LYS B 44 -8.70 -12.76 -5.97
N THR B 45 -7.87 -13.73 -5.63
CA THR B 45 -8.00 -15.07 -6.21
C THR B 45 -7.50 -16.14 -5.24
N VAL B 46 -8.15 -17.29 -5.27
CA VAL B 46 -7.79 -18.42 -4.43
C VAL B 46 -7.73 -19.69 -5.27
N THR B 47 -7.06 -20.71 -4.76
CA THR B 47 -6.94 -21.97 -5.47
C THR B 47 -7.24 -23.14 -4.54
N ILE B 48 -7.98 -24.12 -5.04
CA ILE B 48 -8.32 -25.29 -4.25
C ILE B 48 -8.24 -26.56 -5.09
N SER B 49 -7.51 -27.54 -4.60
CA SER B 49 -7.35 -28.81 -5.31
C SER B 49 -8.04 -29.94 -4.56
N LYS B 50 -8.71 -30.80 -5.30
CA LYS B 50 -9.43 -31.93 -4.72
C LYS B 50 -9.15 -33.20 -5.52
N PRO B 51 -9.34 -34.38 -4.90
CA PRO B 51 -9.12 -35.67 -5.57
C PRO B 51 -9.97 -35.81 -6.83
N CYS B 52 -9.39 -36.41 -7.87
CA CYS B 52 -10.10 -36.60 -9.13
C CYS B 52 -11.32 -37.51 -8.95
N GLY B 53 -11.32 -38.28 -7.88
CA GLY B 53 -12.43 -39.18 -7.59
C GLY B 53 -13.67 -38.44 -7.14
N LYS B 54 -13.52 -37.12 -6.95
CA LYS B 54 -14.62 -36.25 -6.53
C LYS B 54 -15.15 -36.64 -5.15
N LEU B 55 -14.27 -36.61 -4.16
CA LEU B 55 -14.66 -36.95 -2.80
C LEU B 55 -14.95 -35.66 -2.02
N THR B 56 -16.02 -35.68 -1.24
CA THR B 56 -16.39 -34.52 -0.46
C THR B 56 -16.74 -34.93 0.96
N LYS B 57 -15.96 -34.42 1.92
CA LYS B 57 -16.18 -34.74 3.32
C LYS B 57 -16.24 -33.47 4.16
MG MG C . -6.33 -1.97 2.79
N ASP A 1 18.88 17.50 -2.10
CA ASP A 1 18.13 18.54 -1.39
C ASP A 1 16.76 18.02 -1.00
N SER A 2 16.32 16.95 -1.65
CA SER A 2 15.03 16.37 -1.37
C SER A 2 15.11 14.87 -1.19
N ASP A 3 14.51 14.40 -0.10
CA ASP A 3 14.47 12.99 0.22
C ASP A 3 13.01 12.54 0.14
N ILE A 4 12.67 11.81 -0.92
CA ILE A 4 11.29 11.36 -1.09
C ILE A 4 11.12 9.87 -0.80
N ALA A 5 10.12 9.55 -0.01
CA ALA A 5 9.81 8.17 0.35
C ALA A 5 8.38 7.83 -0.07
N PHE A 6 8.17 6.60 -0.49
CA PHE A 6 6.85 6.15 -0.94
C PHE A 6 6.28 5.10 -0.01
N LEU A 7 5.03 5.27 0.35
CA LEU A 7 4.31 4.34 1.21
C LEU A 7 3.11 3.81 0.44
N ILE A 8 3.23 2.60 -0.08
CA ILE A 8 2.16 2.00 -0.86
C ILE A 8 1.39 0.94 -0.06
N ASP A 9 0.07 0.95 -0.20
CA ASP A 9 -0.80 -0.01 0.49
C ASP A 9 -0.91 -1.27 -0.34
N GLY A 10 -0.58 -2.39 0.28
CA GLY A 10 -0.65 -3.65 -0.40
C GLY A 10 -1.55 -4.62 0.29
N SER A 11 -2.60 -4.11 0.91
CA SER A 11 -3.57 -4.95 1.59
C SER A 11 -4.45 -5.73 0.60
N GLY A 12 -5.38 -6.50 1.15
CA GLY A 12 -6.29 -7.29 0.33
C GLY A 12 -7.30 -6.45 -0.42
N SER A 13 -7.58 -5.24 0.09
CA SER A 13 -8.55 -4.37 -0.55
C SER A 13 -7.93 -3.76 -1.80
N ILE A 14 -6.63 -3.97 -1.97
CA ILE A 14 -5.93 -3.44 -3.12
C ILE A 14 -5.96 -4.44 -4.26
N ILE A 15 -6.83 -4.18 -5.22
CA ILE A 15 -6.95 -5.03 -6.38
C ILE A 15 -5.65 -4.96 -7.19
N PRO A 16 -5.07 -6.12 -7.55
CA PRO A 16 -3.82 -6.22 -8.31
C PRO A 16 -3.67 -5.18 -9.42
N HIS A 17 -4.79 -4.82 -10.05
CA HIS A 17 -4.80 -3.83 -11.13
C HIS A 17 -4.39 -2.45 -10.60
N ASP A 18 -4.92 -2.10 -9.44
CA ASP A 18 -4.63 -0.80 -8.84
C ASP A 18 -3.29 -0.83 -8.13
N PHE A 19 -2.89 -1.99 -7.64
CA PHE A 19 -1.58 -2.13 -7.00
C PHE A 19 -0.54 -1.87 -8.07
N ARG A 20 -0.86 -2.30 -9.28
CA ARG A 20 -0.01 -2.11 -10.43
C ARG A 20 0.09 -0.62 -10.74
N ARG A 21 -1.06 0.05 -10.68
CA ARG A 21 -1.13 1.49 -10.94
C ARG A 21 -0.25 2.23 -9.95
N MET A 22 -0.19 1.74 -8.71
CA MET A 22 0.66 2.34 -7.69
C MET A 22 2.10 2.28 -8.13
N LYS A 23 2.52 1.09 -8.53
CA LYS A 23 3.88 0.85 -8.99
C LYS A 23 4.17 1.71 -10.21
N GLU A 24 3.23 1.74 -11.15
CA GLU A 24 3.38 2.55 -12.35
C GLU A 24 3.55 4.01 -11.99
N PHE A 25 2.69 4.48 -11.09
CA PHE A 25 2.73 5.86 -10.62
C PHE A 25 4.09 6.17 -10.00
N VAL A 26 4.50 5.35 -9.04
CA VAL A 26 5.77 5.52 -8.35
C VAL A 26 6.95 5.61 -9.33
N SER A 27 6.99 4.70 -10.29
CA SER A 27 8.07 4.69 -11.28
C SER A 27 8.07 5.99 -12.08
N THR A 28 6.88 6.39 -12.55
CA THR A 28 6.75 7.61 -13.33
C THR A 28 7.18 8.82 -12.50
N VAL A 29 6.93 8.76 -11.20
CA VAL A 29 7.31 9.83 -10.29
C VAL A 29 8.83 9.93 -10.19
N MET A 30 9.48 8.77 -10.12
CA MET A 30 10.93 8.72 -10.02
C MET A 30 11.59 8.99 -11.37
N GLU A 31 10.82 8.86 -12.44
CA GLU A 31 11.33 9.12 -13.78
C GLU A 31 11.11 10.58 -14.17
N GLN A 32 10.12 11.21 -13.55
CA GLN A 32 9.82 12.62 -13.82
C GLN A 32 10.57 13.52 -12.85
N LEU A 33 10.67 13.11 -11.59
CA LEU A 33 11.36 13.89 -10.58
C LEU A 33 12.79 13.41 -10.41
N LYS A 34 13.40 13.01 -11.53
CA LYS A 34 14.76 12.50 -11.51
C LYS A 34 15.77 13.64 -11.46
N LYS A 35 16.00 14.16 -10.25
CA LYS A 35 16.94 15.23 -10.05
C LYS A 35 18.28 14.67 -9.58
N SER A 36 19.35 15.43 -9.79
CA SER A 36 20.69 15.02 -9.40
C SER A 36 20.86 15.00 -7.89
N LYS A 37 19.95 15.65 -7.17
CA LYS A 37 20.02 15.70 -5.71
C LYS A 37 18.70 15.23 -5.11
N THR A 38 18.18 14.14 -5.62
CA THR A 38 16.92 13.59 -5.12
C THR A 38 16.99 12.07 -5.03
N LEU A 39 16.85 11.57 -3.82
CA LEU A 39 16.88 10.12 -3.60
C LEU A 39 15.46 9.64 -3.33
N PHE A 40 15.23 8.35 -3.47
CA PHE A 40 13.90 7.79 -3.25
C PHE A 40 13.94 6.55 -2.37
N SER A 41 12.82 6.28 -1.73
CA SER A 41 12.67 5.13 -0.87
C SER A 41 11.25 4.60 -0.99
N LEU A 42 11.03 3.32 -0.72
CA LEU A 42 9.69 2.75 -0.83
C LEU A 42 9.48 1.60 0.15
N MET A 43 8.36 1.65 0.84
CA MET A 43 7.99 0.63 1.81
C MET A 43 6.53 0.25 1.62
N GLN A 44 6.27 -1.03 1.44
CA GLN A 44 4.91 -1.50 1.27
C GLN A 44 4.41 -2.00 2.61
N TYR A 45 3.10 -1.98 2.82
CA TYR A 45 2.57 -2.41 4.10
C TYR A 45 1.21 -3.10 3.98
N SER A 46 0.89 -3.81 5.03
CA SER A 46 -0.37 -4.51 5.21
C SER A 46 -0.57 -4.64 6.70
N GLU A 47 -0.03 -5.71 7.24
CA GLU A 47 -0.01 -5.92 8.67
C GLU A 47 1.46 -5.92 9.05
N GLU A 48 2.27 -6.30 8.05
CA GLU A 48 3.71 -6.31 8.15
C GLU A 48 4.23 -5.11 7.36
N PHE A 49 5.54 -4.99 7.21
CA PHE A 49 6.12 -3.87 6.48
C PHE A 49 7.37 -4.31 5.75
N ARG A 50 7.42 -4.06 4.44
CA ARG A 50 8.55 -4.47 3.64
C ARG A 50 9.19 -3.31 2.89
N ILE A 51 10.44 -3.04 3.23
CA ILE A 51 11.20 -2.02 2.56
C ILE A 51 11.83 -2.63 1.31
N HIS A 52 11.60 -2.01 0.16
CA HIS A 52 12.12 -2.56 -1.09
C HIS A 52 13.46 -1.94 -1.45
N PHE A 53 13.61 -0.66 -1.18
CA PHE A 53 14.86 0.03 -1.46
C PHE A 53 14.96 1.30 -0.62
N THR A 54 16.10 1.46 0.02
CA THR A 54 16.35 2.62 0.85
C THR A 54 16.98 3.75 0.03
N PHE A 55 17.19 4.89 0.67
CA PHE A 55 17.80 6.04 0.01
C PHE A 55 19.21 5.70 -0.45
N LYS A 56 19.85 4.80 0.29
CA LYS A 56 21.20 4.37 -0.02
C LYS A 56 21.22 3.48 -1.26
N GLU A 57 20.28 2.53 -1.31
CA GLU A 57 20.17 1.60 -2.43
C GLU A 57 19.84 2.35 -3.72
N PHE A 58 18.94 3.32 -3.63
CA PHE A 58 18.56 4.12 -4.79
C PHE A 58 19.75 4.97 -5.24
N GLN A 59 20.64 5.27 -4.31
CA GLN A 59 21.83 6.05 -4.61
C GLN A 59 22.88 5.16 -5.30
N ASN A 60 22.69 3.85 -5.17
CA ASN A 60 23.58 2.89 -5.78
C ASN A 60 23.03 2.44 -7.13
N ASN A 61 21.71 2.30 -7.18
CA ASN A 61 21.02 1.90 -8.40
C ASN A 61 19.82 2.83 -8.65
N PRO A 62 20.05 3.92 -9.37
CA PRO A 62 19.01 4.90 -9.68
C PRO A 62 18.10 4.49 -10.83
N ASN A 63 17.67 3.23 -10.80
CA ASN A 63 16.79 2.70 -11.83
C ASN A 63 15.42 2.38 -11.24
N PRO A 64 14.48 3.34 -11.34
CA PRO A 64 13.12 3.19 -10.81
C PRO A 64 12.40 1.94 -11.31
N ARG A 65 12.44 1.75 -12.61
CA ARG A 65 11.78 0.63 -13.27
C ARG A 65 12.32 -0.71 -12.75
N SER A 66 13.59 -0.75 -12.38
CA SER A 66 14.21 -1.98 -11.91
C SER A 66 13.98 -2.23 -10.41
N LEU A 67 13.56 -1.20 -9.68
CA LEU A 67 13.32 -1.35 -8.25
C LEU A 67 11.84 -1.58 -7.96
N VAL A 68 11.00 -1.16 -8.90
CA VAL A 68 9.56 -1.29 -8.74
C VAL A 68 9.03 -2.55 -9.44
N LYS A 69 9.78 -3.07 -10.40
CA LYS A 69 9.36 -4.26 -11.13
C LYS A 69 9.21 -5.50 -10.23
N PRO A 70 10.22 -5.83 -9.38
CA PRO A 70 10.17 -7.03 -8.51
C PRO A 70 9.25 -6.86 -7.29
N ILE A 71 8.69 -5.67 -7.13
CA ILE A 71 7.80 -5.41 -6.00
C ILE A 71 6.50 -6.22 -6.12
N THR A 72 6.32 -7.14 -5.18
CA THR A 72 5.13 -7.98 -5.15
C THR A 72 4.16 -7.49 -4.11
N GLN A 73 2.91 -7.93 -4.19
CA GLN A 73 1.88 -7.51 -3.23
C GLN A 73 1.93 -8.40 -1.99
N LEU A 74 1.91 -7.78 -0.83
CA LEU A 74 1.97 -8.52 0.44
C LEU A 74 0.62 -9.13 0.80
N LEU A 75 -0.45 -8.33 0.61
CA LEU A 75 -1.82 -8.73 0.94
C LEU A 75 -2.01 -8.69 2.45
N GLY A 76 -3.27 -8.62 2.90
CA GLY A 76 -3.53 -8.57 4.32
C GLY A 76 -4.32 -7.36 4.74
N ARG A 77 -4.18 -6.96 6.00
CA ARG A 77 -4.89 -5.80 6.53
C ARG A 77 -4.23 -4.48 6.14
N THR A 78 -4.67 -3.40 6.77
CA THR A 78 -4.16 -2.07 6.46
C THR A 78 -3.62 -1.37 7.72
N HIS A 79 -2.32 -1.07 7.72
CA HIS A 79 -1.67 -0.41 8.84
C HIS A 79 -1.03 0.89 8.38
N THR A 80 -1.86 1.82 7.94
CA THR A 80 -1.38 3.10 7.43
C THR A 80 -0.74 3.94 8.53
N ALA A 81 -1.36 3.92 9.71
CA ALA A 81 -0.87 4.69 10.83
C ALA A 81 0.48 4.16 11.29
N THR A 82 0.52 2.87 11.60
CA THR A 82 1.76 2.24 12.04
C THR A 82 2.83 2.37 10.96
N GLY A 83 2.41 2.36 9.70
CA GLY A 83 3.33 2.48 8.59
C GLY A 83 3.99 3.85 8.53
N ILE A 84 3.19 4.90 8.68
CA ILE A 84 3.70 6.27 8.64
C ILE A 84 4.77 6.47 9.71
N ARG A 85 4.50 5.95 10.90
CA ARG A 85 5.43 6.07 12.01
C ARG A 85 6.76 5.37 11.71
N LYS A 86 6.67 4.27 10.98
CA LYS A 86 7.86 3.51 10.62
C LYS A 86 8.66 4.23 9.54
N VAL A 87 7.96 4.88 8.63
CA VAL A 87 8.60 5.60 7.54
C VAL A 87 9.43 6.78 8.05
N VAL A 88 8.91 7.50 9.03
CA VAL A 88 9.62 8.66 9.57
C VAL A 88 10.72 8.26 10.55
N ARG A 89 10.82 6.98 10.88
CA ARG A 89 11.84 6.52 11.82
C ARG A 89 12.87 5.60 11.15
N GLU A 90 12.42 4.77 10.22
CA GLU A 90 13.33 3.85 9.54
C GLU A 90 13.71 4.33 8.14
N LEU A 91 12.72 4.68 7.34
CA LEU A 91 12.97 5.13 5.98
C LEU A 91 13.81 6.40 5.97
N PHE A 92 13.41 7.39 6.76
CA PHE A 92 14.14 8.65 6.81
C PHE A 92 15.28 8.60 7.82
N ASN A 93 15.96 7.48 7.91
CA ASN A 93 17.09 7.35 8.84
C ASN A 93 18.41 7.51 8.09
N ILE A 94 19.34 8.24 8.68
CA ILE A 94 20.66 8.49 8.09
C ILE A 94 21.36 7.18 7.74
N THR A 95 21.15 6.17 8.57
CA THR A 95 21.77 4.87 8.37
C THR A 95 21.28 4.22 7.08
N ASN A 96 20.02 4.49 6.73
CA ASN A 96 19.44 3.91 5.53
C ASN A 96 19.70 4.77 4.30
N GLY A 97 20.30 5.93 4.49
CA GLY A 97 20.62 6.78 3.36
C GLY A 97 20.00 8.16 3.41
N ALA A 98 19.20 8.44 4.43
CA ALA A 98 18.57 9.75 4.54
C ALA A 98 19.63 10.81 4.79
N ARG A 99 19.53 11.93 4.09
CA ARG A 99 20.50 12.99 4.24
C ARG A 99 20.02 14.08 5.18
N LYS A 100 20.96 14.78 5.79
CA LYS A 100 20.64 15.85 6.71
C LYS A 100 20.41 17.15 5.94
N ASN A 101 19.56 18.03 6.48
CA ASN A 101 19.21 19.33 5.89
C ASN A 101 18.29 19.17 4.67
N ALA A 102 18.29 17.99 4.07
CA ALA A 102 17.46 17.71 2.91
C ALA A 102 15.98 17.64 3.33
N PHE A 103 15.10 18.07 2.45
CA PHE A 103 13.67 18.10 2.74
C PHE A 103 13.08 16.70 2.76
N LYS A 104 12.12 16.49 3.66
CA LYS A 104 11.47 15.18 3.81
C LYS A 104 10.10 15.18 3.12
N ILE A 105 9.94 14.32 2.12
CA ILE A 105 8.68 14.22 1.40
C ILE A 105 8.19 12.77 1.41
N LEU A 106 6.96 12.56 1.85
CA LEU A 106 6.38 11.23 1.91
C LEU A 106 5.11 11.13 1.07
N VAL A 107 5.14 10.24 0.09
CA VAL A 107 3.99 10.01 -0.77
C VAL A 107 3.26 8.75 -0.32
N VAL A 108 2.03 8.93 0.14
CA VAL A 108 1.22 7.83 0.63
C VAL A 108 0.13 7.43 -0.35
N ILE A 109 0.26 6.23 -0.89
CA ILE A 109 -0.71 5.70 -1.82
C ILE A 109 -1.44 4.57 -1.13
N THR A 110 -2.62 4.86 -0.60
CA THR A 110 -3.36 3.87 0.14
C THR A 110 -4.80 3.72 -0.37
N ASP A 111 -5.48 2.76 0.24
CA ASP A 111 -6.87 2.42 -0.07
C ASP A 111 -7.80 3.45 0.55
N GLY A 112 -7.35 4.06 1.64
CA GLY A 112 -8.14 5.05 2.36
C GLY A 112 -8.99 4.42 3.43
N GLU A 113 -8.74 3.15 3.71
CA GLU A 113 -9.49 2.42 4.71
C GLU A 113 -8.55 1.64 5.62
N LYS A 114 -8.09 2.32 6.68
CA LYS A 114 -7.21 1.73 7.66
C LYS A 114 -7.97 0.70 8.50
N PHE A 115 -7.60 -0.57 8.35
CA PHE A 115 -8.28 -1.64 9.05
C PHE A 115 -7.29 -2.56 9.77
N GLY A 116 -7.50 -2.72 11.07
CA GLY A 116 -6.64 -3.58 11.87
C GLY A 116 -5.41 -2.87 12.39
N ASP A 117 -5.43 -1.56 12.32
CA ASP A 117 -4.30 -0.76 12.81
C ASP A 117 -4.59 -0.30 14.23
N PRO A 118 -3.75 -0.72 15.19
CA PRO A 118 -3.92 -0.36 16.60
C PRO A 118 -3.54 1.09 16.89
N LEU A 119 -2.89 1.73 15.94
CA LEU A 119 -2.48 3.11 16.09
C LEU A 119 -3.36 4.01 15.23
N GLY A 120 -3.60 5.22 15.70
CA GLY A 120 -4.40 6.15 14.94
C GLY A 120 -3.53 7.12 14.17
N TYR A 121 -4.15 8.03 13.44
CA TYR A 121 -3.38 9.00 12.69
C TYR A 121 -2.92 10.08 13.64
N GLU A 122 -3.68 10.26 14.70
CA GLU A 122 -3.38 11.24 15.73
C GLU A 122 -2.10 10.86 16.48
N ASP A 123 -1.72 9.59 16.40
CA ASP A 123 -0.52 9.10 17.07
C ASP A 123 0.71 9.19 16.18
N VAL A 124 0.52 9.44 14.90
CA VAL A 124 1.64 9.50 13.97
C VAL A 124 1.77 10.82 13.22
N ILE A 125 0.66 11.51 12.99
CA ILE A 125 0.69 12.79 12.29
C ILE A 125 1.50 13.84 13.06
N PRO A 126 1.25 14.05 14.38
CA PRO A 126 2.00 15.03 15.18
C PRO A 126 3.51 14.74 15.18
N GLU A 127 3.86 13.51 14.84
CA GLU A 127 5.26 13.10 14.79
C GLU A 127 5.86 13.50 13.44
N ALA A 128 5.18 13.11 12.37
CA ALA A 128 5.65 13.40 11.02
C ALA A 128 5.68 14.90 10.75
N ASP A 129 4.85 15.66 11.44
CA ASP A 129 4.81 17.10 11.26
C ASP A 129 5.98 17.77 11.97
N ARG A 130 6.42 17.17 13.06
CA ARG A 130 7.53 17.70 13.83
C ARG A 130 8.85 17.49 13.11
N GLU A 131 9.05 16.28 12.58
CA GLU A 131 10.28 15.95 11.87
C GLU A 131 10.35 16.67 10.52
N GLY A 132 9.29 17.41 10.20
CA GLY A 132 9.24 18.15 8.96
C GLY A 132 9.09 17.25 7.75
N VAL A 133 8.09 16.39 7.79
CA VAL A 133 7.84 15.46 6.69
C VAL A 133 6.58 15.84 5.92
N ILE A 134 6.78 16.37 4.72
CA ILE A 134 5.69 16.77 3.85
C ILE A 134 4.95 15.53 3.36
N ARG A 135 3.62 15.52 3.52
CA ARG A 135 2.84 14.35 3.11
C ARG A 135 1.99 14.63 1.87
N TYR A 136 2.01 13.67 0.96
CA TYR A 136 1.23 13.70 -0.26
C TYR A 136 0.43 12.42 -0.35
N VAL A 137 -0.87 12.52 -0.54
CA VAL A 137 -1.71 11.33 -0.59
C VAL A 137 -2.27 11.08 -1.98
N ILE A 138 -2.14 9.83 -2.42
CA ILE A 138 -2.65 9.41 -3.71
C ILE A 138 -3.71 8.34 -3.48
N GLY A 139 -4.96 8.69 -3.76
CA GLY A 139 -6.05 7.76 -3.54
C GLY A 139 -6.32 6.84 -4.71
N VAL A 140 -6.62 5.58 -4.39
CA VAL A 140 -6.91 4.57 -5.41
C VAL A 140 -8.30 3.98 -5.18
N GLY A 141 -8.75 3.14 -6.10
CA GLY A 141 -10.05 2.50 -5.97
C GLY A 141 -11.18 3.47 -5.71
N ASP A 142 -11.89 3.26 -4.60
CA ASP A 142 -13.02 4.11 -4.23
C ASP A 142 -12.67 5.05 -3.10
N ALA A 143 -11.38 5.35 -2.94
CA ALA A 143 -10.92 6.24 -1.87
C ALA A 143 -11.57 7.62 -1.94
N PHE A 144 -12.08 7.99 -3.10
CA PHE A 144 -12.72 9.30 -3.26
C PHE A 144 -14.23 9.18 -3.36
N ARG A 145 -14.73 7.95 -3.34
CA ARG A 145 -16.17 7.72 -3.45
C ARG A 145 -16.80 7.53 -2.08
N SER A 146 -15.99 7.22 -1.08
CA SER A 146 -16.48 7.03 0.28
C SER A 146 -16.09 8.22 1.15
N GLU A 147 -16.92 8.55 2.12
CA GLU A 147 -16.67 9.67 3.02
C GLU A 147 -15.52 9.34 3.97
N LYS A 148 -15.57 8.13 4.53
CA LYS A 148 -14.56 7.69 5.48
C LYS A 148 -13.18 7.63 4.83
N SER A 149 -13.13 7.30 3.56
CA SER A 149 -11.87 7.21 2.84
C SER A 149 -11.36 8.61 2.47
N ARG A 150 -12.28 9.48 2.08
CA ARG A 150 -11.94 10.85 1.68
C ARG A 150 -11.30 11.61 2.84
N GLN A 151 -12.02 11.71 3.95
CA GLN A 151 -11.54 12.44 5.13
C GLN A 151 -10.24 11.83 5.63
N GLU A 152 -10.10 10.52 5.46
CA GLU A 152 -8.91 9.80 5.89
C GLU A 152 -7.68 10.34 5.16
N LEU A 153 -7.82 10.50 3.85
CA LEU A 153 -6.75 11.02 3.01
C LEU A 153 -6.39 12.44 3.42
N ASN A 154 -7.40 13.20 3.84
CA ASN A 154 -7.21 14.58 4.26
C ASN A 154 -6.54 14.66 5.62
N THR A 155 -6.52 13.54 6.34
CA THR A 155 -5.90 13.49 7.65
C THR A 155 -4.42 13.11 7.53
N ILE A 156 -4.06 12.52 6.41
CA ILE A 156 -2.68 12.11 6.17
C ILE A 156 -1.93 13.20 5.42
N ALA A 157 -2.60 13.84 4.48
CA ALA A 157 -1.99 14.90 3.68
C ALA A 157 -1.79 16.16 4.50
N SER A 158 -0.68 16.85 4.25
CA SER A 158 -0.38 18.08 4.96
C SER A 158 -1.35 19.18 4.57
N LYS A 159 -1.66 20.07 5.50
CA LYS A 159 -2.59 21.15 5.26
C LYS A 159 -1.94 22.20 4.35
N PRO A 160 -2.68 22.69 3.33
CA PRO A 160 -4.06 22.27 3.08
C PRO A 160 -4.13 20.91 2.38
N PRO A 161 -5.02 20.02 2.87
CA PRO A 161 -5.17 18.67 2.32
C PRO A 161 -5.60 18.66 0.85
N ARG A 162 -6.38 19.66 0.45
CA ARG A 162 -6.86 19.75 -0.92
C ARG A 162 -5.72 19.85 -1.91
N ASP A 163 -4.66 20.53 -1.51
CA ASP A 163 -3.50 20.74 -2.37
C ASP A 163 -2.44 19.68 -2.10
N HIS A 164 -2.86 18.57 -1.51
CA HIS A 164 -1.92 17.48 -1.19
C HIS A 164 -2.58 16.10 -1.38
N VAL A 165 -3.80 16.09 -1.90
CA VAL A 165 -4.51 14.83 -2.15
C VAL A 165 -4.83 14.72 -3.62
N PHE A 166 -4.23 13.74 -4.27
CA PHE A 166 -4.44 13.56 -5.70
C PHE A 166 -4.96 12.16 -6.00
N GLN A 167 -5.51 11.99 -7.19
CA GLN A 167 -6.05 10.72 -7.62
C GLN A 167 -5.00 9.90 -8.36
N VAL A 168 -4.98 8.60 -8.12
CA VAL A 168 -4.01 7.71 -8.77
C VAL A 168 -4.23 7.67 -10.28
N ASN A 169 -5.41 8.05 -10.71
CA ASN A 169 -5.73 8.05 -12.13
C ASN A 169 -5.49 9.44 -12.73
N ASN A 170 -5.03 10.36 -11.89
CA ASN A 170 -4.77 11.72 -12.35
C ASN A 170 -3.31 11.85 -12.76
N PHE A 171 -3.08 11.80 -14.07
CA PHE A 171 -1.73 11.90 -14.61
C PHE A 171 -1.15 13.31 -14.48
N GLU A 172 -2.01 14.32 -14.49
CA GLU A 172 -1.57 15.71 -14.37
C GLU A 172 -1.12 16.02 -12.95
N ALA A 173 -1.49 15.17 -12.01
CA ALA A 173 -1.13 15.36 -10.61
C ALA A 173 0.37 15.37 -10.42
N LEU A 174 1.07 14.60 -11.26
CA LEU A 174 2.52 14.51 -11.19
C LEU A 174 3.16 15.87 -11.48
N LYS A 175 2.71 16.53 -12.54
CA LYS A 175 3.24 17.84 -12.89
C LYS A 175 2.87 18.85 -11.82
N THR A 176 1.74 18.60 -11.15
CA THR A 176 1.27 19.47 -10.09
C THR A 176 2.18 19.36 -8.86
N ILE A 177 2.45 18.13 -8.43
CA ILE A 177 3.33 17.90 -7.28
C ILE A 177 4.73 18.44 -7.59
N GLN A 178 5.18 18.19 -8.80
CA GLN A 178 6.49 18.65 -9.25
C GLN A 178 6.57 20.17 -9.19
N ASN A 179 5.42 20.82 -9.38
CA ASN A 179 5.34 22.26 -9.36
C ASN A 179 5.46 22.78 -7.93
N GLN A 180 4.65 22.22 -7.03
CA GLN A 180 4.68 22.62 -5.62
C GLN A 180 6.01 22.28 -4.97
N LEU A 181 6.69 21.26 -5.52
CA LEU A 181 7.98 20.82 -5.01
C LEU A 181 9.07 21.88 -5.23
N ARG A 182 8.70 22.96 -5.89
CA ARG A 182 9.62 24.04 -6.16
C ARG A 182 9.50 25.10 -5.07
N GLU A 183 8.30 25.20 -4.50
CA GLU A 183 8.04 26.16 -3.43
C GLU A 183 8.09 25.44 -2.10
N LYS A 184 8.93 24.42 -2.03
CA LYS A 184 9.10 23.63 -0.82
C LYS A 184 9.20 24.50 0.42
N ASN B 1 -2.04 -34.37 2.85
CA ASN B 1 -2.16 -32.93 3.03
C ASN B 1 -2.85 -32.60 4.35
N TRP B 2 -2.30 -31.66 5.10
CA TRP B 2 -2.88 -31.27 6.37
C TRP B 2 -3.29 -29.80 6.35
N LYS B 3 -3.40 -29.24 5.15
CA LYS B 3 -3.80 -27.86 4.99
C LYS B 3 -5.32 -27.76 5.04
N LYS B 4 -5.83 -26.83 5.83
CA LYS B 4 -7.27 -26.67 5.98
C LYS B 4 -7.86 -25.84 4.84
N GLN B 5 -8.24 -24.60 5.12
CA GLN B 5 -8.84 -23.74 4.11
C GLN B 5 -8.56 -22.27 4.41
N PHE B 6 -9.10 -21.41 3.56
CA PHE B 6 -8.93 -19.97 3.69
C PHE B 6 -10.18 -19.35 4.31
N GLY B 7 -10.25 -18.02 4.30
CA GLY B 7 -11.41 -17.34 4.86
C GLY B 7 -12.62 -17.45 3.95
N ALA B 8 -13.66 -18.11 4.44
CA ALA B 8 -14.88 -18.28 3.65
C ALA B 8 -15.83 -17.11 3.82
N GLU B 9 -15.40 -16.11 4.60
CA GLU B 9 -16.20 -14.92 4.86
C GLU B 9 -16.18 -13.96 3.67
N CYS B 10 -15.60 -14.40 2.56
CA CYS B 10 -15.51 -13.57 1.37
C CYS B 10 -16.27 -14.20 0.21
N LYS B 11 -17.01 -13.37 -0.52
CA LYS B 11 -17.80 -13.83 -1.65
C LYS B 11 -16.93 -14.14 -2.86
N TYR B 12 -16.61 -15.40 -3.04
CA TYR B 12 -15.78 -15.85 -4.15
C TYR B 12 -16.61 -16.51 -5.24
N GLN B 13 -15.97 -16.75 -6.37
CA GLN B 13 -16.60 -17.41 -7.50
C GLN B 13 -15.67 -18.49 -8.03
N PHE B 14 -16.03 -19.75 -7.80
CA PHE B 14 -15.22 -20.88 -8.23
C PHE B 14 -15.49 -21.22 -9.68
N GLN B 15 -14.49 -21.01 -10.52
CA GLN B 15 -14.61 -21.28 -11.95
C GLN B 15 -13.46 -22.15 -12.44
N ALA B 16 -13.69 -22.82 -13.58
CA ALA B 16 -12.70 -23.68 -14.22
C ALA B 16 -12.21 -24.82 -13.31
N TRP B 17 -12.68 -26.03 -13.58
CA TRP B 17 -12.28 -27.19 -12.79
C TRP B 17 -10.93 -27.72 -13.29
N GLY B 18 -10.56 -27.29 -14.49
CA GLY B 18 -9.29 -27.67 -15.07
C GLY B 18 -9.18 -29.15 -15.42
N GLU B 19 -8.15 -29.47 -16.19
CA GLU B 19 -7.88 -30.84 -16.60
C GLU B 19 -7.35 -31.63 -15.39
N CYS B 20 -7.74 -32.88 -15.30
CA CYS B 20 -7.29 -33.71 -14.20
C CYS B 20 -5.84 -34.12 -14.39
N ASP B 21 -4.99 -33.74 -13.46
CA ASP B 21 -3.58 -34.09 -13.55
C ASP B 21 -3.42 -35.57 -13.33
N LEU B 22 -2.95 -36.27 -14.36
CA LEU B 22 -2.77 -37.70 -14.31
C LEU B 22 -1.49 -38.08 -13.57
N ASN B 23 -0.86 -37.09 -12.94
CA ASN B 23 0.37 -37.31 -12.19
C ASN B 23 0.04 -37.45 -10.70
N THR B 24 -0.60 -36.43 -10.14
CA THR B 24 -0.98 -36.45 -8.73
C THR B 24 -2.37 -37.04 -8.54
N ALA B 25 -3.10 -37.20 -9.66
CA ALA B 25 -4.46 -37.76 -9.66
C ALA B 25 -5.43 -36.81 -8.96
N LEU B 26 -5.15 -35.52 -9.06
CA LEU B 26 -6.00 -34.51 -8.45
C LEU B 26 -6.41 -33.47 -9.49
N LYS B 27 -7.33 -32.60 -9.11
CA LYS B 27 -7.80 -31.53 -10.00
C LYS B 27 -7.88 -30.23 -9.21
N THR B 28 -7.49 -29.13 -9.85
CA THR B 28 -7.49 -27.84 -9.18
C THR B 28 -8.48 -26.86 -9.80
N ARG B 29 -9.26 -26.21 -8.94
CA ARG B 29 -10.24 -25.22 -9.36
C ARG B 29 -9.80 -23.85 -8.87
N THR B 30 -10.15 -22.80 -9.59
CA THR B 30 -9.78 -21.44 -9.22
C THR B 30 -10.97 -20.60 -8.76
N GLY B 31 -10.78 -19.90 -7.65
CA GLY B 31 -11.83 -19.05 -7.13
C GLY B 31 -11.43 -17.59 -7.24
N SER B 32 -12.28 -16.77 -7.83
CA SER B 32 -11.97 -15.37 -8.01
C SER B 32 -12.87 -14.47 -7.15
N LEU B 33 -12.25 -13.48 -6.52
CA LEU B 33 -12.97 -12.52 -5.69
C LEU B 33 -13.72 -11.54 -6.58
N LYS B 34 -15.01 -11.39 -6.35
CA LYS B 34 -15.82 -10.48 -7.15
C LYS B 34 -16.25 -9.27 -6.33
N ARG B 35 -16.30 -9.43 -5.02
CA ARG B 35 -16.69 -8.34 -4.14
C ARG B 35 -16.32 -8.65 -2.69
N ALA B 36 -15.71 -7.68 -2.04
CA ALA B 36 -15.32 -7.82 -0.65
C ALA B 36 -16.04 -6.79 0.20
N LEU B 37 -15.67 -6.67 1.46
CA LEU B 37 -16.29 -5.72 2.36
C LEU B 37 -15.24 -4.77 2.93
N HIS B 38 -15.69 -3.65 3.48
CA HIS B 38 -14.79 -2.65 4.07
C HIS B 38 -14.11 -3.20 5.31
N ASN B 39 -14.60 -4.35 5.78
CA ASN B 39 -14.06 -4.99 6.96
C ASN B 39 -13.56 -6.39 6.61
N ALA B 40 -13.12 -6.56 5.37
CA ALA B 40 -12.64 -7.86 4.90
C ALA B 40 -11.67 -7.70 3.72
N GLU B 41 -10.38 -7.62 4.02
CA GLU B 41 -9.35 -7.49 2.99
C GLU B 41 -9.01 -8.89 2.45
N CYS B 42 -9.86 -9.41 1.57
CA CYS B 42 -9.66 -10.75 1.00
C CYS B 42 -8.75 -10.70 -0.24
N GLN B 43 -8.25 -11.87 -0.64
CA GLN B 43 -7.40 -11.96 -1.81
C GLN B 43 -8.25 -11.97 -3.08
N LYS B 44 -7.65 -11.57 -4.20
CA LYS B 44 -8.38 -11.49 -5.46
C LYS B 44 -8.58 -12.87 -6.11
N THR B 45 -7.75 -13.84 -5.77
CA THR B 45 -7.87 -15.16 -6.34
C THR B 45 -7.38 -16.23 -5.37
N VAL B 46 -8.03 -17.39 -5.42
CA VAL B 46 -7.68 -18.52 -4.56
C VAL B 46 -7.61 -19.79 -5.39
N THR B 47 -6.91 -20.80 -4.89
CA THR B 47 -6.77 -22.05 -5.59
C THR B 47 -7.07 -23.22 -4.65
N ILE B 48 -7.83 -24.20 -5.15
CA ILE B 48 -8.19 -25.35 -4.36
C ILE B 48 -8.10 -26.63 -5.19
N SER B 49 -7.38 -27.62 -4.68
CA SER B 49 -7.22 -28.88 -5.38
C SER B 49 -7.92 -30.02 -4.63
N LYS B 50 -8.58 -30.89 -5.38
CA LYS B 50 -9.30 -32.02 -4.80
C LYS B 50 -9.02 -33.29 -5.60
N PRO B 51 -9.19 -34.47 -4.98
CA PRO B 51 -8.96 -35.75 -5.64
C PRO B 51 -9.80 -35.90 -6.91
N CYS B 52 -9.21 -36.49 -7.95
CA CYS B 52 -9.90 -36.67 -9.23
C CYS B 52 -11.12 -37.59 -9.06
N GLY B 53 -11.12 -38.37 -7.98
CA GLY B 53 -12.23 -39.28 -7.72
C GLY B 53 -13.48 -38.54 -7.27
N LYS B 54 -13.34 -37.23 -7.07
CA LYS B 54 -14.44 -36.36 -6.65
C LYS B 54 -14.97 -36.76 -5.28
N LEU B 55 -14.12 -36.70 -4.27
CA LEU B 55 -14.52 -37.04 -2.91
C LEU B 55 -14.81 -35.75 -2.14
N THR B 56 -15.88 -35.76 -1.38
CA THR B 56 -16.26 -34.60 -0.60
C THR B 56 -16.61 -35.00 0.83
N LYS B 57 -15.84 -34.49 1.78
CA LYS B 57 -16.06 -34.81 3.18
C LYS B 57 -16.11 -33.53 4.02
MG MG C . -6.39 -1.91 2.74
N ASP A 1 18.90 17.50 -2.65
CA ASP A 1 18.20 18.52 -1.86
C ASP A 1 16.89 17.97 -1.30
N SER A 2 16.31 16.99 -1.98
CA SER A 2 15.06 16.42 -1.54
C SER A 2 15.17 14.90 -1.35
N ASP A 3 14.58 14.43 -0.25
CA ASP A 3 14.54 13.01 0.07
C ASP A 3 13.10 12.55 -0.06
N ILE A 4 12.79 11.76 -1.09
CA ILE A 4 11.43 11.30 -1.29
C ILE A 4 11.27 9.82 -0.97
N ALA A 5 10.22 9.50 -0.23
CA ALA A 5 9.92 8.12 0.14
C ALA A 5 8.51 7.76 -0.30
N PHE A 6 8.33 6.53 -0.76
CA PHE A 6 7.04 6.06 -1.23
C PHE A 6 6.45 5.03 -0.29
N LEU A 7 5.18 5.19 0.03
CA LEU A 7 4.47 4.26 0.88
C LEU A 7 3.23 3.78 0.14
N ILE A 8 3.24 2.52 -0.28
CA ILE A 8 2.13 1.96 -1.02
C ILE A 8 1.41 0.88 -0.20
N ASP A 9 0.08 0.91 -0.25
CA ASP A 9 -0.74 -0.05 0.46
C ASP A 9 -0.85 -1.33 -0.35
N GLY A 10 -0.57 -2.46 0.31
CA GLY A 10 -0.65 -3.73 -0.36
C GLY A 10 -1.54 -4.70 0.38
N SER A 11 -2.63 -4.19 0.95
CA SER A 11 -3.56 -5.05 1.69
C SER A 11 -4.48 -5.81 0.74
N GLY A 12 -5.41 -6.57 1.32
CA GLY A 12 -6.34 -7.36 0.54
C GLY A 12 -7.37 -6.52 -0.21
N SER A 13 -7.53 -5.25 0.22
CA SER A 13 -8.47 -4.35 -0.42
C SER A 13 -7.87 -3.75 -1.69
N ILE A 14 -6.62 -4.09 -1.96
CA ILE A 14 -5.92 -3.59 -3.13
C ILE A 14 -6.05 -4.56 -4.29
N ILE A 15 -6.79 -4.16 -5.30
CA ILE A 15 -6.96 -4.97 -6.49
C ILE A 15 -5.65 -4.97 -7.27
N PRO A 16 -5.16 -6.17 -7.68
CA PRO A 16 -3.90 -6.32 -8.43
C PRO A 16 -3.74 -5.30 -9.56
N HIS A 17 -4.85 -4.91 -10.16
CA HIS A 17 -4.85 -3.93 -11.25
C HIS A 17 -4.41 -2.56 -10.73
N ASP A 18 -4.88 -2.19 -9.55
CA ASP A 18 -4.56 -0.90 -8.97
C ASP A 18 -3.20 -0.95 -8.28
N PHE A 19 -2.83 -2.12 -7.77
CA PHE A 19 -1.52 -2.28 -7.15
C PHE A 19 -0.47 -2.03 -8.22
N ARG A 20 -0.81 -2.47 -9.42
CA ARG A 20 0.05 -2.30 -10.57
C ARG A 20 0.17 -0.81 -10.89
N ARG A 21 -0.96 -0.12 -10.85
CA ARG A 21 -1.01 1.32 -11.13
C ARG A 21 -0.11 2.06 -10.16
N MET A 22 -0.06 1.59 -8.91
CA MET A 22 0.79 2.18 -7.89
C MET A 22 2.25 2.10 -8.33
N LYS A 23 2.65 0.90 -8.72
CA LYS A 23 4.01 0.66 -9.18
C LYS A 23 4.32 1.51 -10.40
N GLU A 24 3.37 1.58 -11.33
CA GLU A 24 3.53 2.37 -12.53
C GLU A 24 3.73 3.83 -12.15
N PHE A 25 2.87 4.31 -11.26
CA PHE A 25 2.91 5.69 -10.78
C PHE A 25 4.28 5.98 -10.16
N VAL A 26 4.70 5.12 -9.23
CA VAL A 26 5.97 5.28 -8.54
C VAL A 26 7.14 5.36 -9.53
N SER A 27 7.18 4.44 -10.49
CA SER A 27 8.25 4.42 -11.49
C SER A 27 8.24 5.72 -12.30
N THR A 28 7.04 6.15 -12.71
CA THR A 28 6.90 7.37 -13.50
C THR A 28 7.41 8.57 -12.70
N VAL A 29 7.18 8.55 -11.39
CA VAL A 29 7.62 9.64 -10.52
C VAL A 29 9.15 9.63 -10.40
N MET A 30 9.73 8.44 -10.36
CA MET A 30 11.17 8.31 -10.25
C MET A 30 11.86 8.57 -11.59
N GLU A 31 11.10 8.48 -12.66
CA GLU A 31 11.62 8.74 -13.99
C GLU A 31 11.36 10.18 -14.41
N GLN A 32 10.39 10.82 -13.77
CA GLN A 32 10.04 12.21 -14.05
C GLN A 32 10.82 13.15 -13.14
N LEU A 33 10.92 12.80 -11.87
CA LEU A 33 11.62 13.62 -10.89
C LEU A 33 13.04 13.10 -10.68
N LYS A 34 13.65 12.66 -11.77
CA LYS A 34 15.00 12.13 -11.74
C LYS A 34 16.03 13.26 -11.70
N LYS A 35 16.34 13.73 -10.49
CA LYS A 35 17.32 14.79 -10.32
C LYS A 35 18.65 14.22 -9.83
N SER A 36 19.72 14.96 -10.08
CA SER A 36 21.06 14.54 -9.68
C SER A 36 21.20 14.53 -8.15
N LYS A 37 20.34 15.28 -7.47
CA LYS A 37 20.38 15.35 -6.02
C LYS A 37 19.04 14.91 -5.44
N THR A 38 18.57 13.74 -5.84
CA THR A 38 17.31 13.23 -5.36
C THR A 38 17.35 11.71 -5.28
N LEU A 39 17.17 11.19 -4.08
CA LEU A 39 17.17 9.76 -3.86
C LEU A 39 15.74 9.32 -3.58
N PHE A 40 15.48 8.03 -3.71
CA PHE A 40 14.14 7.51 -3.50
C PHE A 40 14.16 6.28 -2.60
N SER A 41 13.02 6.02 -1.98
CA SER A 41 12.85 4.88 -1.09
C SER A 41 11.42 4.39 -1.22
N LEU A 42 11.21 3.09 -1.06
CA LEU A 42 9.86 2.54 -1.16
C LEU A 42 9.66 1.42 -0.16
N MET A 43 8.55 1.50 0.57
CA MET A 43 8.19 0.50 1.54
C MET A 43 6.72 0.14 1.38
N GLN A 44 6.45 -1.14 1.14
CA GLN A 44 5.08 -1.59 1.01
C GLN A 44 4.62 -2.03 2.38
N TYR A 45 3.34 -1.89 2.67
CA TYR A 45 2.84 -2.25 3.98
C TYR A 45 1.49 -2.95 3.95
N SER A 46 1.20 -3.59 5.06
CA SER A 46 -0.04 -4.30 5.31
C SER A 46 -0.09 -4.49 6.82
N GLU A 47 0.01 -5.72 7.29
CA GLU A 47 0.10 -5.98 8.72
C GLU A 47 1.58 -5.92 9.05
N GLU A 48 2.37 -6.18 8.01
CA GLU A 48 3.82 -6.16 8.08
C GLU A 48 4.33 -4.95 7.31
N PHE A 49 5.64 -4.89 7.10
CA PHE A 49 6.26 -3.79 6.37
C PHE A 49 7.47 -4.30 5.63
N ARG A 50 7.50 -4.10 4.31
CA ARG A 50 8.62 -4.58 3.52
C ARG A 50 9.29 -3.46 2.74
N ILE A 51 10.53 -3.19 3.10
CA ILE A 51 11.32 -2.19 2.42
C ILE A 51 11.94 -2.86 1.19
N HIS A 52 11.71 -2.30 0.02
CA HIS A 52 12.22 -2.89 -1.20
C HIS A 52 13.58 -2.30 -1.58
N PHE A 53 13.77 -1.03 -1.27
CA PHE A 53 15.03 -0.36 -1.55
C PHE A 53 15.12 0.92 -0.75
N THR A 54 16.25 1.11 -0.10
CA THR A 54 16.50 2.29 0.70
C THR A 54 17.15 3.39 -0.13
N PHE A 55 17.37 4.55 0.49
CA PHE A 55 18.00 5.67 -0.19
C PHE A 55 19.41 5.30 -0.65
N LYS A 56 20.03 4.42 0.12
CA LYS A 56 21.39 3.97 -0.17
C LYS A 56 21.39 3.04 -1.39
N GLU A 57 20.46 2.10 -1.42
CA GLU A 57 20.37 1.16 -2.52
C GLU A 57 20.06 1.86 -3.82
N PHE A 58 19.17 2.85 -3.75
CA PHE A 58 18.80 3.63 -4.93
C PHE A 58 20.00 4.44 -5.42
N GLN A 59 20.91 4.74 -4.50
CA GLN A 59 22.12 5.48 -4.82
C GLN A 59 23.14 4.57 -5.48
N ASN A 60 22.94 3.27 -5.32
CA ASN A 60 23.83 2.27 -5.91
C ASN A 60 23.26 1.80 -7.24
N ASN A 61 21.95 1.67 -7.30
CA ASN A 61 21.26 1.26 -8.52
C ASN A 61 20.10 2.21 -8.79
N PRO A 62 20.34 3.28 -9.54
CA PRO A 62 19.32 4.29 -9.86
C PRO A 62 18.41 3.86 -11.01
N ASN A 63 17.94 2.63 -10.96
CA ASN A 63 17.05 2.10 -11.99
C ASN A 63 15.67 1.83 -11.40
N PRO A 64 14.76 2.80 -11.53
CA PRO A 64 13.39 2.69 -11.00
C PRO A 64 12.64 1.45 -11.51
N ARG A 65 12.74 1.21 -12.80
CA ARG A 65 12.07 0.09 -13.44
C ARG A 65 12.57 -1.26 -12.90
N SER A 66 13.84 -1.32 -12.50
CA SER A 66 14.41 -2.55 -12.00
C SER A 66 14.15 -2.77 -10.51
N LEU A 67 13.74 -1.72 -9.80
CA LEU A 67 13.47 -1.85 -8.38
C LEU A 67 11.99 -2.04 -8.11
N VAL A 68 11.17 -1.61 -9.05
CA VAL A 68 9.73 -1.71 -8.91
C VAL A 68 9.19 -2.98 -9.58
N LYS A 69 9.96 -3.56 -10.48
CA LYS A 69 9.54 -4.76 -11.19
C LYS A 69 9.37 -5.98 -10.27
N PRO A 70 10.36 -6.31 -9.40
CA PRO A 70 10.27 -7.47 -8.51
C PRO A 70 9.36 -7.25 -7.30
N ILE A 71 8.78 -6.07 -7.20
CA ILE A 71 7.89 -5.75 -6.08
C ILE A 71 6.58 -6.53 -6.18
N THR A 72 6.37 -7.45 -5.25
CA THR A 72 5.17 -8.27 -5.22
C THR A 72 4.18 -7.74 -4.20
N GLN A 73 2.93 -8.18 -4.28
CA GLN A 73 1.90 -7.74 -3.34
C GLN A 73 1.90 -8.62 -2.10
N LEU A 74 1.89 -7.99 -0.94
CA LEU A 74 1.91 -8.71 0.33
C LEU A 74 0.56 -9.34 0.65
N LEU A 75 -0.51 -8.54 0.55
CA LEU A 75 -1.89 -8.97 0.83
C LEU A 75 -2.11 -9.12 2.33
N GLY A 76 -3.16 -8.50 2.82
CA GLY A 76 -3.47 -8.57 4.24
C GLY A 76 -4.25 -7.38 4.73
N ARG A 77 -3.86 -6.85 5.87
CA ARG A 77 -4.55 -5.72 6.48
C ARG A 77 -3.86 -4.40 6.16
N THR A 78 -4.26 -3.33 6.84
CA THR A 78 -3.68 -2.02 6.58
C THR A 78 -3.13 -1.38 7.86
N HIS A 79 -1.92 -0.87 7.76
CA HIS A 79 -1.26 -0.20 8.88
C HIS A 79 -0.76 1.16 8.43
N THR A 80 -1.68 2.00 7.98
CA THR A 80 -1.33 3.34 7.51
C THR A 80 -0.74 4.20 8.61
N ALA A 81 -1.29 4.08 9.81
CA ALA A 81 -0.81 4.87 10.95
C ALA A 81 0.56 4.40 11.38
N THR A 82 0.65 3.11 11.71
CA THR A 82 1.91 2.53 12.14
C THR A 82 2.98 2.69 11.05
N GLY A 83 2.54 2.63 9.78
CA GLY A 83 3.44 2.77 8.66
C GLY A 83 4.08 4.15 8.59
N ILE A 84 3.28 5.20 8.73
CA ILE A 84 3.79 6.56 8.67
C ILE A 84 4.87 6.77 9.74
N ARG A 85 4.59 6.29 10.94
CA ARG A 85 5.53 6.40 12.06
C ARG A 85 6.83 5.69 11.75
N LYS A 86 6.74 4.57 11.03
CA LYS A 86 7.91 3.80 10.67
C LYS A 86 8.72 4.50 9.59
N VAL A 87 8.03 5.11 8.64
CA VAL A 87 8.67 5.81 7.54
C VAL A 87 9.52 6.98 8.04
N VAL A 88 9.00 7.72 9.01
CA VAL A 88 9.72 8.87 9.53
C VAL A 88 10.81 8.48 10.55
N ARG A 89 10.91 7.19 10.86
CA ARG A 89 11.90 6.74 11.82
C ARG A 89 12.94 5.81 11.18
N GLU A 90 12.50 4.95 10.26
CA GLU A 90 13.39 4.02 9.58
C GLU A 90 13.78 4.47 8.18
N LEU A 91 12.78 4.78 7.36
CA LEU A 91 13.03 5.19 5.98
C LEU A 91 13.89 6.45 5.93
N PHE A 92 13.53 7.45 6.72
CA PHE A 92 14.29 8.71 6.74
C PHE A 92 15.43 8.67 7.74
N ASN A 93 16.10 7.52 7.84
CA ASN A 93 17.23 7.39 8.77
C ASN A 93 18.54 7.50 8.00
N ILE A 94 19.50 8.23 8.58
CA ILE A 94 20.80 8.44 7.96
C ILE A 94 21.49 7.12 7.61
N THR A 95 21.27 6.11 8.44
CA THR A 95 21.88 4.80 8.24
C THR A 95 21.37 4.14 6.96
N ASN A 96 20.10 4.36 6.65
CA ASN A 96 19.50 3.79 5.45
C ASN A 96 19.83 4.60 4.21
N GLY A 97 20.30 5.83 4.40
CA GLY A 97 20.66 6.65 3.26
C GLY A 97 20.07 8.04 3.28
N ALA A 98 19.32 8.38 4.33
CA ALA A 98 18.73 9.71 4.40
C ALA A 98 19.80 10.75 4.63
N ARG A 99 19.72 11.86 3.91
CA ARG A 99 20.71 12.91 4.03
C ARG A 99 20.23 14.02 4.97
N LYS A 100 21.18 14.75 5.53
CA LYS A 100 20.89 15.83 6.45
C LYS A 100 20.68 17.14 5.67
N ASN A 101 19.84 18.01 6.23
CA ASN A 101 19.51 19.32 5.65
C ASN A 101 18.57 19.18 4.45
N ALA A 102 18.54 18.00 3.84
CA ALA A 102 17.67 17.76 2.70
C ALA A 102 16.21 17.71 3.15
N PHE A 103 15.31 18.09 2.26
CA PHE A 103 13.87 18.12 2.56
C PHE A 103 13.28 16.72 2.62
N LYS A 104 12.29 16.55 3.49
CA LYS A 104 11.61 15.27 3.66
C LYS A 104 10.22 15.31 3.02
N ILE A 105 10.04 14.49 1.99
CA ILE A 105 8.76 14.41 1.30
C ILE A 105 8.24 12.98 1.32
N LEU A 106 7.01 12.82 1.79
CA LEU A 106 6.41 11.49 1.88
C LEU A 106 5.14 11.39 1.03
N VAL A 107 5.16 10.46 0.08
CA VAL A 107 4.02 10.22 -0.78
C VAL A 107 3.28 8.98 -0.27
N VAL A 108 2.08 9.20 0.23
CA VAL A 108 1.28 8.12 0.79
C VAL A 108 0.19 7.66 -0.18
N ILE A 109 0.38 6.47 -0.73
CA ILE A 109 -0.57 5.89 -1.65
C ILE A 109 -1.31 4.77 -0.92
N THR A 110 -2.30 5.16 -0.14
CA THR A 110 -3.06 4.22 0.65
C THR A 110 -4.41 3.90 0.02
N ASP A 111 -5.10 2.93 0.60
CA ASP A 111 -6.41 2.49 0.13
C ASP A 111 -7.50 3.43 0.59
N GLY A 112 -7.29 4.04 1.76
CA GLY A 112 -8.26 4.95 2.30
C GLY A 112 -9.11 4.31 3.39
N GLU A 113 -8.74 3.09 3.77
CA GLU A 113 -9.48 2.35 4.79
C GLU A 113 -8.52 1.62 5.73
N LYS A 114 -8.10 2.32 6.77
CA LYS A 114 -7.18 1.75 7.75
C LYS A 114 -7.85 0.69 8.62
N PHE A 115 -7.61 -0.58 8.33
CA PHE A 115 -8.18 -1.68 9.08
C PHE A 115 -7.09 -2.56 9.69
N GLY A 116 -7.22 -2.86 10.98
CA GLY A 116 -6.25 -3.71 11.65
C GLY A 116 -5.13 -2.94 12.29
N ASP A 117 -5.11 -1.62 12.10
CA ASP A 117 -4.07 -0.78 12.66
C ASP A 117 -4.44 -0.37 14.08
N PRO A 118 -3.62 -0.76 15.07
CA PRO A 118 -3.87 -0.45 16.49
C PRO A 118 -3.60 1.00 16.83
N LEU A 119 -2.87 1.70 15.97
CA LEU A 119 -2.56 3.09 16.20
C LEU A 119 -3.43 3.98 15.31
N GLY A 120 -3.74 5.16 15.79
CA GLY A 120 -4.56 6.07 15.02
C GLY A 120 -3.71 7.09 14.31
N TYR A 121 -4.34 7.97 13.55
CA TYR A 121 -3.62 9.01 12.84
C TYR A 121 -3.20 10.07 13.84
N GLU A 122 -4.01 10.21 14.87
CA GLU A 122 -3.76 11.18 15.94
C GLU A 122 -2.49 10.82 16.72
N ASP A 123 -2.03 9.59 16.57
CA ASP A 123 -0.82 9.12 17.26
C ASP A 123 0.42 9.28 16.40
N VAL A 124 0.25 9.45 15.09
CA VAL A 124 1.40 9.57 14.21
C VAL A 124 1.48 10.90 13.47
N ILE A 125 0.34 11.56 13.27
CA ILE A 125 0.32 12.85 12.59
C ILE A 125 1.10 13.91 13.39
N PRO A 126 0.84 14.06 14.72
CA PRO A 126 1.58 15.05 15.54
C PRO A 126 3.09 14.79 15.53
N GLU A 127 3.47 13.56 15.20
CA GLU A 127 4.87 13.18 15.14
C GLU A 127 5.48 13.63 13.81
N ALA A 128 4.82 13.27 12.72
CA ALA A 128 5.28 13.62 11.38
C ALA A 128 5.27 15.13 11.15
N ASP A 129 4.39 15.83 11.85
CA ASP A 129 4.31 17.29 11.71
C ASP A 129 5.45 17.98 12.44
N ARG A 130 5.91 17.37 13.52
CA ARG A 130 7.00 17.94 14.31
C ARG A 130 8.34 17.76 13.60
N GLU A 131 8.56 16.57 13.05
CA GLU A 131 9.81 16.28 12.34
C GLU A 131 9.86 17.03 11.01
N GLY A 132 8.77 17.72 10.67
CA GLY A 132 8.70 18.48 9.44
C GLY A 132 8.60 17.61 8.21
N VAL A 133 7.67 16.67 8.25
CA VAL A 133 7.48 15.76 7.13
C VAL A 133 6.23 16.11 6.32
N ILE A 134 6.44 16.64 5.13
CA ILE A 134 5.35 17.03 4.24
C ILE A 134 4.64 15.78 3.72
N ARG A 135 3.32 15.74 3.84
CA ARG A 135 2.55 14.59 3.42
C ARG A 135 1.73 14.86 2.15
N TYR A 136 1.82 13.92 1.22
CA TYR A 136 1.07 13.97 -0.03
C TYR A 136 0.31 12.68 -0.17
N VAL A 137 -1.02 12.76 -0.30
CA VAL A 137 -1.83 11.57 -0.39
C VAL A 137 -2.36 11.34 -1.81
N ILE A 138 -2.20 10.11 -2.26
CA ILE A 138 -2.68 9.71 -3.58
C ILE A 138 -3.75 8.63 -3.39
N GLY A 139 -4.99 8.98 -3.67
CA GLY A 139 -6.09 8.05 -3.48
C GLY A 139 -6.29 7.10 -4.65
N VAL A 140 -6.58 5.85 -4.33
CA VAL A 140 -6.82 4.81 -5.33
C VAL A 140 -8.21 4.20 -5.14
N GLY A 141 -8.59 3.32 -6.07
CA GLY A 141 -9.88 2.66 -5.99
C GLY A 141 -11.06 3.59 -5.75
N ASP A 142 -11.80 3.34 -4.67
CA ASP A 142 -12.97 4.13 -4.33
C ASP A 142 -12.70 5.07 -3.16
N ALA A 143 -11.43 5.42 -2.96
CA ALA A 143 -11.03 6.30 -1.86
C ALA A 143 -11.72 7.67 -1.93
N PHE A 144 -12.19 8.04 -3.11
CA PHE A 144 -12.87 9.32 -3.29
C PHE A 144 -14.38 9.14 -3.42
N ARG A 145 -14.83 7.90 -3.43
CA ARG A 145 -16.25 7.62 -3.60
C ARG A 145 -16.93 7.36 -2.26
N SER A 146 -16.14 7.23 -1.21
CA SER A 146 -16.68 7.01 0.13
C SER A 146 -16.32 8.18 1.02
N GLU A 147 -17.21 8.53 1.94
CA GLU A 147 -16.99 9.65 2.84
C GLU A 147 -15.88 9.33 3.83
N LYS A 148 -15.89 8.12 4.37
CA LYS A 148 -14.89 7.69 5.33
C LYS A 148 -13.49 7.69 4.73
N SER A 149 -13.39 7.27 3.47
CA SER A 149 -12.11 7.23 2.80
C SER A 149 -11.64 8.64 2.41
N ARG A 150 -12.59 9.50 2.05
CA ARG A 150 -12.29 10.88 1.67
C ARG A 150 -11.67 11.65 2.83
N GLN A 151 -12.38 11.69 3.96
CA GLN A 151 -11.90 12.41 5.12
C GLN A 151 -10.59 11.82 5.63
N GLU A 152 -10.44 10.50 5.47
CA GLU A 152 -9.24 9.80 5.90
C GLU A 152 -8.02 10.39 5.19
N LEU A 153 -8.15 10.63 3.90
CA LEU A 153 -7.07 11.18 3.10
C LEU A 153 -6.77 12.62 3.53
N ASN A 154 -7.82 13.34 3.91
CA ASN A 154 -7.69 14.73 4.34
C ASN A 154 -7.04 14.82 5.72
N THR A 155 -6.97 13.70 6.42
CA THR A 155 -6.37 13.66 7.75
C THR A 155 -4.88 13.34 7.66
N ILE A 156 -4.49 12.73 6.54
CA ILE A 156 -3.08 12.37 6.34
C ILE A 156 -2.34 13.48 5.59
N ALA A 157 -3.03 14.10 4.64
CA ALA A 157 -2.43 15.17 3.85
C ALA A 157 -2.30 16.44 4.67
N SER A 158 -1.17 17.14 4.49
CA SER A 158 -0.92 18.37 5.20
C SER A 158 -1.92 19.45 4.78
N LYS A 159 -2.28 20.32 5.70
CA LYS A 159 -3.23 21.38 5.41
C LYS A 159 -2.59 22.44 4.51
N PRO A 160 -3.31 22.93 3.49
CA PRO A 160 -4.68 22.50 3.21
C PRO A 160 -4.73 21.15 2.51
N PRO A 161 -5.59 20.24 2.99
CA PRO A 161 -5.72 18.89 2.44
C PRO A 161 -6.10 18.87 0.96
N ARG A 162 -6.90 19.84 0.54
CA ARG A 162 -7.35 19.94 -0.85
C ARG A 162 -6.17 20.06 -1.82
N ASP A 163 -5.14 20.77 -1.40
CA ASP A 163 -3.98 20.99 -2.23
C ASP A 163 -2.89 19.96 -1.93
N HIS A 164 -3.29 18.85 -1.31
CA HIS A 164 -2.34 17.79 -0.96
C HIS A 164 -2.94 16.40 -1.15
N VAL A 165 -4.12 16.34 -1.75
CA VAL A 165 -4.79 15.08 -2.02
C VAL A 165 -5.07 14.95 -3.51
N PHE A 166 -4.42 13.99 -4.15
CA PHE A 166 -4.59 13.81 -5.58
C PHE A 166 -5.06 12.40 -5.90
N GLN A 167 -5.55 12.21 -7.11
CA GLN A 167 -6.05 10.92 -7.56
C GLN A 167 -4.95 10.13 -8.26
N VAL A 168 -4.92 8.83 -8.04
CA VAL A 168 -3.91 7.96 -8.67
C VAL A 168 -4.09 7.90 -10.18
N ASN A 169 -5.26 8.28 -10.65
CA ASN A 169 -5.55 8.28 -12.08
C ASN A 169 -5.35 9.68 -12.66
N ASN A 170 -4.93 10.61 -11.81
CA ASN A 170 -4.69 11.98 -12.25
C ASN A 170 -3.23 12.15 -12.64
N PHE A 171 -2.97 12.10 -13.93
CA PHE A 171 -1.61 12.23 -14.45
C PHE A 171 -1.07 13.64 -14.27
N GLU A 172 -1.96 14.63 -14.35
CA GLU A 172 -1.55 16.03 -14.20
C GLU A 172 -1.12 16.35 -12.77
N ALA A 173 -1.49 15.47 -11.83
CA ALA A 173 -1.16 15.67 -10.44
C ALA A 173 0.35 15.71 -10.21
N LEU A 174 1.09 14.95 -11.02
CA LEU A 174 2.55 14.91 -10.89
C LEU A 174 3.15 16.27 -11.18
N LYS A 175 2.66 16.93 -12.22
CA LYS A 175 3.16 18.25 -12.58
C LYS A 175 2.74 19.26 -11.52
N THR A 176 1.59 19.00 -10.89
CA THR A 176 1.06 19.85 -9.84
C THR A 176 1.93 19.77 -8.58
N ILE A 177 2.23 18.55 -8.14
CA ILE A 177 3.07 18.34 -6.96
C ILE A 177 4.46 18.91 -7.19
N GLN A 178 5.01 18.63 -8.37
CA GLN A 178 6.33 19.12 -8.74
C GLN A 178 6.35 20.65 -8.75
N ASN A 179 5.18 21.24 -8.95
CA ASN A 179 5.04 22.69 -8.96
C ASN A 179 5.09 23.23 -7.53
N GLN A 180 4.29 22.66 -6.65
CA GLN A 180 4.25 23.09 -5.25
C GLN A 180 5.59 22.79 -4.57
N LEU A 181 6.31 21.80 -5.10
CA LEU A 181 7.61 21.40 -4.56
C LEU A 181 8.65 22.50 -4.73
N ARG A 182 8.28 23.55 -5.46
CA ARG A 182 9.17 24.66 -5.68
C ARG A 182 8.99 25.70 -4.59
N GLU A 183 7.76 25.80 -4.08
CA GLU A 183 7.44 26.74 -3.02
C GLU A 183 7.47 26.01 -1.68
N LYS A 184 8.33 24.99 -1.60
CA LYS A 184 8.51 24.18 -0.40
C LYS A 184 8.58 25.06 0.85
N ASN B 1 2.00 -31.78 12.00
CA ASN B 1 1.66 -30.38 11.78
C ASN B 1 0.84 -29.84 12.93
N TRP B 2 1.19 -28.66 13.42
CA TRP B 2 0.47 -28.05 14.52
C TRP B 2 -0.14 -26.72 14.08
N LYS B 3 -0.25 -26.53 12.78
CA LYS B 3 -0.84 -25.31 12.24
C LYS B 3 -2.35 -25.46 12.19
N LYS B 4 -3.04 -24.45 12.69
CA LYS B 4 -4.50 -24.47 12.74
C LYS B 4 -5.12 -24.08 11.39
N GLN B 5 -5.69 -22.89 11.31
CA GLN B 5 -6.32 -22.43 10.09
C GLN B 5 -6.28 -20.92 9.99
N PHE B 6 -6.86 -20.40 8.92
CA PHE B 6 -6.91 -18.97 8.66
C PHE B 6 -8.28 -18.41 9.06
N GLY B 7 -8.55 -17.16 8.67
CA GLY B 7 -9.83 -16.56 8.99
C GLY B 7 -10.93 -17.07 8.07
N ALA B 8 -11.92 -17.74 8.66
CA ALA B 8 -13.02 -18.30 7.90
C ALA B 8 -14.13 -17.27 7.69
N GLU B 9 -13.91 -16.07 8.21
CA GLU B 9 -14.89 -14.99 8.10
C GLU B 9 -14.91 -14.38 6.70
N CYS B 10 -14.14 -14.95 5.79
CA CYS B 10 -14.08 -14.46 4.42
C CYS B 10 -14.66 -15.48 3.44
N LYS B 11 -15.48 -15.00 2.52
CA LYS B 11 -16.11 -15.86 1.52
C LYS B 11 -15.12 -16.34 0.47
N TYR B 12 -14.58 -17.53 0.68
CA TYR B 12 -13.62 -18.11 -0.25
C TYR B 12 -14.26 -19.17 -1.13
N GLN B 13 -13.51 -19.61 -2.12
CA GLN B 13 -13.96 -20.66 -3.03
C GLN B 13 -12.83 -21.67 -3.20
N PHE B 14 -13.04 -22.87 -2.71
CA PHE B 14 -12.05 -23.92 -2.79
C PHE B 14 -12.15 -24.67 -4.10
N GLN B 15 -11.14 -24.53 -4.95
CA GLN B 15 -11.12 -25.17 -6.25
C GLN B 15 -9.83 -25.97 -6.44
N ALA B 16 -9.87 -26.93 -7.36
CA ALA B 16 -8.71 -27.77 -7.70
C ALA B 16 -8.15 -28.53 -6.49
N TRP B 17 -8.42 -29.83 -6.45
CA TRP B 17 -7.92 -30.67 -5.36
C TRP B 17 -6.49 -31.09 -5.62
N GLY B 18 -6.07 -30.96 -6.88
CA GLY B 18 -4.71 -31.27 -7.29
C GLY B 18 -4.36 -32.75 -7.22
N GLU B 19 -3.25 -33.09 -7.86
CA GLU B 19 -2.75 -34.46 -7.87
C GLU B 19 -2.21 -34.80 -6.49
N CYS B 20 -2.42 -36.04 -6.07
CA CYS B 20 -1.95 -36.48 -4.77
C CYS B 20 -0.44 -36.69 -4.81
N ASP B 21 0.28 -35.95 -3.99
CA ASP B 21 1.72 -36.08 -3.94
C ASP B 21 2.09 -37.41 -3.31
N LEU B 22 2.73 -38.26 -4.08
CA LEU B 22 3.11 -39.58 -3.63
C LEU B 22 4.37 -39.54 -2.78
N ASN B 23 4.78 -38.34 -2.40
CA ASN B 23 5.96 -38.15 -1.57
C ASN B 23 5.54 -37.95 -0.12
N THR B 24 4.73 -36.93 0.13
CA THR B 24 4.24 -36.64 1.47
C THR B 24 2.94 -37.38 1.76
N ALA B 25 2.33 -37.92 0.70
CA ALA B 25 1.08 -38.67 0.79
C ALA B 25 -0.09 -37.74 1.17
N LEU B 26 0.01 -36.49 0.74
CA LEU B 26 -1.02 -35.49 1.02
C LEU B 26 -1.48 -34.85 -0.28
N LYS B 27 -2.54 -34.07 -0.19
CA LYS B 27 -3.08 -33.36 -1.34
C LYS B 27 -3.40 -31.93 -0.95
N THR B 28 -3.15 -30.99 -1.85
CA THR B 28 -3.37 -29.59 -1.55
C THR B 28 -4.44 -28.96 -2.45
N ARG B 29 -5.37 -28.26 -1.82
CA ARG B 29 -6.44 -27.58 -2.53
C ARG B 29 -6.24 -26.07 -2.43
N THR B 30 -6.67 -25.33 -3.44
CA THR B 30 -6.49 -23.89 -3.44
C THR B 30 -7.81 -23.13 -3.28
N GLY B 31 -7.81 -22.15 -2.39
CA GLY B 31 -8.99 -21.35 -2.17
C GLY B 31 -8.78 -19.95 -2.71
N SER B 32 -9.77 -19.42 -3.40
CA SER B 32 -9.66 -18.09 -3.98
C SER B 32 -10.72 -17.15 -3.42
N LEU B 33 -10.29 -15.93 -3.09
CA LEU B 33 -11.17 -14.90 -2.55
C LEU B 33 -12.04 -14.36 -3.67
N LYS B 34 -13.35 -14.38 -3.47
CA LYS B 34 -14.27 -13.89 -4.48
C LYS B 34 -14.94 -12.59 -4.03
N ARG B 35 -15.08 -12.41 -2.73
CA ARG B 35 -15.69 -11.21 -2.19
C ARG B 35 -15.35 -11.04 -0.72
N ALA B 36 -15.08 -9.80 -0.34
CA ALA B 36 -14.76 -9.46 1.03
C ALA B 36 -15.60 -8.27 1.47
N LEU B 37 -15.22 -7.65 2.58
CA LEU B 37 -15.94 -6.50 3.10
C LEU B 37 -14.97 -5.36 3.38
N HIS B 38 -15.50 -4.16 3.56
CA HIS B 38 -14.67 -2.98 3.85
C HIS B 38 -13.88 -3.19 5.15
N ASN B 39 -14.49 -3.91 6.07
CA ASN B 39 -13.87 -4.18 7.36
C ASN B 39 -13.28 -5.58 7.39
N ALA B 40 -12.96 -6.12 6.22
CA ALA B 40 -12.41 -7.46 6.13
C ALA B 40 -11.42 -7.58 4.97
N GLU B 41 -10.18 -7.20 5.23
CA GLU B 41 -9.13 -7.29 4.21
C GLU B 41 -8.48 -8.68 4.25
N CYS B 42 -9.06 -9.61 3.54
CA CYS B 42 -8.55 -10.98 3.51
C CYS B 42 -7.60 -11.19 2.33
N GLN B 43 -6.86 -12.30 2.35
CA GLN B 43 -5.91 -12.61 1.27
C GLN B 43 -6.68 -13.03 0.01
N LYS B 44 -6.04 -12.85 -1.13
CA LYS B 44 -6.67 -13.18 -2.41
C LYS B 44 -6.74 -14.69 -2.65
N THR B 45 -5.85 -15.44 -2.04
CA THR B 45 -5.84 -16.88 -2.22
C THR B 45 -5.26 -17.57 -0.98
N VAL B 46 -5.75 -18.78 -0.72
CA VAL B 46 -5.29 -19.57 0.41
C VAL B 46 -4.99 -20.99 -0.05
N THR B 47 -4.15 -21.68 0.70
CA THR B 47 -3.77 -23.04 0.36
C THR B 47 -3.97 -23.96 1.57
N ILE B 48 -4.55 -25.13 1.32
CA ILE B 48 -4.79 -26.08 2.39
C ILE B 48 -4.46 -27.50 1.94
N SER B 49 -3.65 -28.19 2.72
CA SER B 49 -3.25 -29.55 2.39
C SER B 49 -3.84 -30.54 3.39
N LYS B 50 -4.30 -31.67 2.89
CA LYS B 50 -4.89 -32.71 3.73
C LYS B 50 -4.37 -34.08 3.32
N PRO B 51 -4.43 -35.07 4.22
CA PRO B 51 -3.97 -36.43 3.94
C PRO B 51 -4.68 -37.04 2.73
N CYS B 52 -3.94 -37.78 1.92
CA CYS B 52 -4.50 -38.41 0.72
C CYS B 52 -5.58 -39.42 1.09
N GLY B 53 -5.56 -39.88 2.34
CA GLY B 53 -6.55 -40.84 2.80
C GLY B 53 -7.92 -40.21 2.99
N LYS B 54 -7.98 -38.88 2.82
CA LYS B 54 -9.22 -38.13 2.95
C LYS B 54 -9.80 -38.23 4.36
N LEU B 55 -9.03 -37.78 5.34
CA LEU B 55 -9.48 -37.81 6.72
C LEU B 55 -10.01 -36.43 7.11
N THR B 56 -11.13 -36.42 7.81
CA THR B 56 -11.73 -35.17 8.23
C THR B 56 -12.13 -35.23 9.70
N LYS B 57 -11.52 -34.38 10.51
CA LYS B 57 -11.80 -34.35 11.93
C LYS B 57 -12.11 -32.93 12.39
MG MG C . -6.23 -1.78 3.01
#